data_1N72
# 
_entry.id   1N72 
# 
_audit_conform.dict_name       mmcif_pdbx.dic 
_audit_conform.dict_version    5.392 
_audit_conform.dict_location   http://mmcif.pdb.org/dictionaries/ascii/mmcif_pdbx.dic 
# 
loop_
_database_2.database_id 
_database_2.database_code 
_database_2.pdbx_database_accession 
_database_2.pdbx_DOI 
PDB   1N72         pdb_00001n72 10.2210/pdb1n72/pdb 
RCSB  RCSB017599   ?            ?                   
WWPDB D_1000017599 ?            ?                   
# 
loop_
_pdbx_audit_revision_history.ordinal 
_pdbx_audit_revision_history.data_content_type 
_pdbx_audit_revision_history.major_revision 
_pdbx_audit_revision_history.minor_revision 
_pdbx_audit_revision_history.revision_date 
1 'Structure model' 1 0 2002-12-11 
2 'Structure model' 1 1 2008-04-28 
3 'Structure model' 1 2 2011-07-13 
4 'Structure model' 1 3 2022-02-23 
5 'Structure model' 1 4 2024-05-22 
# 
_pdbx_audit_revision_details.ordinal             1 
_pdbx_audit_revision_details.revision_ordinal    1 
_pdbx_audit_revision_details.data_content_type   'Structure model' 
_pdbx_audit_revision_details.provider            repository 
_pdbx_audit_revision_details.type                'Initial release' 
_pdbx_audit_revision_details.description         ? 
_pdbx_audit_revision_details.details             ? 
# 
loop_
_pdbx_audit_revision_group.ordinal 
_pdbx_audit_revision_group.revision_ordinal 
_pdbx_audit_revision_group.data_content_type 
_pdbx_audit_revision_group.group 
1 2 'Structure model' 'Version format compliance' 
2 3 'Structure model' 'Version format compliance' 
3 4 'Structure model' 'Data collection'           
4 4 'Structure model' 'Database references'       
5 4 'Structure model' 'Derived calculations'      
6 5 'Structure model' 'Data collection'           
# 
loop_
_pdbx_audit_revision_category.ordinal 
_pdbx_audit_revision_category.revision_ordinal 
_pdbx_audit_revision_category.data_content_type 
_pdbx_audit_revision_category.category 
1 4 'Structure model' database_2            
2 4 'Structure model' pdbx_nmr_software     
3 4 'Structure model' pdbx_struct_assembly  
4 4 'Structure model' pdbx_struct_oper_list 
5 4 'Structure model' struct_ref_seq_dif    
6 5 'Structure model' chem_comp_atom        
7 5 'Structure model' chem_comp_bond        
# 
loop_
_pdbx_audit_revision_item.ordinal 
_pdbx_audit_revision_item.revision_ordinal 
_pdbx_audit_revision_item.data_content_type 
_pdbx_audit_revision_item.item 
1 4 'Structure model' '_database_2.pdbx_DOI'                
2 4 'Structure model' '_database_2.pdbx_database_accession' 
3 4 'Structure model' '_pdbx_nmr_software.name'             
4 4 'Structure model' '_struct_ref_seq_dif.details'         
# 
_pdbx_database_PDB_obs_spr.id               SPRSDE 
_pdbx_database_PDB_obs_spr.date             2002-12-11 
_pdbx_database_PDB_obs_spr.pdb_id           1N72 
_pdbx_database_PDB_obs_spr.replace_pdb_id   1B91 
_pdbx_database_PDB_obs_spr.details          ? 
# 
_pdbx_database_status.status_code                     REL 
_pdbx_database_status.entry_id                        1N72 
_pdbx_database_status.recvd_initial_deposition_date   2002-11-12 
_pdbx_database_status.deposit_site                    RCSB 
_pdbx_database_status.process_site                    RCSB 
_pdbx_database_status.SG_entry                        . 
_pdbx_database_status.pdb_format_compatible           Y 
_pdbx_database_status.status_code_mr                  ? 
_pdbx_database_status.status_code_sf                  ? 
_pdbx_database_status.status_code_cs                  ? 
_pdbx_database_status.status_code_nmr_data            ? 
_pdbx_database_status.methods_development_category    ? 
# 
loop_
_audit_author.name 
_audit_author.pdbx_ordinal 
'Dhalluin, C.'   1 
'Carlson, J.E.'  2 
'Zeng, L.'       3 
'He, C.'         4 
'Aggarwal, A.K.' 5 
'Zhou, M.-M.'    6 
# 
_citation.id                        primary 
_citation.title                     'Structure and Ligand of a Histone Acetyltransferase Bromodomain' 
_citation.journal_abbrev            Nature 
_citation.journal_volume            399 
_citation.page_first                491 
_citation.page_last                 496 
_citation.year                      1999 
_citation.journal_id_ASTM           NATUAS 
_citation.country                   UK 
_citation.journal_id_ISSN           0028-0836 
_citation.journal_id_CSD            0006 
_citation.book_publisher            ? 
_citation.pdbx_database_id_PubMed   10365964 
_citation.pdbx_database_id_DOI      10.1038/20974 
# 
loop_
_citation_author.citation_id 
_citation_author.name 
_citation_author.ordinal 
_citation_author.identifier_ORCID 
primary 'Dhalluin, C.'   1 ? 
primary 'Carlson, J.E.'  2 ? 
primary 'Zeng, L.'       3 ? 
primary 'He, C.'         4 ? 
primary 'Aggarwal, A.K.' 5 ? 
primary 'Zhou, M.-M.'    6 ? 
# 
_entity.id                         1 
_entity.type                       polymer 
_entity.src_method                 man 
_entity.pdbx_description           'HISTONE ACETYLTRANSFERASE' 
_entity.formula_weight             14052.226 
_entity.pdbx_number_of_molecules   1 
_entity.pdbx_ec                    2.3.1.48 
_entity.pdbx_mutation              ? 
_entity.pdbx_fragment              Bromodomain 
_entity.details                    ? 
# 
_entity_name_com.entity_id   1 
_entity_name_com.name        'P300/CBP-associated factor, P/CAF, Histone acetylase PCAF' 
# 
_entity_poly.entity_id                      1 
_entity_poly.type                           'polypeptide(L)' 
_entity_poly.nstd_linkage                   no 
_entity_poly.nstd_monomer                   no 
_entity_poly.pdbx_seq_one_letter_code       
;GSHMSKEPRDPDQLYSTLKSILQQVKSHQSAWPFMEPVKRTEAPGYYEVIRFPMDLKTMSERLKNRYYVSKKLFMADLQR
VFTNCKEYNPPESEYYKCANILEKFFFSKIKEAGLIDK
;
_entity_poly.pdbx_seq_one_letter_code_can   
;GSHMSKEPRDPDQLYSTLKSILQQVKSHQSAWPFMEPVKRTEAPGYYEVIRFPMDLKTMSERLKNRYYVSKKLFMADLQR
VFTNCKEYNPPESEYYKCANILEKFFFSKIKEAGLIDK
;
_entity_poly.pdbx_strand_id                 A 
_entity_poly.pdbx_target_identifier         ? 
# 
loop_
_entity_poly_seq.entity_id 
_entity_poly_seq.num 
_entity_poly_seq.mon_id 
_entity_poly_seq.hetero 
1 1   GLY n 
1 2   SER n 
1 3   HIS n 
1 4   MET n 
1 5   SER n 
1 6   LYS n 
1 7   GLU n 
1 8   PRO n 
1 9   ARG n 
1 10  ASP n 
1 11  PRO n 
1 12  ASP n 
1 13  GLN n 
1 14  LEU n 
1 15  TYR n 
1 16  SER n 
1 17  THR n 
1 18  LEU n 
1 19  LYS n 
1 20  SER n 
1 21  ILE n 
1 22  LEU n 
1 23  GLN n 
1 24  GLN n 
1 25  VAL n 
1 26  LYS n 
1 27  SER n 
1 28  HIS n 
1 29  GLN n 
1 30  SER n 
1 31  ALA n 
1 32  TRP n 
1 33  PRO n 
1 34  PHE n 
1 35  MET n 
1 36  GLU n 
1 37  PRO n 
1 38  VAL n 
1 39  LYS n 
1 40  ARG n 
1 41  THR n 
1 42  GLU n 
1 43  ALA n 
1 44  PRO n 
1 45  GLY n 
1 46  TYR n 
1 47  TYR n 
1 48  GLU n 
1 49  VAL n 
1 50  ILE n 
1 51  ARG n 
1 52  PHE n 
1 53  PRO n 
1 54  MET n 
1 55  ASP n 
1 56  LEU n 
1 57  LYS n 
1 58  THR n 
1 59  MET n 
1 60  SER n 
1 61  GLU n 
1 62  ARG n 
1 63  LEU n 
1 64  LYS n 
1 65  ASN n 
1 66  ARG n 
1 67  TYR n 
1 68  TYR n 
1 69  VAL n 
1 70  SER n 
1 71  LYS n 
1 72  LYS n 
1 73  LEU n 
1 74  PHE n 
1 75  MET n 
1 76  ALA n 
1 77  ASP n 
1 78  LEU n 
1 79  GLN n 
1 80  ARG n 
1 81  VAL n 
1 82  PHE n 
1 83  THR n 
1 84  ASN n 
1 85  CYS n 
1 86  LYS n 
1 87  GLU n 
1 88  TYR n 
1 89  ASN n 
1 90  PRO n 
1 91  PRO n 
1 92  GLU n 
1 93  SER n 
1 94  GLU n 
1 95  TYR n 
1 96  TYR n 
1 97  LYS n 
1 98  CYS n 
1 99  ALA n 
1 100 ASN n 
1 101 ILE n 
1 102 LEU n 
1 103 GLU n 
1 104 LYS n 
1 105 PHE n 
1 106 PHE n 
1 107 PHE n 
1 108 SER n 
1 109 LYS n 
1 110 ILE n 
1 111 LYS n 
1 112 GLU n 
1 113 ALA n 
1 114 GLY n 
1 115 LEU n 
1 116 ILE n 
1 117 ASP n 
1 118 LYS n 
# 
_entity_src_gen.entity_id                          1 
_entity_src_gen.pdbx_src_id                        1 
_entity_src_gen.pdbx_alt_source_flag               sample 
_entity_src_gen.pdbx_seq_type                      ? 
_entity_src_gen.pdbx_beg_seq_num                   ? 
_entity_src_gen.pdbx_end_seq_num                   ? 
_entity_src_gen.gene_src_common_name               human 
_entity_src_gen.gene_src_genus                     Homo 
_entity_src_gen.pdbx_gene_src_gene                 PCAF 
_entity_src_gen.gene_src_species                   ? 
_entity_src_gen.gene_src_strain                    ? 
_entity_src_gen.gene_src_tissue                    ? 
_entity_src_gen.gene_src_tissue_fraction           ? 
_entity_src_gen.gene_src_details                   ? 
_entity_src_gen.pdbx_gene_src_fragment             ? 
_entity_src_gen.pdbx_gene_src_scientific_name      'Homo sapiens' 
_entity_src_gen.pdbx_gene_src_ncbi_taxonomy_id     9606 
_entity_src_gen.pdbx_gene_src_variant              ? 
_entity_src_gen.pdbx_gene_src_cell_line            ? 
_entity_src_gen.pdbx_gene_src_atcc                 ? 
_entity_src_gen.pdbx_gene_src_organ                ? 
_entity_src_gen.pdbx_gene_src_organelle            ? 
_entity_src_gen.pdbx_gene_src_cell                 ? 
_entity_src_gen.pdbx_gene_src_cellular_location    ? 
_entity_src_gen.host_org_common_name               ? 
_entity_src_gen.pdbx_host_org_scientific_name      'Escherichia coli BL21(DE3)' 
_entity_src_gen.pdbx_host_org_ncbi_taxonomy_id     469008 
_entity_src_gen.host_org_genus                     Escherichia 
_entity_src_gen.pdbx_host_org_gene                 ? 
_entity_src_gen.pdbx_host_org_organ                ? 
_entity_src_gen.host_org_species                   'Escherichia coli' 
_entity_src_gen.pdbx_host_org_tissue               ? 
_entity_src_gen.pdbx_host_org_tissue_fraction      ? 
_entity_src_gen.pdbx_host_org_strain               'BL21(DE3)' 
_entity_src_gen.pdbx_host_org_variant              ? 
_entity_src_gen.pdbx_host_org_cell_line            ? 
_entity_src_gen.pdbx_host_org_atcc                 ? 
_entity_src_gen.pdbx_host_org_culture_collection   ? 
_entity_src_gen.pdbx_host_org_cell                 ? 
_entity_src_gen.pdbx_host_org_organelle            ? 
_entity_src_gen.pdbx_host_org_cellular_location    ? 
_entity_src_gen.pdbx_host_org_vector_type          plasmid 
_entity_src_gen.pdbx_host_org_vector               ? 
_entity_src_gen.host_org_details                   ? 
_entity_src_gen.expression_system_id               ? 
_entity_src_gen.plasmid_name                       pET14b 
_entity_src_gen.plasmid_details                    ? 
_entity_src_gen.pdbx_description                   ? 
# 
loop_
_chem_comp.id 
_chem_comp.type 
_chem_comp.mon_nstd_flag 
_chem_comp.name 
_chem_comp.pdbx_synonyms 
_chem_comp.formula 
_chem_comp.formula_weight 
ALA 'L-peptide linking' y ALANINE         ? 'C3 H7 N O2'     89.093  
ARG 'L-peptide linking' y ARGININE        ? 'C6 H15 N4 O2 1' 175.209 
ASN 'L-peptide linking' y ASPARAGINE      ? 'C4 H8 N2 O3'    132.118 
ASP 'L-peptide linking' y 'ASPARTIC ACID' ? 'C4 H7 N O4'     133.103 
CYS 'L-peptide linking' y CYSTEINE        ? 'C3 H7 N O2 S'   121.158 
GLN 'L-peptide linking' y GLUTAMINE       ? 'C5 H10 N2 O3'   146.144 
GLU 'L-peptide linking' y 'GLUTAMIC ACID' ? 'C5 H9 N O4'     147.129 
GLY 'peptide linking'   y GLYCINE         ? 'C2 H5 N O2'     75.067  
HIS 'L-peptide linking' y HISTIDINE       ? 'C6 H10 N3 O2 1' 156.162 
ILE 'L-peptide linking' y ISOLEUCINE      ? 'C6 H13 N O2'    131.173 
LEU 'L-peptide linking' y LEUCINE         ? 'C6 H13 N O2'    131.173 
LYS 'L-peptide linking' y LYSINE          ? 'C6 H15 N2 O2 1' 147.195 
MET 'L-peptide linking' y METHIONINE      ? 'C5 H11 N O2 S'  149.211 
PHE 'L-peptide linking' y PHENYLALANINE   ? 'C9 H11 N O2'    165.189 
PRO 'L-peptide linking' y PROLINE         ? 'C5 H9 N O2'     115.130 
SER 'L-peptide linking' y SERINE          ? 'C3 H7 N O3'     105.093 
THR 'L-peptide linking' y THREONINE       ? 'C4 H9 N O3'     119.119 
TRP 'L-peptide linking' y TRYPTOPHAN      ? 'C11 H12 N2 O2'  204.225 
TYR 'L-peptide linking' y TYROSINE        ? 'C9 H11 N O3'    181.189 
VAL 'L-peptide linking' y VALINE          ? 'C5 H11 N O2'    117.146 
# 
loop_
_pdbx_poly_seq_scheme.asym_id 
_pdbx_poly_seq_scheme.entity_id 
_pdbx_poly_seq_scheme.seq_id 
_pdbx_poly_seq_scheme.mon_id 
_pdbx_poly_seq_scheme.ndb_seq_num 
_pdbx_poly_seq_scheme.pdb_seq_num 
_pdbx_poly_seq_scheme.auth_seq_num 
_pdbx_poly_seq_scheme.pdb_mon_id 
_pdbx_poly_seq_scheme.auth_mon_id 
_pdbx_poly_seq_scheme.pdb_strand_id 
_pdbx_poly_seq_scheme.pdb_ins_code 
_pdbx_poly_seq_scheme.hetero 
A 1 1   GLY 1   715 ?   ?   ?   A . n 
A 1 2   SER 2   716 ?   ?   ?   A . n 
A 1 3   HIS 3   717 ?   ?   ?   A . n 
A 1 4   MET 4   718 718 MET MET A . n 
A 1 5   SER 5   719 719 SER SER A . n 
A 1 6   LYS 6   720 720 LYS LYS A . n 
A 1 7   GLU 7   721 721 GLU GLU A . n 
A 1 8   PRO 8   722 722 PRO PRO A . n 
A 1 9   ARG 9   723 723 ARG ARG A . n 
A 1 10  ASP 10  724 724 ASP ASP A . n 
A 1 11  PRO 11  725 725 PRO PRO A . n 
A 1 12  ASP 12  726 726 ASP ASP A . n 
A 1 13  GLN 13  727 727 GLN GLN A . n 
A 1 14  LEU 14  728 728 LEU LEU A . n 
A 1 15  TYR 15  729 729 TYR TYR A . n 
A 1 16  SER 16  730 730 SER SER A . n 
A 1 17  THR 17  731 731 THR THR A . n 
A 1 18  LEU 18  732 732 LEU LEU A . n 
A 1 19  LYS 19  733 733 LYS LYS A . n 
A 1 20  SER 20  734 734 SER SER A . n 
A 1 21  ILE 21  735 735 ILE ILE A . n 
A 1 22  LEU 22  736 736 LEU LEU A . n 
A 1 23  GLN 23  737 737 GLN GLN A . n 
A 1 24  GLN 24  738 738 GLN GLN A . n 
A 1 25  VAL 25  739 739 VAL VAL A . n 
A 1 26  LYS 26  740 740 LYS LYS A . n 
A 1 27  SER 27  741 741 SER SER A . n 
A 1 28  HIS 28  742 742 HIS HIS A . n 
A 1 29  GLN 29  743 743 GLN GLN A . n 
A 1 30  SER 30  744 744 SER SER A . n 
A 1 31  ALA 31  745 745 ALA ALA A . n 
A 1 32  TRP 32  746 746 TRP TRP A . n 
A 1 33  PRO 33  747 747 PRO PRO A . n 
A 1 34  PHE 34  748 748 PHE PHE A . n 
A 1 35  MET 35  749 749 MET MET A . n 
A 1 36  GLU 36  750 750 GLU GLU A . n 
A 1 37  PRO 37  751 751 PRO PRO A . n 
A 1 38  VAL 38  752 752 VAL VAL A . n 
A 1 39  LYS 39  753 753 LYS LYS A . n 
A 1 40  ARG 40  754 754 ARG ARG A . n 
A 1 41  THR 41  755 755 THR THR A . n 
A 1 42  GLU 42  756 756 GLU GLU A . n 
A 1 43  ALA 43  757 757 ALA ALA A . n 
A 1 44  PRO 44  758 758 PRO PRO A . n 
A 1 45  GLY 45  759 759 GLY GLY A . n 
A 1 46  TYR 46  760 760 TYR TYR A . n 
A 1 47  TYR 47  761 761 TYR TYR A . n 
A 1 48  GLU 48  762 762 GLU GLU A . n 
A 1 49  VAL 49  763 763 VAL VAL A . n 
A 1 50  ILE 50  764 764 ILE ILE A . n 
A 1 51  ARG 51  765 765 ARG ARG A . n 
A 1 52  PHE 52  766 766 PHE PHE A . n 
A 1 53  PRO 53  767 767 PRO PRO A . n 
A 1 54  MET 54  768 768 MET MET A . n 
A 1 55  ASP 55  769 769 ASP ASP A . n 
A 1 56  LEU 56  770 770 LEU LEU A . n 
A 1 57  LYS 57  771 771 LYS LYS A . n 
A 1 58  THR 58  772 772 THR THR A . n 
A 1 59  MET 59  773 773 MET MET A . n 
A 1 60  SER 60  774 774 SER SER A . n 
A 1 61  GLU 61  775 775 GLU GLU A . n 
A 1 62  ARG 62  776 776 ARG ARG A . n 
A 1 63  LEU 63  777 777 LEU LEU A . n 
A 1 64  LYS 64  778 778 LYS LYS A . n 
A 1 65  ASN 65  779 779 ASN ASN A . n 
A 1 66  ARG 66  780 780 ARG ARG A . n 
A 1 67  TYR 67  781 781 TYR TYR A . n 
A 1 68  TYR 68  782 782 TYR TYR A . n 
A 1 69  VAL 69  783 783 VAL VAL A . n 
A 1 70  SER 70  784 784 SER SER A . n 
A 1 71  LYS 71  785 785 LYS LYS A . n 
A 1 72  LYS 72  786 786 LYS LYS A . n 
A 1 73  LEU 73  787 787 LEU LEU A . n 
A 1 74  PHE 74  788 788 PHE PHE A . n 
A 1 75  MET 75  789 789 MET MET A . n 
A 1 76  ALA 76  790 790 ALA ALA A . n 
A 1 77  ASP 77  791 791 ASP ASP A . n 
A 1 78  LEU 78  792 792 LEU LEU A . n 
A 1 79  GLN 79  793 793 GLN GLN A . n 
A 1 80  ARG 80  794 794 ARG ARG A . n 
A 1 81  VAL 81  795 795 VAL VAL A . n 
A 1 82  PHE 82  796 796 PHE PHE A . n 
A 1 83  THR 83  797 797 THR THR A . n 
A 1 84  ASN 84  798 798 ASN ASN A . n 
A 1 85  CYS 85  799 799 CYS CYS A . n 
A 1 86  LYS 86  800 800 LYS LYS A . n 
A 1 87  GLU 87  801 801 GLU GLU A . n 
A 1 88  TYR 88  802 802 TYR TYR A . n 
A 1 89  ASN 89  803 803 ASN ASN A . n 
A 1 90  PRO 90  804 804 PRO PRO A . n 
A 1 91  PRO 91  805 805 PRO PRO A . n 
A 1 92  GLU 92  806 806 GLU GLU A . n 
A 1 93  SER 93  807 807 SER SER A . n 
A 1 94  GLU 94  808 808 GLU GLU A . n 
A 1 95  TYR 95  809 809 TYR TYR A . n 
A 1 96  TYR 96  810 810 TYR TYR A . n 
A 1 97  LYS 97  811 811 LYS LYS A . n 
A 1 98  CYS 98  812 812 CYS CYS A . n 
A 1 99  ALA 99  813 813 ALA ALA A . n 
A 1 100 ASN 100 814 814 ASN ASN A . n 
A 1 101 ILE 101 815 815 ILE ILE A . n 
A 1 102 LEU 102 816 816 LEU LEU A . n 
A 1 103 GLU 103 817 817 GLU GLU A . n 
A 1 104 LYS 104 818 818 LYS LYS A . n 
A 1 105 PHE 105 819 819 PHE PHE A . n 
A 1 106 PHE 106 820 820 PHE PHE A . n 
A 1 107 PHE 107 821 821 PHE PHE A . n 
A 1 108 SER 108 822 822 SER SER A . n 
A 1 109 LYS 109 823 823 LYS LYS A . n 
A 1 110 ILE 110 824 824 ILE ILE A . n 
A 1 111 LYS 111 825 825 LYS LYS A . n 
A 1 112 GLU 112 826 826 GLU GLU A . n 
A 1 113 ALA 113 827 827 ALA ALA A . n 
A 1 114 GLY 114 828 828 GLY GLY A . n 
A 1 115 LEU 115 829 829 LEU LEU A . n 
A 1 116 ILE 116 830 830 ILE ILE A . n 
A 1 117 ASP 117 831 831 ASP ASP A . n 
A 1 118 LYS 118 832 832 LYS LYS A . n 
# 
_exptl.entry_id          1N72 
_exptl.method            'SOLUTION NMR' 
_exptl.crystals_number   ? 
# 
_exptl_crystal.id                    1 
_exptl_crystal.density_meas          ? 
_exptl_crystal.density_Matthews      ? 
_exptl_crystal.density_percent_sol   ? 
_exptl_crystal.description           ? 
# 
_diffrn.id                     1 
_diffrn.ambient_temp           ? 
_diffrn.ambient_temp_details   ? 
_diffrn.crystal_id             1 
# 
_diffrn_radiation.diffrn_id                        1 
_diffrn_radiation.wavelength_id                    1 
_diffrn_radiation.pdbx_monochromatic_or_laue_m_l   M 
_diffrn_radiation.monochromator                    ? 
_diffrn_radiation.pdbx_diffrn_protocol             'SINGLE WAVELENGTH' 
_diffrn_radiation.pdbx_scattering_type             ? 
# 
_diffrn_radiation_wavelength.id           1 
_diffrn_radiation_wavelength.wavelength   . 
_diffrn_radiation_wavelength.wt           1.0 
# 
_struct.entry_id                  1N72 
_struct.title                     'Structure and Ligand of a Histone Acetyltransferase Bromodomain' 
_struct.pdbx_model_details        ? 
_struct.pdbx_CASP_flag            ? 
_struct.pdbx_model_type_details   ? 
# 
_struct_keywords.entry_id        1N72 
_struct_keywords.pdbx_keywords   TRANSFERASE 
_struct_keywords.text            'Histone acetyltransferase bromodomain, 4-helical bundle, TRANSFERASE' 
# 
_struct_asym.id                            A 
_struct_asym.pdbx_blank_PDB_chainid_flag   N 
_struct_asym.pdbx_modified                 N 
_struct_asym.entity_id                     1 
_struct_asym.details                       ? 
# 
_struct_ref.id                         1 
_struct_ref.db_name                    UNP 
_struct_ref.db_code                    PCAF_HUMAN 
_struct_ref.pdbx_db_accession          Q92831 
_struct_ref.entity_id                  1 
_struct_ref.pdbx_seq_one_letter_code   
;SKEPRDPDQLYSTLKSILQQVKSHQSAWPFMEPVKRTEAPGYYEVIRFPMDLKTMSERLKNRYYVSKKLFMADLQRVFTN
CKEYNAAESEYYKCANILEKFFFSKIKEAGLIDK
;
_struct_ref.pdbx_align_begin           719 
_struct_ref.pdbx_db_isoform            ? 
# 
_struct_ref_seq.align_id                      1 
_struct_ref_seq.ref_id                        1 
_struct_ref_seq.pdbx_PDB_id_code              1N72 
_struct_ref_seq.pdbx_strand_id                A 
_struct_ref_seq.seq_align_beg                 5 
_struct_ref_seq.pdbx_seq_align_beg_ins_code   ? 
_struct_ref_seq.seq_align_end                 118 
_struct_ref_seq.pdbx_seq_align_end_ins_code   ? 
_struct_ref_seq.pdbx_db_accession             Q92831 
_struct_ref_seq.db_align_beg                  719 
_struct_ref_seq.pdbx_db_align_beg_ins_code    ? 
_struct_ref_seq.db_align_end                  832 
_struct_ref_seq.pdbx_db_align_end_ins_code    ? 
_struct_ref_seq.pdbx_auth_seq_align_beg       719 
_struct_ref_seq.pdbx_auth_seq_align_end       832 
# 
loop_
_struct_ref_seq_dif.align_id 
_struct_ref_seq_dif.pdbx_pdb_id_code 
_struct_ref_seq_dif.mon_id 
_struct_ref_seq_dif.pdbx_pdb_strand_id 
_struct_ref_seq_dif.seq_num 
_struct_ref_seq_dif.pdbx_pdb_ins_code 
_struct_ref_seq_dif.pdbx_seq_db_name 
_struct_ref_seq_dif.pdbx_seq_db_accession_code 
_struct_ref_seq_dif.db_mon_id 
_struct_ref_seq_dif.pdbx_seq_db_seq_num 
_struct_ref_seq_dif.details 
_struct_ref_seq_dif.pdbx_auth_seq_num 
_struct_ref_seq_dif.pdbx_ordinal 
1 1N72 GLY A 1  ? UNP Q92831 ?   ?   'cloning artifact' 715 1 
1 1N72 SER A 2  ? UNP Q92831 ?   ?   'cloning artifact' 716 2 
1 1N72 HIS A 3  ? UNP Q92831 ?   ?   'cloning artifact' 717 3 
1 1N72 MET A 4  ? UNP Q92831 ?   ?   'cloning artifact' 718 4 
1 1N72 PRO A 90 ? UNP Q92831 ALA 804 'SEE REMARK 999'   804 5 
1 1N72 PRO A 91 ? UNP Q92831 ALA 805 'SEE REMARK 999'   805 6 
# 
_pdbx_struct_assembly.id                   1 
_pdbx_struct_assembly.details              author_defined_assembly 
_pdbx_struct_assembly.method_details       ? 
_pdbx_struct_assembly.oligomeric_details   monomeric 
_pdbx_struct_assembly.oligomeric_count     1 
# 
_pdbx_struct_assembly_gen.assembly_id       1 
_pdbx_struct_assembly_gen.oper_expression   1 
_pdbx_struct_assembly_gen.asym_id_list      A 
# 
_pdbx_struct_oper_list.id                   1 
_pdbx_struct_oper_list.type                 'identity operation' 
_pdbx_struct_oper_list.name                 1_555 
_pdbx_struct_oper_list.symmetry_operation   x,y,z 
_pdbx_struct_oper_list.matrix[1][1]         1.0000000000 
_pdbx_struct_oper_list.matrix[1][2]         0.0000000000 
_pdbx_struct_oper_list.matrix[1][3]         0.0000000000 
_pdbx_struct_oper_list.vector[1]            0.0000000000 
_pdbx_struct_oper_list.matrix[2][1]         0.0000000000 
_pdbx_struct_oper_list.matrix[2][2]         1.0000000000 
_pdbx_struct_oper_list.matrix[2][3]         0.0000000000 
_pdbx_struct_oper_list.vector[2]            0.0000000000 
_pdbx_struct_oper_list.matrix[3][1]         0.0000000000 
_pdbx_struct_oper_list.matrix[3][2]         0.0000000000 
_pdbx_struct_oper_list.matrix[3][3]         1.0000000000 
_pdbx_struct_oper_list.vector[3]            0.0000000000 
# 
_struct_biol.id   1 
# 
loop_
_struct_conf.conf_type_id 
_struct_conf.id 
_struct_conf.pdbx_PDB_helix_id 
_struct_conf.beg_label_comp_id 
_struct_conf.beg_label_asym_id 
_struct_conf.beg_label_seq_id 
_struct_conf.pdbx_beg_PDB_ins_code 
_struct_conf.end_label_comp_id 
_struct_conf.end_label_asym_id 
_struct_conf.end_label_seq_id 
_struct_conf.pdbx_end_PDB_ins_code 
_struct_conf.beg_auth_comp_id 
_struct_conf.beg_auth_asym_id 
_struct_conf.beg_auth_seq_id 
_struct_conf.end_auth_comp_id 
_struct_conf.end_auth_asym_id 
_struct_conf.end_auth_seq_id 
_struct_conf.pdbx_PDB_helix_class 
_struct_conf.details 
_struct_conf.pdbx_PDB_helix_length 
HELX_P HELX_P1 1 ASP A 10 ? HIS A 28  ? ASP A 724 HIS A 742 1 ? 19 
HELX_P HELX_P2 2 ALA A 31 ? MET A 35  ? ALA A 745 MET A 749 5 ? 5  
HELX_P HELX_P3 3 GLY A 45 ? ILE A 50  ? GLY A 759 ILE A 764 1 ? 6  
HELX_P HELX_P4 4 LYS A 57 ? LYS A 64  ? LYS A 771 LYS A 778 1 ? 8  
HELX_P HELX_P5 5 LYS A 71 ? TYR A 88  ? LYS A 785 TYR A 802 1 ? 18 
HELX_P HELX_P6 6 GLU A 94 ? GLY A 114 ? GLU A 808 GLY A 828 1 ? 21 
# 
_struct_conf_type.id          HELX_P 
_struct_conf_type.criteria    ? 
_struct_conf_type.reference   ? 
# 
loop_
_pdbx_validate_torsion.id 
_pdbx_validate_torsion.PDB_model_num 
_pdbx_validate_torsion.auth_comp_id 
_pdbx_validate_torsion.auth_asym_id 
_pdbx_validate_torsion.auth_seq_id 
_pdbx_validate_torsion.PDB_ins_code 
_pdbx_validate_torsion.label_alt_id 
_pdbx_validate_torsion.phi 
_pdbx_validate_torsion.psi 
1  1 GLU A 721 ? ? -162.51 70.50   
2  1 ARG A 723 ? ? -160.22 51.99   
3  1 VAL A 752 ? ? -53.22  173.67  
4  1 LYS A 753 ? ? -117.11 -169.96 
5  1 MET A 768 ? ? 58.41   70.70   
6  1 ASP A 769 ? ? -59.32  -162.26 
7  1 ASN A 779 ? ? -124.85 -88.78  
8  1 VAL A 783 ? ? -168.32 64.13   
9  1 SER A 784 ? ? -159.07 49.51   
10 1 LYS A 785 ? ? 56.43   -85.81  
11 1 PRO A 804 ? ? -60.07  -178.08 
12 1 PRO A 805 ? ? -67.36  62.49   
13 1 GLU A 806 ? ? -57.12  -85.47  
14 1 SER A 807 ? ? -179.20 -49.03  
15 1 ASP A 831 ? ? -50.94  172.34  
# 
_pdbx_database_remark.id     999 
_pdbx_database_remark.text   
;SEQUENCE
The authors believe PRO is at both 
positions 804 and 805 in the wild protein 
sequence.
;
# 
_pdbx_nmr_ensemble.entry_id                                      1N72 
_pdbx_nmr_ensemble.conformers_calculated_total_number            200 
_pdbx_nmr_ensemble.conformers_submitted_total_number             1 
_pdbx_nmr_ensemble.conformer_selection_criteria                  ? 
_pdbx_nmr_ensemble.average_constraints_per_residue               ? 
_pdbx_nmr_ensemble.average_constraint_violations_per_residue     ? 
_pdbx_nmr_ensemble.maximum_distance_constraint_violation         ? 
_pdbx_nmr_ensemble.average_distance_constraint_violation         ? 
_pdbx_nmr_ensemble.maximum_upper_distance_constraint_violation   ? 
_pdbx_nmr_ensemble.maximum_lower_distance_constraint_violation   ? 
_pdbx_nmr_ensemble.distance_constraint_violation_method          ? 
_pdbx_nmr_ensemble.maximum_torsion_angle_constraint_violation    ? 
_pdbx_nmr_ensemble.average_torsion_angle_constraint_violation    ? 
_pdbx_nmr_ensemble.torsion_angle_constraint_violation_method     ? 
# 
_pdbx_nmr_representative.entry_id             1N72 
_pdbx_nmr_representative.conformer_id         1 
_pdbx_nmr_representative.selection_criteria   ? 
# 
_pdbx_nmr_sample_details.solution_id      1 
_pdbx_nmr_sample_details.contents         '1mM Bromodomain, 100mM Sodium phosphate, 5mM DTT-d10, 0.5mM EDTA, pH 6.5' 
_pdbx_nmr_sample_details.solvent_system   '90% H2O/10% D2O' 
# 
_pdbx_nmr_exptl_sample_conditions.conditions_id       1 
_pdbx_nmr_exptl_sample_conditions.temperature         303 
_pdbx_nmr_exptl_sample_conditions.pressure            1 
_pdbx_nmr_exptl_sample_conditions.pH                  6.5 
_pdbx_nmr_exptl_sample_conditions.ionic_strength      200 
_pdbx_nmr_exptl_sample_conditions.pressure_units      atm 
_pdbx_nmr_exptl_sample_conditions.temperature_units   K 
# 
loop_
_pdbx_nmr_exptl.experiment_id 
_pdbx_nmr_exptl.solution_id 
_pdbx_nmr_exptl.conditions_id 
_pdbx_nmr_exptl.type 
1 1 1 3D_13C-separated_NOESY 
2 1 1 3D_15N-separated_NOESY 
3 1 1 HNHA                   
# 
_pdbx_nmr_refine.entry_id           1N72 
_pdbx_nmr_refine.method             
;distance geometry 
simulated annealing 
molecular dynamics 
matrix relaxation 
torsion angle dynamics
;
_pdbx_nmr_refine.details            ? 
_pdbx_nmr_refine.software_ordinal   1 
# 
loop_
_pdbx_nmr_software.name 
_pdbx_nmr_software.version 
_pdbx_nmr_software.classification 
_pdbx_nmr_software.authors 
_pdbx_nmr_software.ordinal 
NMRPipe ? processing           Delaglio 1 
X-PLOR  ? 'structure solution' Brunger  2 
XwinNMR ? collection           ?        3 
ARIA    ? refinement           ?        4 
# 
loop_
_pdbx_unobs_or_zero_occ_residues.id 
_pdbx_unobs_or_zero_occ_residues.PDB_model_num 
_pdbx_unobs_or_zero_occ_residues.polymer_flag 
_pdbx_unobs_or_zero_occ_residues.occupancy_flag 
_pdbx_unobs_or_zero_occ_residues.auth_asym_id 
_pdbx_unobs_or_zero_occ_residues.auth_comp_id 
_pdbx_unobs_or_zero_occ_residues.auth_seq_id 
_pdbx_unobs_or_zero_occ_residues.PDB_ins_code 
_pdbx_unobs_or_zero_occ_residues.label_asym_id 
_pdbx_unobs_or_zero_occ_residues.label_comp_id 
_pdbx_unobs_or_zero_occ_residues.label_seq_id 
1 1 Y 1 A GLY 715 ? A GLY 1 
2 1 Y 1 A SER 716 ? A SER 2 
3 1 Y 1 A HIS 717 ? A HIS 3 
# 
loop_
_chem_comp_atom.comp_id 
_chem_comp_atom.atom_id 
_chem_comp_atom.type_symbol 
_chem_comp_atom.pdbx_aromatic_flag 
_chem_comp_atom.pdbx_stereo_config 
_chem_comp_atom.pdbx_ordinal 
ALA N    N N N 1   
ALA CA   C N S 2   
ALA C    C N N 3   
ALA O    O N N 4   
ALA CB   C N N 5   
ALA OXT  O N N 6   
ALA H    H N N 7   
ALA H2   H N N 8   
ALA HA   H N N 9   
ALA HB1  H N N 10  
ALA HB2  H N N 11  
ALA HB3  H N N 12  
ALA HXT  H N N 13  
ARG N    N N N 14  
ARG CA   C N S 15  
ARG C    C N N 16  
ARG O    O N N 17  
ARG CB   C N N 18  
ARG CG   C N N 19  
ARG CD   C N N 20  
ARG NE   N N N 21  
ARG CZ   C N N 22  
ARG NH1  N N N 23  
ARG NH2  N N N 24  
ARG OXT  O N N 25  
ARG H    H N N 26  
ARG H2   H N N 27  
ARG HA   H N N 28  
ARG HB2  H N N 29  
ARG HB3  H N N 30  
ARG HG2  H N N 31  
ARG HG3  H N N 32  
ARG HD2  H N N 33  
ARG HD3  H N N 34  
ARG HE   H N N 35  
ARG HH11 H N N 36  
ARG HH12 H N N 37  
ARG HH21 H N N 38  
ARG HH22 H N N 39  
ARG HXT  H N N 40  
ASN N    N N N 41  
ASN CA   C N S 42  
ASN C    C N N 43  
ASN O    O N N 44  
ASN CB   C N N 45  
ASN CG   C N N 46  
ASN OD1  O N N 47  
ASN ND2  N N N 48  
ASN OXT  O N N 49  
ASN H    H N N 50  
ASN H2   H N N 51  
ASN HA   H N N 52  
ASN HB2  H N N 53  
ASN HB3  H N N 54  
ASN HD21 H N N 55  
ASN HD22 H N N 56  
ASN HXT  H N N 57  
ASP N    N N N 58  
ASP CA   C N S 59  
ASP C    C N N 60  
ASP O    O N N 61  
ASP CB   C N N 62  
ASP CG   C N N 63  
ASP OD1  O N N 64  
ASP OD2  O N N 65  
ASP OXT  O N N 66  
ASP H    H N N 67  
ASP H2   H N N 68  
ASP HA   H N N 69  
ASP HB2  H N N 70  
ASP HB3  H N N 71  
ASP HD2  H N N 72  
ASP HXT  H N N 73  
CYS N    N N N 74  
CYS CA   C N R 75  
CYS C    C N N 76  
CYS O    O N N 77  
CYS CB   C N N 78  
CYS SG   S N N 79  
CYS OXT  O N N 80  
CYS H    H N N 81  
CYS H2   H N N 82  
CYS HA   H N N 83  
CYS HB2  H N N 84  
CYS HB3  H N N 85  
CYS HG   H N N 86  
CYS HXT  H N N 87  
GLN N    N N N 88  
GLN CA   C N S 89  
GLN C    C N N 90  
GLN O    O N N 91  
GLN CB   C N N 92  
GLN CG   C N N 93  
GLN CD   C N N 94  
GLN OE1  O N N 95  
GLN NE2  N N N 96  
GLN OXT  O N N 97  
GLN H    H N N 98  
GLN H2   H N N 99  
GLN HA   H N N 100 
GLN HB2  H N N 101 
GLN HB3  H N N 102 
GLN HG2  H N N 103 
GLN HG3  H N N 104 
GLN HE21 H N N 105 
GLN HE22 H N N 106 
GLN HXT  H N N 107 
GLU N    N N N 108 
GLU CA   C N S 109 
GLU C    C N N 110 
GLU O    O N N 111 
GLU CB   C N N 112 
GLU CG   C N N 113 
GLU CD   C N N 114 
GLU OE1  O N N 115 
GLU OE2  O N N 116 
GLU OXT  O N N 117 
GLU H    H N N 118 
GLU H2   H N N 119 
GLU HA   H N N 120 
GLU HB2  H N N 121 
GLU HB3  H N N 122 
GLU HG2  H N N 123 
GLU HG3  H N N 124 
GLU HE2  H N N 125 
GLU HXT  H N N 126 
GLY N    N N N 127 
GLY CA   C N N 128 
GLY C    C N N 129 
GLY O    O N N 130 
GLY OXT  O N N 131 
GLY H    H N N 132 
GLY H2   H N N 133 
GLY HA2  H N N 134 
GLY HA3  H N N 135 
GLY HXT  H N N 136 
HIS N    N N N 137 
HIS CA   C N S 138 
HIS C    C N N 139 
HIS O    O N N 140 
HIS CB   C N N 141 
HIS CG   C Y N 142 
HIS ND1  N Y N 143 
HIS CD2  C Y N 144 
HIS CE1  C Y N 145 
HIS NE2  N Y N 146 
HIS OXT  O N N 147 
HIS H    H N N 148 
HIS H2   H N N 149 
HIS HA   H N N 150 
HIS HB2  H N N 151 
HIS HB3  H N N 152 
HIS HD1  H N N 153 
HIS HD2  H N N 154 
HIS HE1  H N N 155 
HIS HE2  H N N 156 
HIS HXT  H N N 157 
ILE N    N N N 158 
ILE CA   C N S 159 
ILE C    C N N 160 
ILE O    O N N 161 
ILE CB   C N S 162 
ILE CG1  C N N 163 
ILE CG2  C N N 164 
ILE CD1  C N N 165 
ILE OXT  O N N 166 
ILE H    H N N 167 
ILE H2   H N N 168 
ILE HA   H N N 169 
ILE HB   H N N 170 
ILE HG12 H N N 171 
ILE HG13 H N N 172 
ILE HG21 H N N 173 
ILE HG22 H N N 174 
ILE HG23 H N N 175 
ILE HD11 H N N 176 
ILE HD12 H N N 177 
ILE HD13 H N N 178 
ILE HXT  H N N 179 
LEU N    N N N 180 
LEU CA   C N S 181 
LEU C    C N N 182 
LEU O    O N N 183 
LEU CB   C N N 184 
LEU CG   C N N 185 
LEU CD1  C N N 186 
LEU CD2  C N N 187 
LEU OXT  O N N 188 
LEU H    H N N 189 
LEU H2   H N N 190 
LEU HA   H N N 191 
LEU HB2  H N N 192 
LEU HB3  H N N 193 
LEU HG   H N N 194 
LEU HD11 H N N 195 
LEU HD12 H N N 196 
LEU HD13 H N N 197 
LEU HD21 H N N 198 
LEU HD22 H N N 199 
LEU HD23 H N N 200 
LEU HXT  H N N 201 
LYS N    N N N 202 
LYS CA   C N S 203 
LYS C    C N N 204 
LYS O    O N N 205 
LYS CB   C N N 206 
LYS CG   C N N 207 
LYS CD   C N N 208 
LYS CE   C N N 209 
LYS NZ   N N N 210 
LYS OXT  O N N 211 
LYS H    H N N 212 
LYS H2   H N N 213 
LYS HA   H N N 214 
LYS HB2  H N N 215 
LYS HB3  H N N 216 
LYS HG2  H N N 217 
LYS HG3  H N N 218 
LYS HD2  H N N 219 
LYS HD3  H N N 220 
LYS HE2  H N N 221 
LYS HE3  H N N 222 
LYS HZ1  H N N 223 
LYS HZ2  H N N 224 
LYS HZ3  H N N 225 
LYS HXT  H N N 226 
MET N    N N N 227 
MET CA   C N S 228 
MET C    C N N 229 
MET O    O N N 230 
MET CB   C N N 231 
MET CG   C N N 232 
MET SD   S N N 233 
MET CE   C N N 234 
MET OXT  O N N 235 
MET H    H N N 236 
MET H2   H N N 237 
MET HA   H N N 238 
MET HB2  H N N 239 
MET HB3  H N N 240 
MET HG2  H N N 241 
MET HG3  H N N 242 
MET HE1  H N N 243 
MET HE2  H N N 244 
MET HE3  H N N 245 
MET HXT  H N N 246 
PHE N    N N N 247 
PHE CA   C N S 248 
PHE C    C N N 249 
PHE O    O N N 250 
PHE CB   C N N 251 
PHE CG   C Y N 252 
PHE CD1  C Y N 253 
PHE CD2  C Y N 254 
PHE CE1  C Y N 255 
PHE CE2  C Y N 256 
PHE CZ   C Y N 257 
PHE OXT  O N N 258 
PHE H    H N N 259 
PHE H2   H N N 260 
PHE HA   H N N 261 
PHE HB2  H N N 262 
PHE HB3  H N N 263 
PHE HD1  H N N 264 
PHE HD2  H N N 265 
PHE HE1  H N N 266 
PHE HE2  H N N 267 
PHE HZ   H N N 268 
PHE HXT  H N N 269 
PRO N    N N N 270 
PRO CA   C N S 271 
PRO C    C N N 272 
PRO O    O N N 273 
PRO CB   C N N 274 
PRO CG   C N N 275 
PRO CD   C N N 276 
PRO OXT  O N N 277 
PRO H    H N N 278 
PRO HA   H N N 279 
PRO HB2  H N N 280 
PRO HB3  H N N 281 
PRO HG2  H N N 282 
PRO HG3  H N N 283 
PRO HD2  H N N 284 
PRO HD3  H N N 285 
PRO HXT  H N N 286 
SER N    N N N 287 
SER CA   C N S 288 
SER C    C N N 289 
SER O    O N N 290 
SER CB   C N N 291 
SER OG   O N N 292 
SER OXT  O N N 293 
SER H    H N N 294 
SER H2   H N N 295 
SER HA   H N N 296 
SER HB2  H N N 297 
SER HB3  H N N 298 
SER HG   H N N 299 
SER HXT  H N N 300 
THR N    N N N 301 
THR CA   C N S 302 
THR C    C N N 303 
THR O    O N N 304 
THR CB   C N R 305 
THR OG1  O N N 306 
THR CG2  C N N 307 
THR OXT  O N N 308 
THR H    H N N 309 
THR H2   H N N 310 
THR HA   H N N 311 
THR HB   H N N 312 
THR HG1  H N N 313 
THR HG21 H N N 314 
THR HG22 H N N 315 
THR HG23 H N N 316 
THR HXT  H N N 317 
TRP N    N N N 318 
TRP CA   C N S 319 
TRP C    C N N 320 
TRP O    O N N 321 
TRP CB   C N N 322 
TRP CG   C Y N 323 
TRP CD1  C Y N 324 
TRP CD2  C Y N 325 
TRP NE1  N Y N 326 
TRP CE2  C Y N 327 
TRP CE3  C Y N 328 
TRP CZ2  C Y N 329 
TRP CZ3  C Y N 330 
TRP CH2  C Y N 331 
TRP OXT  O N N 332 
TRP H    H N N 333 
TRP H2   H N N 334 
TRP HA   H N N 335 
TRP HB2  H N N 336 
TRP HB3  H N N 337 
TRP HD1  H N N 338 
TRP HE1  H N N 339 
TRP HE3  H N N 340 
TRP HZ2  H N N 341 
TRP HZ3  H N N 342 
TRP HH2  H N N 343 
TRP HXT  H N N 344 
TYR N    N N N 345 
TYR CA   C N S 346 
TYR C    C N N 347 
TYR O    O N N 348 
TYR CB   C N N 349 
TYR CG   C Y N 350 
TYR CD1  C Y N 351 
TYR CD2  C Y N 352 
TYR CE1  C Y N 353 
TYR CE2  C Y N 354 
TYR CZ   C Y N 355 
TYR OH   O N N 356 
TYR OXT  O N N 357 
TYR H    H N N 358 
TYR H2   H N N 359 
TYR HA   H N N 360 
TYR HB2  H N N 361 
TYR HB3  H N N 362 
TYR HD1  H N N 363 
TYR HD2  H N N 364 
TYR HE1  H N N 365 
TYR HE2  H N N 366 
TYR HH   H N N 367 
TYR HXT  H N N 368 
VAL N    N N N 369 
VAL CA   C N S 370 
VAL C    C N N 371 
VAL O    O N N 372 
VAL CB   C N N 373 
VAL CG1  C N N 374 
VAL CG2  C N N 375 
VAL OXT  O N N 376 
VAL H    H N N 377 
VAL H2   H N N 378 
VAL HA   H N N 379 
VAL HB   H N N 380 
VAL HG11 H N N 381 
VAL HG12 H N N 382 
VAL HG13 H N N 383 
VAL HG21 H N N 384 
VAL HG22 H N N 385 
VAL HG23 H N N 386 
VAL HXT  H N N 387 
# 
loop_
_chem_comp_bond.comp_id 
_chem_comp_bond.atom_id_1 
_chem_comp_bond.atom_id_2 
_chem_comp_bond.value_order 
_chem_comp_bond.pdbx_aromatic_flag 
_chem_comp_bond.pdbx_stereo_config 
_chem_comp_bond.pdbx_ordinal 
ALA N   CA   sing N N 1   
ALA N   H    sing N N 2   
ALA N   H2   sing N N 3   
ALA CA  C    sing N N 4   
ALA CA  CB   sing N N 5   
ALA CA  HA   sing N N 6   
ALA C   O    doub N N 7   
ALA C   OXT  sing N N 8   
ALA CB  HB1  sing N N 9   
ALA CB  HB2  sing N N 10  
ALA CB  HB3  sing N N 11  
ALA OXT HXT  sing N N 12  
ARG N   CA   sing N N 13  
ARG N   H    sing N N 14  
ARG N   H2   sing N N 15  
ARG CA  C    sing N N 16  
ARG CA  CB   sing N N 17  
ARG CA  HA   sing N N 18  
ARG C   O    doub N N 19  
ARG C   OXT  sing N N 20  
ARG CB  CG   sing N N 21  
ARG CB  HB2  sing N N 22  
ARG CB  HB3  sing N N 23  
ARG CG  CD   sing N N 24  
ARG CG  HG2  sing N N 25  
ARG CG  HG3  sing N N 26  
ARG CD  NE   sing N N 27  
ARG CD  HD2  sing N N 28  
ARG CD  HD3  sing N N 29  
ARG NE  CZ   sing N N 30  
ARG NE  HE   sing N N 31  
ARG CZ  NH1  sing N N 32  
ARG CZ  NH2  doub N N 33  
ARG NH1 HH11 sing N N 34  
ARG NH1 HH12 sing N N 35  
ARG NH2 HH21 sing N N 36  
ARG NH2 HH22 sing N N 37  
ARG OXT HXT  sing N N 38  
ASN N   CA   sing N N 39  
ASN N   H    sing N N 40  
ASN N   H2   sing N N 41  
ASN CA  C    sing N N 42  
ASN CA  CB   sing N N 43  
ASN CA  HA   sing N N 44  
ASN C   O    doub N N 45  
ASN C   OXT  sing N N 46  
ASN CB  CG   sing N N 47  
ASN CB  HB2  sing N N 48  
ASN CB  HB3  sing N N 49  
ASN CG  OD1  doub N N 50  
ASN CG  ND2  sing N N 51  
ASN ND2 HD21 sing N N 52  
ASN ND2 HD22 sing N N 53  
ASN OXT HXT  sing N N 54  
ASP N   CA   sing N N 55  
ASP N   H    sing N N 56  
ASP N   H2   sing N N 57  
ASP CA  C    sing N N 58  
ASP CA  CB   sing N N 59  
ASP CA  HA   sing N N 60  
ASP C   O    doub N N 61  
ASP C   OXT  sing N N 62  
ASP CB  CG   sing N N 63  
ASP CB  HB2  sing N N 64  
ASP CB  HB3  sing N N 65  
ASP CG  OD1  doub N N 66  
ASP CG  OD2  sing N N 67  
ASP OD2 HD2  sing N N 68  
ASP OXT HXT  sing N N 69  
CYS N   CA   sing N N 70  
CYS N   H    sing N N 71  
CYS N   H2   sing N N 72  
CYS CA  C    sing N N 73  
CYS CA  CB   sing N N 74  
CYS CA  HA   sing N N 75  
CYS C   O    doub N N 76  
CYS C   OXT  sing N N 77  
CYS CB  SG   sing N N 78  
CYS CB  HB2  sing N N 79  
CYS CB  HB3  sing N N 80  
CYS SG  HG   sing N N 81  
CYS OXT HXT  sing N N 82  
GLN N   CA   sing N N 83  
GLN N   H    sing N N 84  
GLN N   H2   sing N N 85  
GLN CA  C    sing N N 86  
GLN CA  CB   sing N N 87  
GLN CA  HA   sing N N 88  
GLN C   O    doub N N 89  
GLN C   OXT  sing N N 90  
GLN CB  CG   sing N N 91  
GLN CB  HB2  sing N N 92  
GLN CB  HB3  sing N N 93  
GLN CG  CD   sing N N 94  
GLN CG  HG2  sing N N 95  
GLN CG  HG3  sing N N 96  
GLN CD  OE1  doub N N 97  
GLN CD  NE2  sing N N 98  
GLN NE2 HE21 sing N N 99  
GLN NE2 HE22 sing N N 100 
GLN OXT HXT  sing N N 101 
GLU N   CA   sing N N 102 
GLU N   H    sing N N 103 
GLU N   H2   sing N N 104 
GLU CA  C    sing N N 105 
GLU CA  CB   sing N N 106 
GLU CA  HA   sing N N 107 
GLU C   O    doub N N 108 
GLU C   OXT  sing N N 109 
GLU CB  CG   sing N N 110 
GLU CB  HB2  sing N N 111 
GLU CB  HB3  sing N N 112 
GLU CG  CD   sing N N 113 
GLU CG  HG2  sing N N 114 
GLU CG  HG3  sing N N 115 
GLU CD  OE1  doub N N 116 
GLU CD  OE2  sing N N 117 
GLU OE2 HE2  sing N N 118 
GLU OXT HXT  sing N N 119 
GLY N   CA   sing N N 120 
GLY N   H    sing N N 121 
GLY N   H2   sing N N 122 
GLY CA  C    sing N N 123 
GLY CA  HA2  sing N N 124 
GLY CA  HA3  sing N N 125 
GLY C   O    doub N N 126 
GLY C   OXT  sing N N 127 
GLY OXT HXT  sing N N 128 
HIS N   CA   sing N N 129 
HIS N   H    sing N N 130 
HIS N   H2   sing N N 131 
HIS CA  C    sing N N 132 
HIS CA  CB   sing N N 133 
HIS CA  HA   sing N N 134 
HIS C   O    doub N N 135 
HIS C   OXT  sing N N 136 
HIS CB  CG   sing N N 137 
HIS CB  HB2  sing N N 138 
HIS CB  HB3  sing N N 139 
HIS CG  ND1  sing Y N 140 
HIS CG  CD2  doub Y N 141 
HIS ND1 CE1  doub Y N 142 
HIS ND1 HD1  sing N N 143 
HIS CD2 NE2  sing Y N 144 
HIS CD2 HD2  sing N N 145 
HIS CE1 NE2  sing Y N 146 
HIS CE1 HE1  sing N N 147 
HIS NE2 HE2  sing N N 148 
HIS OXT HXT  sing N N 149 
ILE N   CA   sing N N 150 
ILE N   H    sing N N 151 
ILE N   H2   sing N N 152 
ILE CA  C    sing N N 153 
ILE CA  CB   sing N N 154 
ILE CA  HA   sing N N 155 
ILE C   O    doub N N 156 
ILE C   OXT  sing N N 157 
ILE CB  CG1  sing N N 158 
ILE CB  CG2  sing N N 159 
ILE CB  HB   sing N N 160 
ILE CG1 CD1  sing N N 161 
ILE CG1 HG12 sing N N 162 
ILE CG1 HG13 sing N N 163 
ILE CG2 HG21 sing N N 164 
ILE CG2 HG22 sing N N 165 
ILE CG2 HG23 sing N N 166 
ILE CD1 HD11 sing N N 167 
ILE CD1 HD12 sing N N 168 
ILE CD1 HD13 sing N N 169 
ILE OXT HXT  sing N N 170 
LEU N   CA   sing N N 171 
LEU N   H    sing N N 172 
LEU N   H2   sing N N 173 
LEU CA  C    sing N N 174 
LEU CA  CB   sing N N 175 
LEU CA  HA   sing N N 176 
LEU C   O    doub N N 177 
LEU C   OXT  sing N N 178 
LEU CB  CG   sing N N 179 
LEU CB  HB2  sing N N 180 
LEU CB  HB3  sing N N 181 
LEU CG  CD1  sing N N 182 
LEU CG  CD2  sing N N 183 
LEU CG  HG   sing N N 184 
LEU CD1 HD11 sing N N 185 
LEU CD1 HD12 sing N N 186 
LEU CD1 HD13 sing N N 187 
LEU CD2 HD21 sing N N 188 
LEU CD2 HD22 sing N N 189 
LEU CD2 HD23 sing N N 190 
LEU OXT HXT  sing N N 191 
LYS N   CA   sing N N 192 
LYS N   H    sing N N 193 
LYS N   H2   sing N N 194 
LYS CA  C    sing N N 195 
LYS CA  CB   sing N N 196 
LYS CA  HA   sing N N 197 
LYS C   O    doub N N 198 
LYS C   OXT  sing N N 199 
LYS CB  CG   sing N N 200 
LYS CB  HB2  sing N N 201 
LYS CB  HB3  sing N N 202 
LYS CG  CD   sing N N 203 
LYS CG  HG2  sing N N 204 
LYS CG  HG3  sing N N 205 
LYS CD  CE   sing N N 206 
LYS CD  HD2  sing N N 207 
LYS CD  HD3  sing N N 208 
LYS CE  NZ   sing N N 209 
LYS CE  HE2  sing N N 210 
LYS CE  HE3  sing N N 211 
LYS NZ  HZ1  sing N N 212 
LYS NZ  HZ2  sing N N 213 
LYS NZ  HZ3  sing N N 214 
LYS OXT HXT  sing N N 215 
MET N   CA   sing N N 216 
MET N   H    sing N N 217 
MET N   H2   sing N N 218 
MET CA  C    sing N N 219 
MET CA  CB   sing N N 220 
MET CA  HA   sing N N 221 
MET C   O    doub N N 222 
MET C   OXT  sing N N 223 
MET CB  CG   sing N N 224 
MET CB  HB2  sing N N 225 
MET CB  HB3  sing N N 226 
MET CG  SD   sing N N 227 
MET CG  HG2  sing N N 228 
MET CG  HG3  sing N N 229 
MET SD  CE   sing N N 230 
MET CE  HE1  sing N N 231 
MET CE  HE2  sing N N 232 
MET CE  HE3  sing N N 233 
MET OXT HXT  sing N N 234 
PHE N   CA   sing N N 235 
PHE N   H    sing N N 236 
PHE N   H2   sing N N 237 
PHE CA  C    sing N N 238 
PHE CA  CB   sing N N 239 
PHE CA  HA   sing N N 240 
PHE C   O    doub N N 241 
PHE C   OXT  sing N N 242 
PHE CB  CG   sing N N 243 
PHE CB  HB2  sing N N 244 
PHE CB  HB3  sing N N 245 
PHE CG  CD1  doub Y N 246 
PHE CG  CD2  sing Y N 247 
PHE CD1 CE1  sing Y N 248 
PHE CD1 HD1  sing N N 249 
PHE CD2 CE2  doub Y N 250 
PHE CD2 HD2  sing N N 251 
PHE CE1 CZ   doub Y N 252 
PHE CE1 HE1  sing N N 253 
PHE CE2 CZ   sing Y N 254 
PHE CE2 HE2  sing N N 255 
PHE CZ  HZ   sing N N 256 
PHE OXT HXT  sing N N 257 
PRO N   CA   sing N N 258 
PRO N   CD   sing N N 259 
PRO N   H    sing N N 260 
PRO CA  C    sing N N 261 
PRO CA  CB   sing N N 262 
PRO CA  HA   sing N N 263 
PRO C   O    doub N N 264 
PRO C   OXT  sing N N 265 
PRO CB  CG   sing N N 266 
PRO CB  HB2  sing N N 267 
PRO CB  HB3  sing N N 268 
PRO CG  CD   sing N N 269 
PRO CG  HG2  sing N N 270 
PRO CG  HG3  sing N N 271 
PRO CD  HD2  sing N N 272 
PRO CD  HD3  sing N N 273 
PRO OXT HXT  sing N N 274 
SER N   CA   sing N N 275 
SER N   H    sing N N 276 
SER N   H2   sing N N 277 
SER CA  C    sing N N 278 
SER CA  CB   sing N N 279 
SER CA  HA   sing N N 280 
SER C   O    doub N N 281 
SER C   OXT  sing N N 282 
SER CB  OG   sing N N 283 
SER CB  HB2  sing N N 284 
SER CB  HB3  sing N N 285 
SER OG  HG   sing N N 286 
SER OXT HXT  sing N N 287 
THR N   CA   sing N N 288 
THR N   H    sing N N 289 
THR N   H2   sing N N 290 
THR CA  C    sing N N 291 
THR CA  CB   sing N N 292 
THR CA  HA   sing N N 293 
THR C   O    doub N N 294 
THR C   OXT  sing N N 295 
THR CB  OG1  sing N N 296 
THR CB  CG2  sing N N 297 
THR CB  HB   sing N N 298 
THR OG1 HG1  sing N N 299 
THR CG2 HG21 sing N N 300 
THR CG2 HG22 sing N N 301 
THR CG2 HG23 sing N N 302 
THR OXT HXT  sing N N 303 
TRP N   CA   sing N N 304 
TRP N   H    sing N N 305 
TRP N   H2   sing N N 306 
TRP CA  C    sing N N 307 
TRP CA  CB   sing N N 308 
TRP CA  HA   sing N N 309 
TRP C   O    doub N N 310 
TRP C   OXT  sing N N 311 
TRP CB  CG   sing N N 312 
TRP CB  HB2  sing N N 313 
TRP CB  HB3  sing N N 314 
TRP CG  CD1  doub Y N 315 
TRP CG  CD2  sing Y N 316 
TRP CD1 NE1  sing Y N 317 
TRP CD1 HD1  sing N N 318 
TRP CD2 CE2  doub Y N 319 
TRP CD2 CE3  sing Y N 320 
TRP NE1 CE2  sing Y N 321 
TRP NE1 HE1  sing N N 322 
TRP CE2 CZ2  sing Y N 323 
TRP CE3 CZ3  doub Y N 324 
TRP CE3 HE3  sing N N 325 
TRP CZ2 CH2  doub Y N 326 
TRP CZ2 HZ2  sing N N 327 
TRP CZ3 CH2  sing Y N 328 
TRP CZ3 HZ3  sing N N 329 
TRP CH2 HH2  sing N N 330 
TRP OXT HXT  sing N N 331 
TYR N   CA   sing N N 332 
TYR N   H    sing N N 333 
TYR N   H2   sing N N 334 
TYR CA  C    sing N N 335 
TYR CA  CB   sing N N 336 
TYR CA  HA   sing N N 337 
TYR C   O    doub N N 338 
TYR C   OXT  sing N N 339 
TYR CB  CG   sing N N 340 
TYR CB  HB2  sing N N 341 
TYR CB  HB3  sing N N 342 
TYR CG  CD1  doub Y N 343 
TYR CG  CD2  sing Y N 344 
TYR CD1 CE1  sing Y N 345 
TYR CD1 HD1  sing N N 346 
TYR CD2 CE2  doub Y N 347 
TYR CD2 HD2  sing N N 348 
TYR CE1 CZ   doub Y N 349 
TYR CE1 HE1  sing N N 350 
TYR CE2 CZ   sing Y N 351 
TYR CE2 HE2  sing N N 352 
TYR CZ  OH   sing N N 353 
TYR OH  HH   sing N N 354 
TYR OXT HXT  sing N N 355 
VAL N   CA   sing N N 356 
VAL N   H    sing N N 357 
VAL N   H2   sing N N 358 
VAL CA  C    sing N N 359 
VAL CA  CB   sing N N 360 
VAL CA  HA   sing N N 361 
VAL C   O    doub N N 362 
VAL C   OXT  sing N N 363 
VAL CB  CG1  sing N N 364 
VAL CB  CG2  sing N N 365 
VAL CB  HB   sing N N 366 
VAL CG1 HG11 sing N N 367 
VAL CG1 HG12 sing N N 368 
VAL CG1 HG13 sing N N 369 
VAL CG2 HG21 sing N N 370 
VAL CG2 HG22 sing N N 371 
VAL CG2 HG23 sing N N 372 
VAL OXT HXT  sing N N 373 
# 
loop_
_pdbx_nmr_spectrometer.spectrometer_id 
_pdbx_nmr_spectrometer.type 
_pdbx_nmr_spectrometer.manufacturer 
_pdbx_nmr_spectrometer.model 
_pdbx_nmr_spectrometer.field_strength 
1 ? Bruker DRX 600 
2 ? Bruker DRX 500 
# 
_atom_sites.entry_id                    1N72 
_atom_sites.fract_transf_matrix[1][1]   1.000000 
_atom_sites.fract_transf_matrix[1][2]   0.000000 
_atom_sites.fract_transf_matrix[1][3]   0.000000 
_atom_sites.fract_transf_matrix[2][1]   0.000000 
_atom_sites.fract_transf_matrix[2][2]   1.000000 
_atom_sites.fract_transf_matrix[2][3]   0.000000 
_atom_sites.fract_transf_matrix[3][1]   0.000000 
_atom_sites.fract_transf_matrix[3][2]   0.000000 
_atom_sites.fract_transf_matrix[3][3]   1.000000 
_atom_sites.fract_transf_vector[1]      0.00000 
_atom_sites.fract_transf_vector[2]      0.00000 
_atom_sites.fract_transf_vector[3]      0.00000 
# 
loop_
_atom_type.symbol 
C 
H 
N 
O 
S 
# 
loop_
_atom_site.group_PDB 
_atom_site.id 
_atom_site.type_symbol 
_atom_site.label_atom_id 
_atom_site.label_alt_id 
_atom_site.label_comp_id 
_atom_site.label_asym_id 
_atom_site.label_entity_id 
_atom_site.label_seq_id 
_atom_site.pdbx_PDB_ins_code 
_atom_site.Cartn_x 
_atom_site.Cartn_y 
_atom_site.Cartn_z 
_atom_site.occupancy 
_atom_site.B_iso_or_equiv 
_atom_site.pdbx_formal_charge 
_atom_site.auth_seq_id 
_atom_site.auth_comp_id 
_atom_site.auth_asym_id 
_atom_site.auth_atom_id 
_atom_site.pdbx_PDB_model_num 
ATOM 1    N N    . MET A 1 4   ? 8.434   -17.280 -5.575  1.00 0.00 ? 718 MET A N    1 
ATOM 2    C CA   . MET A 1 4   ? 7.108   -17.610 -6.170  1.00 0.00 ? 718 MET A CA   1 
ATOM 3    C C    . MET A 1 4   ? 6.316   -16.329 -6.440  1.00 0.00 ? 718 MET A C    1 
ATOM 4    O O    . MET A 1 4   ? 6.598   -15.285 -5.886  1.00 0.00 ? 718 MET A O    1 
ATOM 5    C CB   . MET A 1 4   ? 6.402   -18.458 -5.110  1.00 0.00 ? 718 MET A CB   1 
ATOM 6    C CG   . MET A 1 4   ? 6.278   -17.656 -3.813  1.00 0.00 ? 718 MET A CG   1 
ATOM 7    S SD   . MET A 1 4   ? 6.014   -18.788 -2.426  1.00 0.00 ? 718 MET A SD   1 
ATOM 8    C CE   . MET A 1 4   ? 4.239   -18.493 -2.226  1.00 0.00 ? 718 MET A CE   1 
ATOM 9    H H    . MET A 1 4   ? 8.628   -16.363 -5.290  1.00 0.00 ? 718 MET A H    1 
ATOM 10   H HA   . MET A 1 4   ? 7.234   -18.175 -7.082  1.00 0.00 ? 718 MET A HA   1 
ATOM 11   H HB2  . MET A 1 4   ? 5.418   -18.729 -5.462  1.00 0.00 ? 718 MET A HB2  1 
ATOM 12   H HB3  . MET A 1 4   ? 6.977   -19.354 -4.926  1.00 0.00 ? 718 MET A HB3  1 
ATOM 13   H HG2  . MET A 1 4   ? 7.184   -17.093 -3.650  1.00 0.00 ? 718 MET A HG2  1 
ATOM 14   H HG3  . MET A 1 4   ? 5.441   -16.977 -3.890  1.00 0.00 ? 718 MET A HG3  1 
ATOM 15   H HE1  . MET A 1 4   ? 3.853   -19.134 -1.447  1.00 0.00 ? 718 MET A HE1  1 
ATOM 16   H HE2  . MET A 1 4   ? 3.731   -18.709 -3.155  1.00 0.00 ? 718 MET A HE2  1 
ATOM 17   H HE3  . MET A 1 4   ? 4.074   -17.460 -1.958  1.00 0.00 ? 718 MET A HE3  1 
ATOM 18   N N    . SER A 1 5   ? 5.326   -16.399 -7.287  1.00 0.00 ? 719 SER A N    1 
ATOM 19   C CA   . SER A 1 5   ? 4.522   -15.183 -7.594  1.00 0.00 ? 719 SER A CA   1 
ATOM 20   C C    . SER A 1 5   ? 3.026   -15.486 -7.482  1.00 0.00 ? 719 SER A C    1 
ATOM 21   O O    . SER A 1 5   ? 2.592   -16.603 -7.682  1.00 0.00 ? 719 SER A O    1 
ATOM 22   C CB   . SER A 1 5   ? 4.888   -14.829 -9.036  1.00 0.00 ? 719 SER A CB   1 
ATOM 23   O OG   . SER A 1 5   ? 4.658   -13.445 -9.255  1.00 0.00 ? 719 SER A OG   1 
ATOM 24   H H    . SER A 1 5   ? 5.115   -17.249 -7.725  1.00 0.00 ? 719 SER A H    1 
ATOM 25   H HA   . SER A 1 5   ? 4.793   -14.377 -6.928  1.00 0.00 ? 719 SER A HA   1 
ATOM 26   H HB2  . SER A 1 5   ? 5.930   -15.053 -9.209  1.00 0.00 ? 719 SER A HB2  1 
ATOM 27   H HB3  . SER A 1 5   ? 4.278   -15.408 -9.715  1.00 0.00 ? 719 SER A HB3  1 
ATOM 28   H HG   . SER A 1 5   ? 5.065   -12.959 -8.536  1.00 0.00 ? 719 SER A HG   1 
ATOM 29   N N    . LYS A 1 6   ? 2.233   -14.498 -7.165  1.00 0.00 ? 720 LYS A N    1 
ATOM 30   C CA   . LYS A 1 6   ? 0.765   -14.727 -7.045  1.00 0.00 ? 720 LYS A CA   1 
ATOM 31   C C    . LYS A 1 6   ? 0.040   -14.186 -8.280  1.00 0.00 ? 720 LYS A C    1 
ATOM 32   O O    . LYS A 1 6   ? 0.269   -13.070 -8.705  1.00 0.00 ? 720 LYS A O    1 
ATOM 33   C CB   . LYS A 1 6   ? 0.348   -13.942 -5.799  1.00 0.00 ? 720 LYS A CB   1 
ATOM 34   C CG   . LYS A 1 6   ? -0.346  -14.883 -4.811  1.00 0.00 ? 720 LYS A CG   1 
ATOM 35   C CD   . LYS A 1 6   ? 0.650   -15.933 -4.317  1.00 0.00 ? 720 LYS A CD   1 
ATOM 36   C CE   . LYS A 1 6   ? -0.078  -16.959 -3.446  1.00 0.00 ? 720 LYS A CE   1 
ATOM 37   N NZ   . LYS A 1 6   ? -0.465  -16.211 -2.216  1.00 0.00 ? 720 LYS A NZ   1 
ATOM 38   H H    . LYS A 1 6   ? 2.604   -13.605 -7.008  1.00 0.00 ? 720 LYS A H    1 
ATOM 39   H HA   . LYS A 1 6   ? 0.557   -15.778 -6.916  1.00 0.00 ? 720 LYS A HA   1 
ATOM 40   H HB2  . LYS A 1 6   ? 1.224   -13.512 -5.333  1.00 0.00 ? 720 LYS A HB2  1 
ATOM 41   H HB3  . LYS A 1 6   ? -0.332  -13.153 -6.082  1.00 0.00 ? 720 LYS A HB3  1 
ATOM 42   H HG2  . LYS A 1 6   ? -0.715  -14.313 -3.970  1.00 0.00 ? 720 LYS A HG2  1 
ATOM 43   H HG3  . LYS A 1 6   ? -1.173  -15.374 -5.302  1.00 0.00 ? 720 LYS A HG3  1 
ATOM 44   H HD2  . LYS A 1 6   ? 1.097   -16.433 -5.163  1.00 0.00 ? 720 LYS A HD2  1 
ATOM 45   H HD3  . LYS A 1 6   ? 1.422   -15.451 -3.735  1.00 0.00 ? 720 LYS A HD3  1 
ATOM 46   H HE2  . LYS A 1 6   ? -0.957  -17.327 -3.954  1.00 0.00 ? 720 LYS A HE2  1 
ATOM 47   H HE3  . LYS A 1 6   ? 0.583   -17.776 -3.196  1.00 0.00 ? 720 LYS A HE3  1 
ATOM 48   H HZ1  . LYS A 1 6   ? -0.771  -16.883 -1.484  1.00 0.00 ? 720 LYS A HZ1  1 
ATOM 49   H HZ2  . LYS A 1 6   ? -1.246  -15.561 -2.437  1.00 0.00 ? 720 LYS A HZ2  1 
ATOM 50   H HZ3  . LYS A 1 6   ? 0.351   -15.668 -1.869  1.00 0.00 ? 720 LYS A HZ3  1 
ATOM 51   N N    . GLU A 1 7   ? -0.834  -14.964 -8.859  1.00 0.00 ? 721 GLU A N    1 
ATOM 52   C CA   . GLU A 1 7   ? -1.570  -14.485 -10.063 1.00 0.00 ? 721 GLU A CA   1 
ATOM 53   C C    . GLU A 1 7   ? -2.817  -15.343 -10.313 1.00 0.00 ? 721 GLU A C    1 
ATOM 54   O O    . GLU A 1 7   ? -2.869  -16.088 -11.271 1.00 0.00 ? 721 GLU A O    1 
ATOM 55   C CB   . GLU A 1 7   ? -0.578  -14.637 -11.217 1.00 0.00 ? 721 GLU A CB   1 
ATOM 56   C CG   . GLU A 1 7   ? -1.194  -14.072 -12.498 1.00 0.00 ? 721 GLU A CG   1 
ATOM 57   C CD   . GLU A 1 7   ? -0.861  -14.992 -13.674 1.00 0.00 ? 721 GLU A CD   1 
ATOM 58   O OE1  . GLU A 1 7   ? 0.094   -15.744 -13.561 1.00 0.00 ? 721 GLU A OE1  1 
ATOM 59   O OE2  . GLU A 1 7   ? -1.565  -14.930 -14.668 1.00 0.00 ? 721 GLU A OE2  1 
ATOM 60   H H    . GLU A 1 7   ? -1.007  -15.860 -8.502  1.00 0.00 ? 721 GLU A H    1 
ATOM 61   H HA   . GLU A 1 7   ? -1.848  -13.449 -9.941  1.00 0.00 ? 721 GLU A HA   1 
ATOM 62   H HB2  . GLU A 1 7   ? 0.329   -14.099 -10.986 1.00 0.00 ? 721 GLU A HB2  1 
ATOM 63   H HB3  . GLU A 1 7   ? -0.349  -15.684 -11.359 1.00 0.00 ? 721 GLU A HB3  1 
ATOM 64   H HG2  . GLU A 1 7   ? -2.266  -14.007 -12.384 1.00 0.00 ? 721 GLU A HG2  1 
ATOM 65   H HG3  . GLU A 1 7   ? -0.792  -13.088 -12.687 1.00 0.00 ? 721 GLU A HG3  1 
ATOM 66   N N    . PRO A 1 8   ? -3.794  -15.196 -9.450  1.00 0.00 ? 722 PRO A N    1 
ATOM 67   C CA   . PRO A 1 8   ? -5.047  -15.970 -9.587  1.00 0.00 ? 722 PRO A CA   1 
ATOM 68   C C    . PRO A 1 8   ? -6.001  -15.277 -10.557 1.00 0.00 ? 722 PRO A C    1 
ATOM 69   O O    . PRO A 1 8   ? -5.610  -14.418 -11.324 1.00 0.00 ? 722 PRO A O    1 
ATOM 70   C CB   . PRO A 1 8   ? -5.617  -15.941 -8.172  1.00 0.00 ? 722 PRO A CB   1 
ATOM 71   C CG   . PRO A 1 8   ? -5.135  -14.648 -7.598  1.00 0.00 ? 722 PRO A CG   1 
ATOM 72   C CD   . PRO A 1 8   ? -3.818  -14.326 -8.265  1.00 0.00 ? 722 PRO A CD   1 
ATOM 73   H HA   . PRO A 1 8   ? -4.846  -16.984 -9.903  1.00 0.00 ? 722 PRO A HA   1 
ATOM 74   H HB2  . PRO A 1 8   ? -6.695  -15.961 -8.198  1.00 0.00 ? 722 PRO A HB2  1 
ATOM 75   H HB3  . PRO A 1 8   ? -5.238  -16.773 -7.597  1.00 0.00 ? 722 PRO A HB3  1 
ATOM 76   H HG2  . PRO A 1 8   ? -5.851  -13.864 -7.804  1.00 0.00 ? 722 PRO A HG2  1 
ATOM 77   H HG3  . PRO A 1 8   ? -4.997  -14.747 -6.532  1.00 0.00 ? 722 PRO A HG3  1 
ATOM 78   H HD2  . PRO A 1 8   ? -3.787  -13.288 -8.559  1.00 0.00 ? 722 PRO A HD2  1 
ATOM 79   H HD3  . PRO A 1 8   ? -2.993  -14.559 -7.609  1.00 0.00 ? 722 PRO A HD3  1 
ATOM 80   N N    . ARG A 1 9   ? -7.253  -15.631 -10.518 1.00 0.00 ? 723 ARG A N    1 
ATOM 81   C CA   . ARG A 1 9   ? -8.237  -14.991 -11.430 1.00 0.00 ? 723 ARG A CA   1 
ATOM 82   C C    . ARG A 1 9   ? -9.652  -15.189 -10.885 1.00 0.00 ? 723 ARG A C    1 
ATOM 83   O O    . ARG A 1 9   ? -10.537 -15.660 -11.571 1.00 0.00 ? 723 ARG A O    1 
ATOM 84   C CB   . ARG A 1 9   ? -8.055  -15.716 -12.762 1.00 0.00 ? 723 ARG A CB   1 
ATOM 85   C CG   . ARG A 1 9   ? -8.923  -15.057 -13.831 1.00 0.00 ? 723 ARG A CG   1 
ATOM 86   C CD   . ARG A 1 9   ? -8.139  -13.903 -14.438 1.00 0.00 ? 723 ARG A CD   1 
ATOM 87   N NE   . ARG A 1 9   ? -7.731  -14.382 -15.792 1.00 0.00 ? 723 ARG A NE   1 
ATOM 88   C CZ   . ARG A 1 9   ? -8.619  -14.552 -16.744 1.00 0.00 ? 723 ARG A CZ   1 
ATOM 89   N NH1  . ARG A 1 9   ? -9.890  -14.307 -16.534 1.00 0.00 ? 723 ARG A NH1  1 
ATOM 90   N NH2  . ARG A 1 9   ? -8.232  -14.970 -17.918 1.00 0.00 ? 723 ARG A NH2  1 
ATOM 91   H H    . ARG A 1 9   ? -7.547  -16.324 -9.892  1.00 0.00 ? 723 ARG A H    1 
ATOM 92   H HA   . ARG A 1 9   ? -8.019  -13.939 -11.540 1.00 0.00 ? 723 ARG A HA   1 
ATOM 93   H HB2  . ARG A 1 9   ? -7.019  -15.659 -13.061 1.00 0.00 ? 723 ARG A HB2  1 
ATOM 94   H HB3  . ARG A 1 9   ? -8.335  -16.742 -12.655 1.00 0.00 ? 723 ARG A HB3  1 
ATOM 95   H HG2  . ARG A 1 9   ? -9.165  -15.777 -14.598 1.00 0.00 ? 723 ARG A HG2  1 
ATOM 96   H HG3  . ARG A 1 9   ? -9.832  -14.682 -13.383 1.00 0.00 ? 723 ARG A HG3  1 
ATOM 97   H HD2  . ARG A 1 9   ? -8.761  -13.024 -14.518 1.00 0.00 ? 723 ARG A HD2  1 
ATOM 98   H HD3  . ARG A 1 9   ? -7.271  -13.700 -13.832 1.00 0.00 ? 723 ARG A HD3  1 
ATOM 99   H HE   . ARG A 1 9   ? -6.787  -14.570 -15.973 1.00 0.00 ? 723 ARG A HE   1 
ATOM 100  H HH11 . ARG A 1 9   ? -10.201 -13.987 -15.640 1.00 0.00 ? 723 ARG A HH11 1 
ATOM 101  H HH12 . ARG A 1 9   ? -10.550 -14.443 -17.272 1.00 0.00 ? 723 ARG A HH12 1 
ATOM 102  H HH21 . ARG A 1 9   ? -7.264  -15.159 -18.086 1.00 0.00 ? 723 ARG A HH21 1 
ATOM 103  H HH22 . ARG A 1 9   ? -8.901  -15.102 -18.648 1.00 0.00 ? 723 ARG A HH22 1 
ATOM 104  N N    . ASP A 1 10  ? -9.862  -14.844 -9.645  1.00 0.00 ? 724 ASP A N    1 
ATOM 105  C CA   . ASP A 1 10  ? -11.212 -15.007 -9.039  1.00 0.00 ? 724 ASP A CA   1 
ATOM 106  C C    . ASP A 1 10  ? -11.373 -14.050 -7.852  1.00 0.00 ? 724 ASP A C    1 
ATOM 107  O O    . ASP A 1 10  ? -10.407 -13.476 -7.389  1.00 0.00 ? 724 ASP A O    1 
ATOM 108  C CB   . ASP A 1 10  ? -11.259 -16.459 -8.563  1.00 0.00 ? 724 ASP A CB   1 
ATOM 109  C CG   . ASP A 1 10  ? -11.747 -17.354 -9.703  1.00 0.00 ? 724 ASP A CG   1 
ATOM 110  O OD1  . ASP A 1 10  ? -12.459 -16.855 -10.559 1.00 0.00 ? 724 ASP A OD1  1 
ATOM 111  O OD2  . ASP A 1 10  ? -11.402 -18.524 -9.702  1.00 0.00 ? 724 ASP A OD2  1 
ATOM 112  H H    . ASP A 1 10  ? -9.131  -14.468 -9.113  1.00 0.00 ? 724 ASP A H    1 
ATOM 113  H HA   . ASP A 1 10  ? -11.981 -14.825 -9.775  1.00 0.00 ? 724 ASP A HA   1 
ATOM 114  H HB2  . ASP A 1 10  ? -10.271 -16.771 -8.258  1.00 0.00 ? 724 ASP A HB2  1 
ATOM 115  H HB3  . ASP A 1 10  ? -11.936 -16.542 -7.725  1.00 0.00 ? 724 ASP A HB3  1 
ATOM 116  N N    . PRO A 1 11  ? -12.591 -13.912 -7.390  1.00 0.00 ? 725 PRO A N    1 
ATOM 117  C CA   . PRO A 1 11  ? -12.870 -12.999 -6.255  1.00 0.00 ? 725 PRO A CA   1 
ATOM 118  C C    . PRO A 1 11  ? -12.239 -13.531 -4.966  1.00 0.00 ? 725 PRO A C    1 
ATOM 119  O O    . PRO A 1 11  ? -11.431 -12.872 -4.342  1.00 0.00 ? 725 PRO A O    1 
ATOM 120  C CB   . PRO A 1 11  ? -14.400 -12.998 -6.144  1.00 0.00 ? 725 PRO A CB   1 
ATOM 121  C CG   . PRO A 1 11  ? -14.899 -13.642 -7.402  1.00 0.00 ? 725 PRO A CG   1 
ATOM 122  C CD   . PRO A 1 11  ? -13.811 -14.553 -7.889  1.00 0.00 ? 725 PRO A CD   1 
ATOM 123  H HA   . PRO A 1 11  ? -12.505 -12.006 -6.473  1.00 0.00 ? 725 PRO A HA   1 
ATOM 124  H HB2  . PRO A 1 11  ? -14.712 -13.570 -5.283  1.00 0.00 ? 725 PRO A HB2  1 
ATOM 125  H HB3  . PRO A 1 11  ? -14.768 -11.985 -6.074  1.00 0.00 ? 725 PRO A HB3  1 
ATOM 126  H HG2  . PRO A 1 11  ? -15.793 -14.214 -7.195  1.00 0.00 ? 725 PRO A HG2  1 
ATOM 127  H HG3  . PRO A 1 11  ? -15.107 -12.889 -8.146  1.00 0.00 ? 725 PRO A HG3  1 
ATOM 128  H HD2  . PRO A 1 11  ? -13.923 -15.540 -7.468  1.00 0.00 ? 725 PRO A HD2  1 
ATOM 129  H HD3  . PRO A 1 11  ? -13.804 -14.596 -8.968  1.00 0.00 ? 725 PRO A HD3  1 
ATOM 130  N N    . ASP A 1 12  ? -12.603 -14.716 -4.562  1.00 0.00 ? 726 ASP A N    1 
ATOM 131  C CA   . ASP A 1 12  ? -12.026 -15.284 -3.310  1.00 0.00 ? 726 ASP A CA   1 
ATOM 132  C C    . ASP A 1 12  ? -10.506 -15.408 -3.433  1.00 0.00 ? 726 ASP A C    1 
ATOM 133  O O    . ASP A 1 12  ? -9.769  -15.041 -2.539  1.00 0.00 ? 726 ASP A O    1 
ATOM 134  C CB   . ASP A 1 12  ? -12.664 -16.669 -3.176  1.00 0.00 ? 726 ASP A CB   1 
ATOM 135  C CG   . ASP A 1 12  ? -13.601 -16.684 -1.967  1.00 0.00 ? 726 ASP A CG   1 
ATOM 136  O OD1  . ASP A 1 12  ? -14.710 -16.193 -2.095  1.00 0.00 ? 726 ASP A OD1  1 
ATOM 137  O OD2  . ASP A 1 12  ? -13.194 -17.188 -0.933  1.00 0.00 ? 726 ASP A OD2  1 
ATOM 138  H H    . ASP A 1 12  ? -13.258 -15.232 -5.078  1.00 0.00 ? 726 ASP A H    1 
ATOM 139  H HA   . ASP A 1 12  ? -12.286 -14.666 -2.464  1.00 0.00 ? 726 ASP A HA   1 
ATOM 140  H HB2  . ASP A 1 12  ? -13.226 -16.895 -4.070  1.00 0.00 ? 726 ASP A HB2  1 
ATOM 141  H HB3  . ASP A 1 12  ? -11.889 -17.409 -3.041  1.00 0.00 ? 726 ASP A HB3  1 
ATOM 142  N N    . GLN A 1 13  ? -10.030 -15.923 -4.533  1.00 0.00 ? 727 GLN A N    1 
ATOM 143  C CA   . GLN A 1 13  ? -8.558  -16.068 -4.711  1.00 0.00 ? 727 GLN A CA   1 
ATOM 144  C C    . GLN A 1 13  ? -7.878  -14.697 -4.680  1.00 0.00 ? 727 GLN A C    1 
ATOM 145  O O    . GLN A 1 13  ? -6.688  -14.590 -4.463  1.00 0.00 ? 727 GLN A O    1 
ATOM 146  C CB   . GLN A 1 13  ? -8.392  -16.713 -6.089  1.00 0.00 ? 727 GLN A CB   1 
ATOM 147  C CG   . GLN A 1 13  ? -7.377  -17.855 -6.001  1.00 0.00 ? 727 GLN A CG   1 
ATOM 148  C CD   . GLN A 1 13  ? -8.115  -19.177 -5.781  1.00 0.00 ? 727 GLN A CD   1 
ATOM 149  O OE1  . GLN A 1 13  ? -7.776  -20.181 -6.375  1.00 0.00 ? 727 GLN A OE1  1 
ATOM 150  N NE2  . GLN A 1 13  ? -9.120  -19.217 -4.950  1.00 0.00 ? 727 GLN A NE2  1 
ATOM 151  H H    . GLN A 1 13  ? -10.640 -16.213 -5.242  1.00 0.00 ? 727 GLN A H    1 
ATOM 152  H HA   . GLN A 1 13  ? -8.146  -16.708 -3.946  1.00 0.00 ? 727 GLN A HA   1 
ATOM 153  H HB2  . GLN A 1 13  ? -9.343  -17.102 -6.421  1.00 0.00 ? 727 GLN A HB2  1 
ATOM 154  H HB3  . GLN A 1 13  ? -8.042  -15.973 -6.793  1.00 0.00 ? 727 GLN A HB3  1 
ATOM 155  H HG2  . GLN A 1 13  ? -6.812  -17.906 -6.920  1.00 0.00 ? 727 GLN A HG2  1 
ATOM 156  H HG3  . GLN A 1 13  ? -6.704  -17.677 -5.175  1.00 0.00 ? 727 GLN A HG3  1 
ATOM 157  H HE21 . GLN A 1 13  ? -9.393  -18.407 -4.473  1.00 0.00 ? 727 GLN A HE21 1 
ATOM 158  H HE22 . GLN A 1 13  ? -9.600  -20.059 -4.804  1.00 0.00 ? 727 GLN A HE22 1 
ATOM 159  N N    . LEU A 1 14  ? -8.624  -13.646 -4.896  1.00 0.00 ? 728 LEU A N    1 
ATOM 160  C CA   . LEU A 1 14  ? -8.014  -12.287 -4.879  1.00 0.00 ? 728 LEU A CA   1 
ATOM 161  C C    . LEU A 1 14  ? -7.497  -11.952 -3.479  1.00 0.00 ? 728 LEU A C    1 
ATOM 162  O O    . LEU A 1 14  ? -6.467  -11.336 -3.320  1.00 0.00 ? 728 LEU A O    1 
ATOM 163  C CB   . LEU A 1 14  ? -9.148  -11.340 -5.275  1.00 0.00 ? 728 LEU A CB   1 
ATOM 164  C CG   . LEU A 1 14  ? -8.608  -10.268 -6.223  1.00 0.00 ? 728 LEU A CG   1 
ATOM 165  C CD1  . LEU A 1 14  ? -8.226  -10.909 -7.559  1.00 0.00 ? 728 LEU A CD1  1 
ATOM 166  C CD2  . LEU A 1 14  ? -9.684  -9.206  -6.457  1.00 0.00 ? 728 LEU A CD2  1 
ATOM 167  H H    . LEU A 1 14  ? -9.582  -13.752 -5.071  1.00 0.00 ? 728 LEU A H    1 
ATOM 168  H HA   . LEU A 1 14  ? -7.211  -12.230 -5.597  1.00 0.00 ? 728 LEU A HA   1 
ATOM 169  H HB2  . LEU A 1 14  ? -9.927  -11.900 -5.772  1.00 0.00 ? 728 LEU A HB2  1 
ATOM 170  H HB3  . LEU A 1 14  ? -9.552  -10.871 -4.390  1.00 0.00 ? 728 LEU A HB3  1 
ATOM 171  H HG   . LEU A 1 14  ? -7.736  -9.805  -5.783  1.00 0.00 ? 728 LEU A HG   1 
ATOM 172  H HD11 . LEU A 1 14  ? -9.074  -11.447 -7.956  1.00 0.00 ? 728 LEU A HD11 1 
ATOM 173  H HD12 . LEU A 1 14  ? -7.402  -11.593 -7.411  1.00 0.00 ? 728 LEU A HD12 1 
ATOM 174  H HD13 . LEU A 1 14  ? -7.931  -10.137 -8.255  1.00 0.00 ? 728 LEU A HD13 1 
ATOM 175  H HD21 . LEU A 1 14  ? -9.609  -8.834  -7.468  1.00 0.00 ? 728 LEU A HD21 1 
ATOM 176  H HD22 . LEU A 1 14  ? -9.543  -8.391  -5.763  1.00 0.00 ? 728 LEU A HD22 1 
ATOM 177  H HD23 . LEU A 1 14  ? -10.660 -9.643  -6.306  1.00 0.00 ? 728 LEU A HD23 1 
ATOM 178  N N    . TYR A 1 15  ? -8.191  -12.366 -2.460  1.00 0.00 ? 729 TYR A N    1 
ATOM 179  C CA   . TYR A 1 15  ? -7.714  -12.097 -1.072  1.00 0.00 ? 729 TYR A CA   1 
ATOM 180  C C    . TYR A 1 15  ? -6.254  -12.543 -0.926  1.00 0.00 ? 729 TYR A C    1 
ATOM 181  O O    . TYR A 1 15  ? -5.419  -11.823 -0.412  1.00 0.00 ? 729 TYR A O    1 
ATOM 182  C CB   . TYR A 1 15  ? -8.644  -12.951 -0.196  1.00 0.00 ? 729 TYR A CB   1 
ATOM 183  C CG   . TYR A 1 15  ? -8.079  -13.128 1.203   1.00 0.00 ? 729 TYR A CG   1 
ATOM 184  C CD1  . TYR A 1 15  ? -7.313  -12.115 1.793   1.00 0.00 ? 729 TYR A CD1  1 
ATOM 185  C CD2  . TYR A 1 15  ? -8.321  -14.317 1.902   1.00 0.00 ? 729 TYR A CD2  1 
ATOM 186  C CE1  . TYR A 1 15  ? -6.789  -12.292 3.079   1.00 0.00 ? 729 TYR A CE1  1 
ATOM 187  C CE2  . TYR A 1 15  ? -7.801  -14.491 3.189   1.00 0.00 ? 729 TYR A CE2  1 
ATOM 188  C CZ   . TYR A 1 15  ? -7.033  -13.479 3.777   1.00 0.00 ? 729 TYR A CZ   1 
ATOM 189  O OH   . TYR A 1 15  ? -6.523  -13.651 5.047   1.00 0.00 ? 729 TYR A OH   1 
ATOM 190  H H    . TYR A 1 15  ? -9.015  -12.878 -2.604  1.00 0.00 ? 729 TYR A H    1 
ATOM 191  H HA   . TYR A 1 15  ? -7.818  -11.044 -0.828  1.00 0.00 ? 729 TYR A HA   1 
ATOM 192  H HB2  . TYR A 1 15  ? -9.602  -12.469 -0.134  1.00 0.00 ? 729 TYR A HB2  1 
ATOM 193  H HB3  . TYR A 1 15  ? -8.766  -13.923 -0.652  1.00 0.00 ? 729 TYR A HB3  1 
ATOM 194  H HD1  . TYR A 1 15  ? -7.121  -11.201 1.253   1.00 0.00 ? 729 TYR A HD1  1 
ATOM 195  H HD2  . TYR A 1 15  ? -8.912  -15.099 1.448   1.00 0.00 ? 729 TYR A HD2  1 
ATOM 196  H HE1  . TYR A 1 15  ? -6.199  -11.509 3.533   1.00 0.00 ? 729 TYR A HE1  1 
ATOM 197  H HE2  . TYR A 1 15  ? -7.990  -15.407 3.729   1.00 0.00 ? 729 TYR A HE2  1 
ATOM 198  H HH   . TYR A 1 15  ? -5.588  -13.435 5.022   1.00 0.00 ? 729 TYR A HH   1 
ATOM 199  N N    . SER A 1 16  ? -5.944  -13.725 -1.379  1.00 0.00 ? 730 SER A N    1 
ATOM 200  C CA   . SER A 1 16  ? -4.551  -14.228 -1.263  1.00 0.00 ? 730 SER A CA   1 
ATOM 201  C C    . SER A 1 16  ? -3.619  -13.468 -2.207  1.00 0.00 ? 730 SER A C    1 
ATOM 202  O O    . SER A 1 16  ? -2.431  -13.383 -1.976  1.00 0.00 ? 730 SER A O    1 
ATOM 203  C CB   . SER A 1 16  ? -4.634  -15.701 -1.669  1.00 0.00 ? 730 SER A CB   1 
ATOM 204  O OG   . SER A 1 16  ? -4.922  -15.794 -3.056  1.00 0.00 ? 730 SER A OG   1 
ATOM 205  H H    . SER A 1 16  ? -6.636  -14.287 -1.785  1.00 0.00 ? 730 SER A H    1 
ATOM 206  H HA   . SER A 1 16  ? -4.205  -14.141 -0.243  1.00 0.00 ? 730 SER A HA   1 
ATOM 207  H HB2  . SER A 1 16  ? -3.691  -16.185 -1.463  1.00 0.00 ? 730 SER A HB2  1 
ATOM 208  H HB3  . SER A 1 16  ? -5.418  -16.187 -1.105  1.00 0.00 ? 730 SER A HB3  1 
ATOM 209  H HG   . SER A 1 16  ? -5.812  -15.463 -3.197  1.00 0.00 ? 730 SER A HG   1 
ATOM 210  N N    . THR A 1 17  ? -4.135  -12.943 -3.288  1.00 0.00 ? 731 THR A N    1 
ATOM 211  C CA   . THR A 1 17  ? -3.247  -12.193 -4.229  1.00 0.00 ? 731 THR A CA   1 
ATOM 212  C C    . THR A 1 17  ? -3.022  -10.765 -3.713  1.00 0.00 ? 731 THR A C    1 
ATOM 213  O O    . THR A 1 17  ? -1.913  -10.271 -3.684  1.00 0.00 ? 731 THR A O    1 
ATOM 214  C CB   . THR A 1 17  ? -3.957  -12.237 -5.607  1.00 0.00 ? 731 THR A CB   1 
ATOM 215  O OG1  . THR A 1 17  ? -2.975  -12.414 -6.617  1.00 0.00 ? 731 THR A OG1  1 
ATOM 216  C CG2  . THR A 1 17  ? -4.746  -10.949 -5.906  1.00 0.00 ? 731 THR A CG2  1 
ATOM 217  H H    . THR A 1 17  ? -5.102  -13.009 -3.459  1.00 0.00 ? 731 THR A H    1 
ATOM 218  H HA   . THR A 1 17  ? -2.295  -12.699 -4.303  1.00 0.00 ? 731 THR A HA   1 
ATOM 219  H HB   . THR A 1 17  ? -4.635  -13.076 -5.626  1.00 0.00 ? 731 THR A HB   1 
ATOM 220  H HG1  . THR A 1 17  ? -2.398  -13.134 -6.348  1.00 0.00 ? 731 THR A HG1  1 
ATOM 221  H HG21 . THR A 1 17  ? -5.581  -10.871 -5.230  1.00 0.00 ? 731 THR A HG21 1 
ATOM 222  H HG22 . THR A 1 17  ? -5.110  -10.978 -6.923  1.00 0.00 ? 731 THR A HG22 1 
ATOM 223  H HG23 . THR A 1 17  ? -4.099  -10.092 -5.782  1.00 0.00 ? 731 THR A HG23 1 
ATOM 224  N N    . LEU A 1 18  ? -4.073  -10.100 -3.321  1.00 0.00 ? 732 LEU A N    1 
ATOM 225  C CA   . LEU A 1 18  ? -3.919  -8.722  -2.785  1.00 0.00 ? 732 LEU A CA   1 
ATOM 226  C C    . LEU A 1 18  ? -2.965  -8.759  -1.593  1.00 0.00 ? 732 LEU A C    1 
ATOM 227  O O    . LEU A 1 18  ? -2.116  -7.904  -1.434  1.00 0.00 ? 732 LEU A O    1 
ATOM 228  C CB   . LEU A 1 18  ? -5.321  -8.296  -2.340  1.00 0.00 ? 732 LEU A CB   1 
ATOM 229  C CG   . LEU A 1 18  ? -6.291  -8.344  -3.527  1.00 0.00 ? 732 LEU A CG   1 
ATOM 230  C CD1  . LEU A 1 18  ? -7.723  -8.205  -3.012  1.00 0.00 ? 732 LEU A CD1  1 
ATOM 231  C CD2  . LEU A 1 18  ? -5.985  -7.191  -4.482  1.00 0.00 ? 732 LEU A CD2  1 
ATOM 232  H H    . LEU A 1 18  ? -4.950  -10.525 -3.333  1.00 0.00 ? 732 LEU A H    1 
ATOM 233  H HA   . LEU A 1 18  ? -3.545  -8.058  -3.550  1.00 0.00 ? 732 LEU A HA   1 
ATOM 234  H HB2  . LEU A 1 18  ? -5.670  -8.962  -1.566  1.00 0.00 ? 732 LEU A HB2  1 
ATOM 235  H HB3  . LEU A 1 18  ? -5.282  -7.287  -1.957  1.00 0.00 ? 732 LEU A HB3  1 
ATOM 236  H HG   . LEU A 1 18  ? -6.186  -9.281  -4.049  1.00 0.00 ? 732 LEU A HG   1 
ATOM 237  H HD11 . LEU A 1 18  ? -8.414  -8.291  -3.838  1.00 0.00 ? 732 LEU A HD11 1 
ATOM 238  H HD12 . LEU A 1 18  ? -7.840  -7.240  -2.544  1.00 0.00 ? 732 LEU A HD12 1 
ATOM 239  H HD13 . LEU A 1 18  ? -7.926  -8.982  -2.289  1.00 0.00 ? 732 LEU A HD13 1 
ATOM 240  H HD21 . LEU A 1 18  ? -6.625  -6.353  -4.248  1.00 0.00 ? 732 LEU A HD21 1 
ATOM 241  H HD22 . LEU A 1 18  ? -6.165  -7.509  -5.499  1.00 0.00 ? 732 LEU A HD22 1 
ATOM 242  H HD23 . LEU A 1 18  ? -4.953  -6.897  -4.372  1.00 0.00 ? 732 LEU A HD23 1 
ATOM 243  N N    . LYS A 1 19  ? -3.074  -9.770  -0.773  1.00 0.00 ? 733 LYS A N    1 
ATOM 244  C CA   . LYS A 1 19  ? -2.140  -9.896  0.376   1.00 0.00 ? 733 LYS A CA   1 
ATOM 245  C C    . LYS A 1 19  ? -0.744  -10.229 -0.145  1.00 0.00 ? 733 LYS A C    1 
ATOM 246  O O    . LYS A 1 19  ? 0.246   -9.705  0.324   1.00 0.00 ? 733 LYS A O    1 
ATOM 247  C CB   . LYS A 1 19  ? -2.692  -11.050 1.215   1.00 0.00 ? 733 LYS A CB   1 
ATOM 248  C CG   . LYS A 1 19  ? -1.904  -11.150 2.524   1.00 0.00 ? 733 LYS A CG   1 
ATOM 249  C CD   . LYS A 1 19  ? -2.253  -9.964  3.426   1.00 0.00 ? 733 LYS A CD   1 
ATOM 250  C CE   . LYS A 1 19  ? -1.359  -9.988  4.669   1.00 0.00 ? 733 LYS A CE   1 
ATOM 251  N NZ   . LYS A 1 19  ? -2.215  -10.562 5.745   1.00 0.00 ? 733 LYS A NZ   1 
ATOM 252  H H    . LYS A 1 19  ? -3.750  -10.462 -0.936  1.00 0.00 ? 733 LYS A H    1 
ATOM 253  H HA   . LYS A 1 19  ? -2.122  -8.982  0.950   1.00 0.00 ? 733 LYS A HA   1 
ATOM 254  H HB2  . LYS A 1 19  ? -3.734  -10.871 1.434   1.00 0.00 ? 733 LYS A HB2  1 
ATOM 255  H HB3  . LYS A 1 19  ? -2.593  -11.974 0.665   1.00 0.00 ? 733 LYS A HB3  1 
ATOM 256  H HG2  . LYS A 1 19  ? -2.157  -12.071 3.027   1.00 0.00 ? 733 LYS A HG2  1 
ATOM 257  H HG3  . LYS A 1 19  ? -0.846  -11.138 2.308   1.00 0.00 ? 733 LYS A HG3  1 
ATOM 258  H HD2  . LYS A 1 19  ? -2.095  -9.040  2.888   1.00 0.00 ? 733 LYS A HD2  1 
ATOM 259  H HD3  . LYS A 1 19  ? -3.288  -10.032 3.727   1.00 0.00 ? 733 LYS A HD3  1 
ATOM 260  H HE2  . LYS A 1 19  ? -0.498  -10.617 4.498   1.00 0.00 ? 733 LYS A HE2  1 
ATOM 261  H HE3  . LYS A 1 19  ? -1.049  -8.987  4.929   1.00 0.00 ? 733 LYS A HE3  1 
ATOM 262  H HZ1  . LYS A 1 19  ? -2.872  -9.834  6.091   1.00 0.00 ? 733 LYS A HZ1  1 
ATOM 263  H HZ2  . LYS A 1 19  ? -1.614  -10.887 6.529   1.00 0.00 ? 733 LYS A HZ2  1 
ATOM 264  H HZ3  . LYS A 1 19  ? -2.756  -11.366 5.367   1.00 0.00 ? 733 LYS A HZ3  1 
ATOM 265  N N    . SER A 1 20  ? -0.656  -11.075 -1.139  1.00 0.00 ? 734 SER A N    1 
ATOM 266  C CA   . SER A 1 20  ? 0.675   -11.387 -1.724  1.00 0.00 ? 734 SER A CA   1 
ATOM 267  C C    . SER A 1 20  ? 1.322   -10.086 -2.192  1.00 0.00 ? 734 SER A C    1 
ATOM 268  O O    . SER A 1 20  ? 2.450   -9.784  -1.857  1.00 0.00 ? 734 SER A O    1 
ATOM 269  C CB   . SER A 1 20  ? 0.388   -12.305 -2.912  1.00 0.00 ? 734 SER A CB   1 
ATOM 270  O OG   . SER A 1 20  ? 1.131   -13.507 -2.772  1.00 0.00 ? 734 SER A OG   1 
ATOM 271  H H    . SER A 1 20  ? -1.468  -11.467 -1.523  1.00 0.00 ? 734 SER A H    1 
ATOM 272  H HA   . SER A 1 20  ? 1.301   -11.886 -1.001  1.00 0.00 ? 734 SER A HA   1 
ATOM 273  H HB2  . SER A 1 20  ? -0.665  -12.534 -2.939  1.00 0.00 ? 734 SER A HB2  1 
ATOM 274  H HB3  . SER A 1 20  ? 0.673   -11.809 -3.828  1.00 0.00 ? 734 SER A HB3  1 
ATOM 275  H HG   . SER A 1 20  ? 2.043   -13.273 -2.587  1.00 0.00 ? 734 SER A HG   1 
ATOM 276  N N    . ILE A 1 21  ? 0.587   -9.283  -2.915  1.00 0.00 ? 735 ILE A N    1 
ATOM 277  C CA   . ILE A 1 21  ? 1.127   -7.966  -3.338  1.00 0.00 ? 735 ILE A CA   1 
ATOM 278  C C    . ILE A 1 21  ? 1.543   -7.178  -2.095  1.00 0.00 ? 735 ILE A C    1 
ATOM 279  O O    . ILE A 1 21  ? 2.528   -6.469  -2.095  1.00 0.00 ? 735 ILE A O    1 
ATOM 280  C CB   . ILE A 1 21  ? -0.036  -7.270  -4.048  1.00 0.00 ? 735 ILE A CB   1 
ATOM 281  C CG1  . ILE A 1 21  ? -0.497  -8.106  -5.249  1.00 0.00 ? 735 ILE A CG1  1 
ATOM 282  C CG2  . ILE A 1 21  ? 0.423   -5.894  -4.534  1.00 0.00 ? 735 ILE A CG2  1 
ATOM 283  C CD1  . ILE A 1 21  ? -1.877  -7.628  -5.703  1.00 0.00 ? 735 ILE A CD1  1 
ATOM 284  H H    . ILE A 1 21  ? -0.330  -9.531  -3.146  1.00 0.00 ? 735 ILE A H    1 
ATOM 285  H HA   . ILE A 1 21  ? 1.963   -8.095  -4.009  1.00 0.00 ? 735 ILE A HA   1 
ATOM 286  H HB   . ILE A 1 21  ? -0.858  -7.150  -3.358  1.00 0.00 ? 735 ILE A HB   1 
ATOM 287  H HG12 . ILE A 1 21  ? 0.205   -7.993  -6.053  1.00 0.00 ? 735 ILE A HG12 1 
ATOM 288  H HG13 . ILE A 1 21  ? -0.553  -9.146  -4.975  1.00 0.00 ? 735 ILE A HG13 1 
ATOM 289  H HG21 . ILE A 1 21  ? -0.312  -5.486  -5.211  1.00 0.00 ? 735 ILE A HG21 1 
ATOM 290  H HG22 . ILE A 1 21  ? 1.370   -5.992  -5.046  1.00 0.00 ? 735 ILE A HG22 1 
ATOM 291  H HG23 . ILE A 1 21  ? 0.540   -5.234  -3.688  1.00 0.00 ? 735 ILE A HG23 1 
ATOM 292  H HD11 . ILE A 1 21  ? -2.505  -8.483  -5.906  1.00 0.00 ? 735 ILE A HD11 1 
ATOM 293  H HD12 . ILE A 1 21  ? -1.776  -7.034  -6.599  1.00 0.00 ? 735 ILE A HD12 1 
ATOM 294  H HD13 . ILE A 1 21  ? -2.325  -7.030  -4.923  1.00 0.00 ? 735 ILE A HD13 1 
ATOM 295  N N    . LEU A 1 22  ? 0.805   -7.324  -1.023  1.00 0.00 ? 736 LEU A N    1 
ATOM 296  C CA   . LEU A 1 22  ? 1.175   -6.633  0.243   1.00 0.00 ? 736 LEU A CA   1 
ATOM 297  C C    . LEU A 1 22  ? 2.530   -7.154  0.721   1.00 0.00 ? 736 LEU A C    1 
ATOM 298  O O    . LEU A 1 22  ? 3.437   -6.398  1.002   1.00 0.00 ? 736 LEU A O    1 
ATOM 299  C CB   . LEU A 1 22  ? 0.074   -7.019  1.240   1.00 0.00 ? 736 LEU A CB   1 
ATOM 300  C CG   . LEU A 1 22  ? -0.016  -5.978  2.364   1.00 0.00 ? 736 LEU A CG   1 
ATOM 301  C CD1  . LEU A 1 22  ? 1.353   -5.804  3.027   1.00 0.00 ? 736 LEU A CD1  1 
ATOM 302  C CD2  . LEU A 1 22  ? -0.483  -4.639  1.791   1.00 0.00 ? 736 LEU A CD2  1 
ATOM 303  H H    . LEU A 1 22  ? 0.028   -7.920  -1.043  1.00 0.00 ? 736 LEU A H    1 
ATOM 304  H HA   . LEU A 1 22  ? 1.203   -5.563  0.101   1.00 0.00 ? 736 LEU A HA   1 
ATOM 305  H HB2  . LEU A 1 22  ? -0.873  -7.070  0.722   1.00 0.00 ? 736 LEU A HB2  1 
ATOM 306  H HB3  . LEU A 1 22  ? 0.300   -7.984  1.666   1.00 0.00 ? 736 LEU A HB3  1 
ATOM 307  H HG   . LEU A 1 22  ? -0.728  -6.316  3.102   1.00 0.00 ? 736 LEU A HG   1 
ATOM 308  H HD11 . LEU A 1 22  ? 1.840   -6.764  3.108   1.00 0.00 ? 736 LEU A HD11 1 
ATOM 309  H HD12 . LEU A 1 22  ? 1.225   -5.381  4.012   1.00 0.00 ? 736 LEU A HD12 1 
ATOM 310  H HD13 . LEU A 1 22  ? 1.962   -5.142  2.428   1.00 0.00 ? 736 LEU A HD13 1 
ATOM 311  H HD21 . LEU A 1 22  ? 0.260   -3.881  1.992   1.00 0.00 ? 736 LEU A HD21 1 
ATOM 312  H HD22 . LEU A 1 22  ? -1.419  -4.356  2.252   1.00 0.00 ? 736 LEU A HD22 1 
ATOM 313  H HD23 . LEU A 1 22  ? -0.623  -4.733  0.723   1.00 0.00 ? 736 LEU A HD23 1 
ATOM 314  N N    . GLN A 1 23  ? 2.676   -8.450  0.788   1.00 0.00 ? 737 GLN A N    1 
ATOM 315  C CA   . GLN A 1 23  ? 3.975   -9.038  1.216   1.00 0.00 ? 737 GLN A CA   1 
ATOM 316  C C    . GLN A 1 23  ? 5.079   -8.635  0.238   1.00 0.00 ? 737 GLN A C    1 
ATOM 317  O O    . GLN A 1 23  ? 6.217   -8.439  0.613   1.00 0.00 ? 737 GLN A O    1 
ATOM 318  C CB   . GLN A 1 23  ? 3.752   -10.549 1.172   1.00 0.00 ? 737 GLN A CB   1 
ATOM 319  C CG   . GLN A 1 23  ? 2.736   -10.945 2.243   1.00 0.00 ? 737 GLN A CG   1 
ATOM 320  C CD   . GLN A 1 23  ? 3.252   -10.526 3.622   1.00 0.00 ? 737 GLN A CD   1 
ATOM 321  O OE1  . GLN A 1 23  ? 2.677   -9.670  4.264   1.00 0.00 ? 737 GLN A OE1  1 
ATOM 322  N NE2  . GLN A 1 23  ? 4.319   -11.100 4.107   1.00 0.00 ? 737 GLN A NE2  1 
ATOM 323  H H    . GLN A 1 23  ? 1.931   -9.040  0.542   1.00 0.00 ? 737 GLN A H    1 
ATOM 324  H HA   . GLN A 1 23  ? 4.220   -8.726  2.219   1.00 0.00 ? 737 GLN A HA   1 
ATOM 325  H HB2  . GLN A 1 23  ? 3.377   -10.829 0.198   1.00 0.00 ? 737 GLN A HB2  1 
ATOM 326  H HB3  . GLN A 1 23  ? 4.688   -11.057 1.357   1.00 0.00 ? 737 GLN A HB3  1 
ATOM 327  H HG2  . GLN A 1 23  ? 1.795   -10.454 2.047   1.00 0.00 ? 737 GLN A HG2  1 
ATOM 328  H HG3  . GLN A 1 23  ? 2.595   -12.013 2.225   1.00 0.00 ? 737 GLN A HG3  1 
ATOM 329  H HE21 . GLN A 1 23  ? 4.782   -11.792 3.589   1.00 0.00 ? 737 GLN A HE21 1 
ATOM 330  H HE22 . GLN A 1 23  ? 4.658   -10.839 4.989   1.00 0.00 ? 737 GLN A HE22 1 
ATOM 331  N N    . GLN A 1 24  ? 4.746   -8.512  -1.019  1.00 0.00 ? 738 GLN A N    1 
ATOM 332  C CA   . GLN A 1 24  ? 5.766   -8.119  -2.029  1.00 0.00 ? 738 GLN A CA   1 
ATOM 333  C C    . GLN A 1 24  ? 6.049   -6.618  -1.937  1.00 0.00 ? 738 GLN A C    1 
ATOM 334  O O    . GLN A 1 24  ? 7.158   -6.170  -2.153  1.00 0.00 ? 738 GLN A O    1 
ATOM 335  C CB   . GLN A 1 24  ? 5.132   -8.463  -3.379  1.00 0.00 ? 738 GLN A CB   1 
ATOM 336  C CG   . GLN A 1 24  ? 4.782   -9.954  -3.420  1.00 0.00 ? 738 GLN A CG   1 
ATOM 337  C CD   . GLN A 1 24  ? 5.957   -10.738 -4.008  1.00 0.00 ? 738 GLN A CD   1 
ATOM 338  O OE1  . GLN A 1 24  ? 7.101   -10.373 -3.822  1.00 0.00 ? 738 GLN A OE1  1 
ATOM 339  N NE2  . GLN A 1 24  ? 5.721   -11.809 -4.715  1.00 0.00 ? 738 GLN A NE2  1 
ATOM 340  H H    . GLN A 1 24  ? 3.820   -8.673  -1.296  1.00 0.00 ? 738 GLN A H    1 
ATOM 341  H HA   . GLN A 1 24  ? 6.673   -8.684  -1.887  1.00 0.00 ? 738 GLN A HA   1 
ATOM 342  H HB2  . GLN A 1 24  ? 4.236   -7.880  -3.511  1.00 0.00 ? 738 GLN A HB2  1 
ATOM 343  H HB3  . GLN A 1 24  ? 5.830   -8.237  -4.172  1.00 0.00 ? 738 GLN A HB3  1 
ATOM 344  H HG2  . GLN A 1 24  ? 4.582   -10.306 -2.418  1.00 0.00 ? 738 GLN A HG2  1 
ATOM 345  H HG3  . GLN A 1 24  ? 3.906   -10.103 -4.035  1.00 0.00 ? 738 GLN A HG3  1 
ATOM 346  H HE21 . GLN A 1 24  ? 4.799   -12.104 -4.866  1.00 0.00 ? 738 GLN A HE21 1 
ATOM 347  H HE22 . GLN A 1 24  ? 6.467   -12.318 -5.097  1.00 0.00 ? 738 GLN A HE22 1 
ATOM 348  N N    . VAL A 1 25  ? 5.053   -5.838  -1.613  1.00 0.00 ? 739 VAL A N    1 
ATOM 349  C CA   . VAL A 1 25  ? 5.265   -4.368  -1.490  1.00 0.00 ? 739 VAL A CA   1 
ATOM 350  C C    . VAL A 1 25  ? 6.001   -4.055  -0.185  1.00 0.00 ? 739 VAL A C    1 
ATOM 351  O O    . VAL A 1 25  ? 6.984   -3.343  -0.172  1.00 0.00 ? 739 VAL A O    1 
ATOM 352  C CB   . VAL A 1 25  ? 3.851   -3.772  -1.472  1.00 0.00 ? 739 VAL A CB   1 
ATOM 353  C CG1  . VAL A 1 25  ? 3.921   -2.271  -1.173  1.00 0.00 ? 739 VAL A CG1  1 
ATOM 354  C CG2  . VAL A 1 25  ? 3.195   -3.986  -2.837  1.00 0.00 ? 739 VAL A CG2  1 
ATOM 355  H H    . VAL A 1 25  ? 4.170   -6.221  -1.436  1.00 0.00 ? 739 VAL A H    1 
ATOM 356  H HA   . VAL A 1 25  ? 5.820   -3.994  -2.337  1.00 0.00 ? 739 VAL A HA   1 
ATOM 357  H HB   . VAL A 1 25  ? 3.264   -4.263  -0.710  1.00 0.00 ? 739 VAL A HB   1 
ATOM 358  H HG11 . VAL A 1 25  ? 4.938   -1.997  -0.937  1.00 0.00 ? 739 VAL A HG11 1 
ATOM 359  H HG12 . VAL A 1 25  ? 3.281   -2.040  -0.334  1.00 0.00 ? 739 VAL A HG12 1 
ATOM 360  H HG13 . VAL A 1 25  ? 3.591   -1.716  -2.039  1.00 0.00 ? 739 VAL A HG13 1 
ATOM 361  H HG21 . VAL A 1 25  ? 2.129   -4.104  -2.710  1.00 0.00 ? 739 VAL A HG21 1 
ATOM 362  H HG22 . VAL A 1 25  ? 3.602   -4.873  -3.298  1.00 0.00 ? 739 VAL A HG22 1 
ATOM 363  H HG23 . VAL A 1 25  ? 3.390   -3.131  -3.468  1.00 0.00 ? 739 VAL A HG23 1 
ATOM 364  N N    . LYS A 1 26  ? 5.540   -4.596  0.908   1.00 0.00 ? 740 LYS A N    1 
ATOM 365  C CA   . LYS A 1 26  ? 6.209   -4.346  2.205   1.00 0.00 ? 740 LYS A CA   1 
ATOM 366  C C    . LYS A 1 26  ? 7.623   -4.929  2.198   1.00 0.00 ? 740 LYS A C    1 
ATOM 367  O O    . LYS A 1 26  ? 8.478   -4.523  2.961   1.00 0.00 ? 740 LYS A O    1 
ATOM 368  C CB   . LYS A 1 26  ? 5.330   -5.081  3.213   1.00 0.00 ? 740 LYS A CB   1 
ATOM 369  C CG   . LYS A 1 26  ? 5.320   -6.577  2.893   1.00 0.00 ? 740 LYS A CG   1 
ATOM 370  C CD   . LYS A 1 26  ? 6.300   -7.302  3.818   1.00 0.00 ? 740 LYS A CD   1 
ATOM 371  C CE   . LYS A 1 26  ? 5.517   -8.083  4.876   1.00 0.00 ? 740 LYS A CE   1 
ATOM 372  N NZ   . LYS A 1 26  ? 6.196   -7.766  6.163   1.00 0.00 ? 740 LYS A NZ   1 
ATOM 373  H H    . LYS A 1 26  ? 4.750   -5.170  0.880   1.00 0.00 ? 740 LYS A H    1 
ATOM 374  H HA   . LYS A 1 26  ? 6.234   -3.288  2.422   1.00 0.00 ? 740 LYS A HA   1 
ATOM 375  H HB2  . LYS A 1 26  ? 5.719   -4.930  4.194   1.00 0.00 ? 740 LYS A HB2  1 
ATOM 376  H HB3  . LYS A 1 26  ? 4.322   -4.695  3.161   1.00 0.00 ? 740 LYS A HB3  1 
ATOM 377  H HG2  . LYS A 1 26  ? 4.325   -6.970  3.043   1.00 0.00 ? 740 LYS A HG2  1 
ATOM 378  H HG3  . LYS A 1 26  ? 5.616   -6.728  1.865   1.00 0.00 ? 740 LYS A HG3  1 
ATOM 379  H HD2  . LYS A 1 26  ? 6.904   -7.985  3.239   1.00 0.00 ? 740 LYS A HD2  1 
ATOM 380  H HD3  . LYS A 1 26  ? 6.938   -6.579  4.303   1.00 0.00 ? 740 LYS A HD3  1 
ATOM 381  H HE2  . LYS A 1 26  ? 4.490   -7.754  4.902   1.00 0.00 ? 740 LYS A HE2  1 
ATOM 382  H HE3  . LYS A 1 26  ? 5.569   -9.143  4.675   1.00 0.00 ? 740 LYS A HE3  1 
ATOM 383  H HZ1  . LYS A 1 26  ? 6.060   -6.760  6.389   1.00 0.00 ? 740 LYS A HZ1  1 
ATOM 384  H HZ2  . LYS A 1 26  ? 7.214   -7.967  6.077   1.00 0.00 ? 740 LYS A HZ2  1 
ATOM 385  H HZ3  . LYS A 1 26  ? 5.791   -8.351  6.922   1.00 0.00 ? 740 LYS A HZ3  1 
ATOM 386  N N    . SER A 1 27  ? 7.873   -5.886  1.347   1.00 0.00 ? 741 SER A N    1 
ATOM 387  C CA   . SER A 1 27  ? 9.229   -6.502  1.294   1.00 0.00 ? 741 SER A CA   1 
ATOM 388  C C    . SER A 1 27  ? 10.192  -5.605  0.515   1.00 0.00 ? 741 SER A C    1 
ATOM 389  O O    . SER A 1 27  ? 11.395  -5.689  0.667   1.00 0.00 ? 741 SER A O    1 
ATOM 390  C CB   . SER A 1 27  ? 9.028   -7.830  0.561   1.00 0.00 ? 741 SER A CB   1 
ATOM 391  O OG   . SER A 1 27  ? 10.293  -8.383  0.230   1.00 0.00 ? 741 SER A OG   1 
ATOM 392  H H    . SER A 1 27  ? 7.169   -6.201  0.743   1.00 0.00 ? 741 SER A H    1 
ATOM 393  H HA   . SER A 1 27  ? 9.601   -6.676  2.292   1.00 0.00 ? 741 SER A HA   1 
ATOM 394  H HB2  . SER A 1 27  ? 8.491   -8.515  1.199   1.00 0.00 ? 741 SER A HB2  1 
ATOM 395  H HB3  . SER A 1 27  ? 8.462   -7.660  -0.343  1.00 0.00 ? 741 SER A HB3  1 
ATOM 396  H HG   . SER A 1 27  ? 10.157  -9.294  -0.044  1.00 0.00 ? 741 SER A HG   1 
ATOM 397  N N    . HIS A 1 28  ? 9.676   -4.745  -0.319  1.00 0.00 ? 742 HIS A N    1 
ATOM 398  C CA   . HIS A 1 28  ? 10.565  -3.844  -1.103  1.00 0.00 ? 742 HIS A CA   1 
ATOM 399  C C    . HIS A 1 28  ? 11.507  -3.084  -0.167  1.00 0.00 ? 742 HIS A C    1 
ATOM 400  O O    . HIS A 1 28  ? 11.296  -3.025  1.028   1.00 0.00 ? 742 HIS A O    1 
ATOM 401  C CB   . HIS A 1 28  ? 9.618   -2.877  -1.814  1.00 0.00 ? 742 HIS A CB   1 
ATOM 402  C CG   . HIS A 1 28  ? 10.050  -2.717  -3.245  1.00 0.00 ? 742 HIS A CG   1 
ATOM 403  N ND1  . HIS A 1 28  ? 10.167  -1.476  -3.849  1.00 0.00 ? 742 HIS A ND1  1 
ATOM 404  C CD2  . HIS A 1 28  ? 10.405  -3.635  -4.204  1.00 0.00 ? 742 HIS A CD2  1 
ATOM 405  C CE1  . HIS A 1 28  ? 10.572  -1.677  -5.116  1.00 0.00 ? 742 HIS A CE1  1 
ATOM 406  N NE2  . HIS A 1 28  ? 10.733  -2.975  -5.385  1.00 0.00 ? 742 HIS A NE2  1 
ATOM 407  H H    . HIS A 1 28  ? 8.703   -4.690  -0.427  1.00 0.00 ? 742 HIS A H    1 
ATOM 408  H HA   . HIS A 1 28  ? 11.131  -4.412  -1.827  1.00 0.00 ? 742 HIS A HA   1 
ATOM 409  H HB2  . HIS A 1 28  ? 8.612   -3.268  -1.781  1.00 0.00 ? 742 HIS A HB2  1 
ATOM 410  H HB3  . HIS A 1 28  ? 9.647   -1.916  -1.320  1.00 0.00 ? 742 HIS A HB3  1 
ATOM 411  H HD1  . HIS A 1 28  ? 9.985   -0.609  -3.430  1.00 0.00 ? 742 HIS A HD1  1 
ATOM 412  H HD2  . HIS A 1 28  ? 10.424  -4.705  -4.064  1.00 0.00 ? 742 HIS A HD2  1 
ATOM 413  H HE1  . HIS A 1 28  ? 10.747  -0.885  -5.830  1.00 0.00 ? 742 HIS A HE1  1 
ATOM 414  N N    . GLN A 1 29  ? 12.553  -2.511  -0.698  1.00 0.00 ? 743 GLN A N    1 
ATOM 415  C CA   . GLN A 1 29  ? 13.514  -1.762  0.162   1.00 0.00 ? 743 GLN A CA   1 
ATOM 416  C C    . GLN A 1 29  ? 13.002  -0.348  0.466   1.00 0.00 ? 743 GLN A C    1 
ATOM 417  O O    . GLN A 1 29  ? 13.716  0.468   1.015   1.00 0.00 ? 743 GLN A O    1 
ATOM 418  C CB   . GLN A 1 29  ? 14.800  -1.691  -0.665  1.00 0.00 ? 743 GLN A CB   1 
ATOM 419  C CG   . GLN A 1 29  ? 14.537  -0.910  -1.954  1.00 0.00 ? 743 GLN A CG   1 
ATOM 420  C CD   . GLN A 1 29  ? 15.202  -1.627  -3.131  1.00 0.00 ? 743 GLN A CD   1 
ATOM 421  O OE1  . GLN A 1 29  ? 16.128  -1.113  -3.726  1.00 0.00 ? 743 GLN A OE1  1 
ATOM 422  N NE2  . GLN A 1 29  ? 14.766  -2.803  -3.494  1.00 0.00 ? 743 GLN A NE2  1 
ATOM 423  H H    . GLN A 1 29  ? 12.707  -2.572  -1.665  1.00 0.00 ? 743 GLN A H    1 
ATOM 424  H HA   . GLN A 1 29  ? 13.691  -2.302  1.080   1.00 0.00 ? 743 GLN A HA   1 
ATOM 425  H HB2  . GLN A 1 29  ? 15.568  -1.192  -0.093  1.00 0.00 ? 743 GLN A HB2  1 
ATOM 426  H HB3  . GLN A 1 29  ? 15.126  -2.691  -0.910  1.00 0.00 ? 743 GLN A HB3  1 
ATOM 427  H HG2  . GLN A 1 29  ? 13.474  -0.847  -2.126  1.00 0.00 ? 743 GLN A HG2  1 
ATOM 428  H HG3  . GLN A 1 29  ? 14.946  0.085   -1.861  1.00 0.00 ? 743 GLN A HG3  1 
ATOM 429  H HE21 . GLN A 1 29  ? 14.019  -3.218  -3.014  1.00 0.00 ? 743 GLN A HE21 1 
ATOM 430  H HE22 . GLN A 1 29  ? 15.186  -3.270  -4.246  1.00 0.00 ? 743 GLN A HE22 1 
ATOM 431  N N    . SER A 1 30  ? 11.783  -0.040  0.112   1.00 0.00 ? 744 SER A N    1 
ATOM 432  C CA   . SER A 1 30  ? 11.262  1.332   0.370   1.00 0.00 ? 744 SER A CA   1 
ATOM 433  C C    . SER A 1 30  ? 9.982   1.293   1.213   1.00 0.00 ? 744 SER A C    1 
ATOM 434  O O    . SER A 1 30  ? 9.447   2.320   1.578   1.00 0.00 ? 744 SER A O    1 
ATOM 435  C CB   . SER A 1 30  ? 10.962  1.896   -1.020  1.00 0.00 ? 744 SER A CB   1 
ATOM 436  O OG   . SER A 1 30  ? 12.174  2.302   -1.639  1.00 0.00 ? 744 SER A OG   1 
ATOM 437  H H    . SER A 1 30  ? 11.219  -0.699  -0.343  1.00 0.00 ? 744 SER A H    1 
ATOM 438  H HA   . SER A 1 30  ? 12.015  1.930   0.860   1.00 0.00 ? 744 SER A HA   1 
ATOM 439  H HB2  . SER A 1 30  ? 10.489  1.135   -1.623  1.00 0.00 ? 744 SER A HB2  1 
ATOM 440  H HB3  . SER A 1 30  ? 10.301  2.745   -0.930  1.00 0.00 ? 744 SER A HB3  1 
ATOM 441  H HG   . SER A 1 30  ? 12.694  1.516   -1.819  1.00 0.00 ? 744 SER A HG   1 
ATOM 442  N N    . ALA A 1 31  ? 9.465   0.128   1.502   1.00 0.00 ? 745 ALA A N    1 
ATOM 443  C CA   . ALA A 1 31  ? 8.215   0.054   2.316   1.00 0.00 ? 745 ALA A CA   1 
ATOM 444  C C    . ALA A 1 31  ? 8.517   0.193   3.811   1.00 0.00 ? 745 ALA A C    1 
ATOM 445  O O    . ALA A 1 31  ? 7.630   0.087   4.635   1.00 0.00 ? 745 ALA A O    1 
ATOM 446  C CB   . ALA A 1 31  ? 7.633   -1.329  2.032   1.00 0.00 ? 745 ALA A CB   1 
ATOM 447  H H    . ALA A 1 31  ? 9.901   -0.695  1.198   1.00 0.00 ? 745 ALA A H    1 
ATOM 448  H HA   . ALA A 1 31  ? 7.522   0.822   2.004   1.00 0.00 ? 745 ALA A HA   1 
ATOM 449  H HB1  . ALA A 1 31  ? 7.893   -2.001  2.837   1.00 0.00 ? 745 ALA A HB1  1 
ATOM 450  H HB2  . ALA A 1 31  ? 8.034   -1.708  1.105   1.00 0.00 ? 745 ALA A HB2  1 
ATOM 451  H HB3  . ALA A 1 31  ? 6.557   -1.256  1.958   1.00 0.00 ? 745 ALA A HB3  1 
ATOM 452  N N    . TRP A 1 32  ? 9.749   0.428   4.179   1.00 0.00 ? 746 TRP A N    1 
ATOM 453  C CA   . TRP A 1 32  ? 10.061  0.561   5.631   1.00 0.00 ? 746 TRP A CA   1 
ATOM 454  C C    . TRP A 1 32  ? 9.295   1.728   6.297   1.00 0.00 ? 746 TRP A C    1 
ATOM 455  O O    . TRP A 1 32  ? 9.029   1.656   7.480   1.00 0.00 ? 746 TRP A O    1 
ATOM 456  C CB   . TRP A 1 32  ? 11.581  0.761   5.735   1.00 0.00 ? 746 TRP A CB   1 
ATOM 457  C CG   . TRP A 1 32  ? 12.020  1.946   4.942   1.00 0.00 ? 746 TRP A CG   1 
ATOM 458  C CD1  . TRP A 1 32  ? 12.446  1.907   3.659   1.00 0.00 ? 746 TRP A CD1  1 
ATOM 459  C CD2  . TRP A 1 32  ? 12.095  3.343   5.353   1.00 0.00 ? 746 TRP A CD2  1 
ATOM 460  N NE1  . TRP A 1 32  ? 12.772  3.188   3.256   1.00 0.00 ? 746 TRP A NE1  1 
ATOM 461  C CE2  . TRP A 1 32  ? 12.575  4.108   4.264   1.00 0.00 ? 746 TRP A CE2  1 
ATOM 462  C CE3  . TRP A 1 32  ? 11.795  4.013   6.554   1.00 0.00 ? 746 TRP A CE3  1 
ATOM 463  C CZ2  . TRP A 1 32  ? 12.750  5.487   4.362   1.00 0.00 ? 746 TRP A CZ2  1 
ATOM 464  C CZ3  . TRP A 1 32  ? 11.972  5.403   6.653   1.00 0.00 ? 746 TRP A CZ3  1 
ATOM 465  C CH2  . TRP A 1 32  ? 12.448  6.137   5.557   1.00 0.00 ? 746 TRP A CH2  1 
ATOM 466  H H    . TRP A 1 32  ? 10.461  0.508   3.512   1.00 0.00 ? 746 TRP A H    1 
ATOM 467  H HA   . TRP A 1 32  ? 9.796   -0.359  6.131   1.00 0.00 ? 746 TRP A HA   1 
ATOM 468  H HB2  . TRP A 1 32  ? 11.846  0.908   6.771   1.00 0.00 ? 746 TRP A HB2  1 
ATOM 469  H HB3  . TRP A 1 32  ? 12.081  -0.120  5.362   1.00 0.00 ? 746 TRP A HB3  1 
ATOM 470  H HD1  . TRP A 1 32  ? 12.513  1.020   3.048   1.00 0.00 ? 746 TRP A HD1  1 
ATOM 471  H HE1  . TRP A 1 32  ? 13.108  3.432   2.369   1.00 0.00 ? 746 TRP A HE1  1 
ATOM 472  H HE3  . TRP A 1 32  ? 11.428  3.456   7.402   1.00 0.00 ? 746 TRP A HE3  1 
ATOM 473  H HZ2  . TRP A 1 32  ? 13.116  6.052   3.519   1.00 0.00 ? 746 TRP A HZ2  1 
ATOM 474  H HZ3  . TRP A 1 32  ? 11.739  5.910   7.578   1.00 0.00 ? 746 TRP A HZ3  1 
ATOM 475  H HH2  . TRP A 1 32  ? 12.583  7.204   5.636   1.00 0.00 ? 746 TRP A HH2  1 
ATOM 476  N N    . PRO A 1 33  ? 8.939   2.769   5.557   1.00 0.00 ? 747 PRO A N    1 
ATOM 477  C CA   . PRO A 1 33  ? 8.168   3.866   6.168   1.00 0.00 ? 747 PRO A CA   1 
ATOM 478  C C    . PRO A 1 33  ? 6.666   3.551   6.117   1.00 0.00 ? 747 PRO A C    1 
ATOM 479  O O    . PRO A 1 33  ? 5.848   4.321   6.580   1.00 0.00 ? 747 PRO A O    1 
ATOM 480  C CB   . PRO A 1 33  ? 8.491   5.074   5.284   1.00 0.00 ? 747 PRO A CB   1 
ATOM 481  C CG   . PRO A 1 33  ? 9.100   4.528   4.021   1.00 0.00 ? 747 PRO A CG   1 
ATOM 482  C CD   . PRO A 1 33  ? 9.139   3.025   4.128   1.00 0.00 ? 747 PRO A CD   1 
ATOM 483  H HA   . PRO A 1 33  ? 8.489   4.038   7.184   1.00 0.00 ? 747 PRO A HA   1 
ATOM 484  H HB2  . PRO A 1 33  ? 7.585   5.617   5.054   1.00 0.00 ? 747 PRO A HB2  1 
ATOM 485  H HB3  . PRO A 1 33  ? 9.194   5.722   5.785   1.00 0.00 ? 747 PRO A HB3  1 
ATOM 486  H HG2  . PRO A 1 33  ? 8.499   4.816   3.172   1.00 0.00 ? 747 PRO A HG2  1 
ATOM 487  H HG3  . PRO A 1 33  ? 10.102  4.912   3.903   1.00 0.00 ? 747 PRO A HG3  1 
ATOM 488  H HD2  . PRO A 1 33  ? 8.336   2.591   3.552   1.00 0.00 ? 747 PRO A HD2  1 
ATOM 489  H HD3  . PRO A 1 33  ? 10.087  2.650   3.794   1.00 0.00 ? 747 PRO A HD3  1 
ATOM 490  N N    . PHE A 1 34  ? 6.294   2.427   5.552   1.00 0.00 ? 748 PHE A N    1 
ATOM 491  C CA   . PHE A 1 34  ? 4.845   2.079   5.463   1.00 0.00 ? 748 PHE A CA   1 
ATOM 492  C C    . PHE A 1 34  ? 4.587   0.715   6.103   1.00 0.00 ? 748 PHE A C    1 
ATOM 493  O O    . PHE A 1 34  ? 3.564   0.099   5.873   1.00 0.00 ? 748 PHE A O    1 
ATOM 494  C CB   . PHE A 1 34  ? 4.519   2.020   3.961   1.00 0.00 ? 748 PHE A CB   1 
ATOM 495  C CG   . PHE A 1 34  ? 5.111   3.214   3.240   1.00 0.00 ? 748 PHE A CG   1 
ATOM 496  C CD1  . PHE A 1 34  ? 5.013   4.494   3.798   1.00 0.00 ? 748 PHE A CD1  1 
ATOM 497  C CD2  . PHE A 1 34  ? 5.772   3.030   2.021   1.00 0.00 ? 748 PHE A CD2  1 
ATOM 498  C CE1  . PHE A 1 34  ? 5.568   5.592   3.130   1.00 0.00 ? 748 PHE A CE1  1 
ATOM 499  C CE2  . PHE A 1 34  ? 6.328   4.127   1.353   1.00 0.00 ? 748 PHE A CE2  1 
ATOM 500  C CZ   . PHE A 1 34  ? 6.226   5.407   1.907   1.00 0.00 ? 748 PHE A CZ   1 
ATOM 501  H H    . PHE A 1 34  ? 6.961   1.818   5.177   1.00 0.00 ? 748 PHE A H    1 
ATOM 502  H HA   . PHE A 1 34  ? 4.247   2.833   5.946   1.00 0.00 ? 748 PHE A HA   1 
ATOM 503  H HB2  . PHE A 1 34  ? 4.930   1.113   3.543   1.00 0.00 ? 748 PHE A HB2  1 
ATOM 504  H HB3  . PHE A 1 34  ? 3.448   2.020   3.828   1.00 0.00 ? 748 PHE A HB3  1 
ATOM 505  H HD1  . PHE A 1 34  ? 4.505   4.635   4.741   1.00 0.00 ? 748 PHE A HD1  1 
ATOM 506  H HD2  . PHE A 1 34  ? 5.851   2.043   1.595   1.00 0.00 ? 748 PHE A HD2  1 
ATOM 507  H HE1  . PHE A 1 34  ? 5.489   6.580   3.557   1.00 0.00 ? 748 PHE A HE1  1 
ATOM 508  H HE2  . PHE A 1 34  ? 6.834   3.984   0.410   1.00 0.00 ? 748 PHE A HE2  1 
ATOM 509  H HZ   . PHE A 1 34  ? 6.656   6.252   1.392   1.00 0.00 ? 748 PHE A HZ   1 
ATOM 510  N N    . MET A 1 35  ? 5.499   0.231   6.900   1.00 0.00 ? 749 MET A N    1 
ATOM 511  C CA   . MET A 1 35  ? 5.281   -1.094  7.542   1.00 0.00 ? 749 MET A CA   1 
ATOM 512  C C    . MET A 1 35  ? 4.627   -0.922  8.914   1.00 0.00 ? 749 MET A C    1 
ATOM 513  O O    . MET A 1 35  ? 4.666   -1.806  9.746   1.00 0.00 ? 749 MET A O    1 
ATOM 514  C CB   . MET A 1 35  ? 6.676   -1.703  7.681   1.00 0.00 ? 749 MET A CB   1 
ATOM 515  C CG   . MET A 1 35  ? 6.843   -2.826  6.653   1.00 0.00 ? 749 MET A CG   1 
ATOM 516  S SD   . MET A 1 35  ? 5.823   -4.243  7.136   1.00 0.00 ? 749 MET A SD   1 
ATOM 517  C CE   . MET A 1 35  ? 4.443   -3.936  6.005   1.00 0.00 ? 749 MET A CE   1 
ATOM 518  H H    . MET A 1 35  ? 6.323   0.735   7.077   1.00 0.00 ? 749 MET A H    1 
ATOM 519  H HA   . MET A 1 35  ? 4.664   -1.712  6.911   1.00 0.00 ? 749 MET A HA   1 
ATOM 520  H HB2  . MET A 1 35  ? 7.422   -0.942  7.506   1.00 0.00 ? 749 MET A HB2  1 
ATOM 521  H HB3  . MET A 1 35  ? 6.798   -2.105  8.676   1.00 0.00 ? 749 MET A HB3  1 
ATOM 522  H HG2  . MET A 1 35  ? 6.531   -2.472  5.681   1.00 0.00 ? 749 MET A HG2  1 
ATOM 523  H HG3  . MET A 1 35  ? 7.879   -3.125  6.612   1.00 0.00 ? 749 MET A HG3  1 
ATOM 524  H HE1  . MET A 1 35  ? 4.205   -4.844  5.470   1.00 0.00 ? 749 MET A HE1  1 
ATOM 525  H HE2  . MET A 1 35  ? 4.719   -3.164  5.300   1.00 0.00 ? 749 MET A HE2  1 
ATOM 526  H HE3  . MET A 1 35  ? 3.579   -3.615  6.569   1.00 0.00 ? 749 MET A HE3  1 
ATOM 527  N N    . GLU A 1 36  ? 4.018   0.209   9.156   1.00 0.00 ? 750 GLU A N    1 
ATOM 528  C CA   . GLU A 1 36  ? 3.345   0.427   10.468  1.00 0.00 ? 750 GLU A CA   1 
ATOM 529  C C    . GLU A 1 36  ? 2.634   1.786   10.490  1.00 0.00 ? 750 GLU A C    1 
ATOM 530  O O    . GLU A 1 36  ? 2.773   2.572   9.574   1.00 0.00 ? 750 GLU A O    1 
ATOM 531  C CB   . GLU A 1 36  ? 4.467   0.402   11.508  1.00 0.00 ? 750 GLU A CB   1 
ATOM 532  C CG   . GLU A 1 36  ? 4.125   -0.593  12.614  1.00 0.00 ? 750 GLU A CG   1 
ATOM 533  C CD   . GLU A 1 36  ? 5.277   -1.587  12.781  1.00 0.00 ? 750 GLU A CD   1 
ATOM 534  O OE1  . GLU A 1 36  ? 6.416   -1.152  12.752  1.00 0.00 ? 750 GLU A OE1  1 
ATOM 535  O OE2  . GLU A 1 36  ? 4.999   -2.765  12.937  1.00 0.00 ? 750 GLU A OE2  1 
ATOM 536  H H    . GLU A 1 36  ? 3.989   0.907   8.469   1.00 0.00 ? 750 GLU A H    1 
ATOM 537  H HA   . GLU A 1 36  ? 2.638   -0.366  10.663  1.00 0.00 ? 750 GLU A HA   1 
ATOM 538  H HB2  . GLU A 1 36  ? 5.386   0.109   11.034  1.00 0.00 ? 750 GLU A HB2  1 
ATOM 539  H HB3  . GLU A 1 36  ? 4.580   1.384   11.936  1.00 0.00 ? 750 GLU A HB3  1 
ATOM 540  H HG2  . GLU A 1 36  ? 3.969   -0.064  13.542  1.00 0.00 ? 750 GLU A HG2  1 
ATOM 541  H HG3  . GLU A 1 36  ? 3.227   -1.126  12.349  1.00 0.00 ? 750 GLU A HG3  1 
ATOM 542  N N    . PRO A 1 37  ? 1.906   2.022   11.552  1.00 0.00 ? 751 PRO A N    1 
ATOM 543  C CA   . PRO A 1 37  ? 1.139   3.277   11.696  1.00 0.00 ? 751 PRO A CA   1 
ATOM 544  C C    . PRO A 1 37  ? 2.031   4.397   12.214  1.00 0.00 ? 751 PRO A C    1 
ATOM 545  O O    . PRO A 1 37  ? 2.810   4.219   13.129  1.00 0.00 ? 751 PRO A O    1 
ATOM 546  C CB   . PRO A 1 37  ? 0.055   2.932   12.729  1.00 0.00 ? 751 PRO A CB   1 
ATOM 547  C CG   . PRO A 1 37  ? 0.279   1.493   13.111  1.00 0.00 ? 751 PRO A CG   1 
ATOM 548  C CD   . PRO A 1 37  ? 1.669   1.126   12.679  1.00 0.00 ? 751 PRO A CD   1 
ATOM 549  H HA   . PRO A 1 37  ? 0.692   3.566   10.756  1.00 0.00 ? 751 PRO A HA   1 
ATOM 550  H HB2  . PRO A 1 37  ? 0.155   3.566   13.597  1.00 0.00 ? 751 PRO A HB2  1 
ATOM 551  H HB3  . PRO A 1 37  ? -0.926  3.051   12.292  1.00 0.00 ? 751 PRO A HB3  1 
ATOM 552  H HG2  . PRO A 1 37  ? 0.184   1.377   14.179  1.00 0.00 ? 751 PRO A HG2  1 
ATOM 553  H HG3  . PRO A 1 37  ? -0.441  0.863   12.608  1.00 0.00 ? 751 PRO A HG3  1 
ATOM 554  H HD2  . PRO A 1 37  ? 2.378   1.315   13.472  1.00 0.00 ? 751 PRO A HD2  1 
ATOM 555  H HD3  . PRO A 1 37  ? 1.717   0.095   12.358  1.00 0.00 ? 751 PRO A HD3  1 
ATOM 556  N N    . VAL A 1 38  ? 1.918   5.552   11.628  1.00 0.00 ? 752 VAL A N    1 
ATOM 557  C CA   . VAL A 1 38  ? 2.744   6.701   12.073  1.00 0.00 ? 752 VAL A CA   1 
ATOM 558  C C    . VAL A 1 38  ? 2.591   6.921   13.579  1.00 0.00 ? 752 VAL A C    1 
ATOM 559  O O    . VAL A 1 38  ? 1.787   6.283   14.230  1.00 0.00 ? 752 VAL A O    1 
ATOM 560  C CB   . VAL A 1 38  ? 2.185   7.894   11.298  1.00 0.00 ? 752 VAL A CB   1 
ATOM 561  C CG1  . VAL A 1 38  ? 2.427   7.692   9.800   1.00 0.00 ? 752 VAL A CG1  1 
ATOM 562  C CG2  . VAL A 1 38  ? 0.683   8.023   11.560  1.00 0.00 ? 752 VAL A CG2  1 
ATOM 563  H H    . VAL A 1 38  ? 1.278   5.665   10.895  1.00 0.00 ? 752 VAL A H    1 
ATOM 564  H HA   . VAL A 1 38  ? 3.782   6.541   11.818  1.00 0.00 ? 752 VAL A HA   1 
ATOM 565  H HB   . VAL A 1 38  ? 2.681   8.788   11.621  1.00 0.00 ? 752 VAL A HB   1 
ATOM 566  H HG11 . VAL A 1 38  ? 1.741   8.308   9.239   1.00 0.00 ? 752 VAL A HG11 1 
ATOM 567  H HG12 . VAL A 1 38  ? 2.270   6.654   9.547   1.00 0.00 ? 752 VAL A HG12 1 
ATOM 568  H HG13 . VAL A 1 38  ? 3.443   7.971   9.559   1.00 0.00 ? 752 VAL A HG13 1 
ATOM 569  H HG21 . VAL A 1 38  ? 0.147   7.315   10.945  1.00 0.00 ? 752 VAL A HG21 1 
ATOM 570  H HG22 . VAL A 1 38  ? 0.360   9.025   11.318  1.00 0.00 ? 752 VAL A HG22 1 
ATOM 571  H HG23 . VAL A 1 38  ? 0.480   7.821   12.601  1.00 0.00 ? 752 VAL A HG23 1 
ATOM 572  N N    . LYS A 1 39  ? 3.355   7.818   14.139  1.00 0.00 ? 753 LYS A N    1 
ATOM 573  C CA   . LYS A 1 39  ? 3.258   8.071   15.605  1.00 0.00 ? 753 LYS A CA   1 
ATOM 574  C C    . LYS A 1 39  ? 2.801   9.506   15.873  1.00 0.00 ? 753 LYS A C    1 
ATOM 575  O O    . LYS A 1 39  ? 2.401   10.220  14.975  1.00 0.00 ? 753 LYS A O    1 
ATOM 576  C CB   . LYS A 1 39  ? 4.681   7.864   16.126  1.00 0.00 ? 753 LYS A CB   1 
ATOM 577  C CG   . LYS A 1 39  ? 4.695   6.713   17.135  1.00 0.00 ? 753 LYS A CG   1 
ATOM 578  C CD   . LYS A 1 39  ? 5.459   5.527   16.546  1.00 0.00 ? 753 LYS A CD   1 
ATOM 579  C CE   . LYS A 1 39  ? 4.469   4.435   16.136  1.00 0.00 ? 753 LYS A CE   1 
ATOM 580  N NZ   . LYS A 1 39  ? 4.196   3.679   17.390  1.00 0.00 ? 753 LYS A NZ   1 
ATOM 581  H H    . LYS A 1 39  ? 4.001   8.318   13.597  1.00 0.00 ? 753 LYS A H    1 
ATOM 582  H HA   . LYS A 1 39  ? 2.581   7.367   16.065  1.00 0.00 ? 753 LYS A HA   1 
ATOM 583  H HB2  . LYS A 1 39  ? 5.336   7.628   15.301  1.00 0.00 ? 753 LYS A HB2  1 
ATOM 584  H HB3  . LYS A 1 39  ? 5.023   8.768   16.608  1.00 0.00 ? 753 LYS A HB3  1 
ATOM 585  H HG2  . LYS A 1 39  ? 5.180   7.038   18.044  1.00 0.00 ? 753 LYS A HG2  1 
ATOM 586  H HG3  . LYS A 1 39  ? 3.681   6.415   17.356  1.00 0.00 ? 753 LYS A HG3  1 
ATOM 587  H HD2  . LYS A 1 39  ? 6.016   5.851   15.679  1.00 0.00 ? 753 LYS A HD2  1 
ATOM 588  H HD3  . LYS A 1 39  ? 6.141   5.134   17.286  1.00 0.00 ? 753 LYS A HD3  1 
ATOM 589  H HE2  . LYS A 1 39  ? 3.559   4.876   15.758  1.00 0.00 ? 753 LYS A HE2  1 
ATOM 590  H HE3  . LYS A 1 39  ? 4.910   3.786   15.394  1.00 0.00 ? 753 LYS A HE3  1 
ATOM 591  H HZ1  . LYS A 1 39  ? 3.725   4.303   18.076  1.00 0.00 ? 753 LYS A HZ1  1 
ATOM 592  H HZ2  . LYS A 1 39  ? 5.093   3.338   17.792  1.00 0.00 ? 753 LYS A HZ2  1 
ATOM 593  H HZ3  . LYS A 1 39  ? 3.581   2.867   17.179  1.00 0.00 ? 753 LYS A HZ3  1 
ATOM 594  N N    . ARG A 1 40  ? 2.863   9.937   17.104  1.00 0.00 ? 754 ARG A N    1 
ATOM 595  C CA   . ARG A 1 40  ? 2.441   11.328  17.429  1.00 0.00 ? 754 ARG A CA   1 
ATOM 596  C C    . ARG A 1 40  ? 3.668   12.219  17.634  1.00 0.00 ? 754 ARG A C    1 
ATOM 597  O O    . ARG A 1 40  ? 3.655   13.393  17.319  1.00 0.00 ? 754 ARG A O    1 
ATOM 598  C CB   . ARG A 1 40  ? 1.648   11.203  18.731  1.00 0.00 ? 754 ARG A CB   1 
ATOM 599  C CG   . ARG A 1 40  ? 0.259   11.816  18.543  1.00 0.00 ? 754 ARG A CG   1 
ATOM 600  C CD   . ARG A 1 40  ? 0.397   13.313  18.259  1.00 0.00 ? 754 ARG A CD   1 
ATOM 601  N NE   . ARG A 1 40  ? -0.999  13.841  18.302  1.00 0.00 ? 754 ARG A NE   1 
ATOM 602  C CZ   . ARG A 1 40  ? -1.642  13.953  19.441  1.00 0.00 ? 754 ARG A CZ   1 
ATOM 603  N NH1  . ARG A 1 40  ? -1.080  13.605  20.572  1.00 0.00 ? 754 ARG A NH1  1 
ATOM 604  N NH2  . ARG A 1 40  ? -2.860  14.418  19.446  1.00 0.00 ? 754 ARG A NH2  1 
ATOM 605  H H    . ARG A 1 40  ? 3.193   9.347   17.813  1.00 0.00 ? 754 ARG A H    1 
ATOM 606  H HA   . ARG A 1 40  ? 1.814   11.725  16.644  1.00 0.00 ? 754 ARG A HA   1 
ATOM 607  H HB2  . ARG A 1 40  ? 1.547   10.159  18.993  1.00 0.00 ? 754 ARG A HB2  1 
ATOM 608  H HB3  . ARG A 1 40  ? 2.167   11.724  19.522  1.00 0.00 ? 754 ARG A HB3  1 
ATOM 609  H HG2  . ARG A 1 40  ? -0.236  11.336  17.711  1.00 0.00 ? 754 ARG A HG2  1 
ATOM 610  H HG3  . ARG A 1 40  ? -0.324  11.672  19.440  1.00 0.00 ? 754 ARG A HG3  1 
ATOM 611  H HD2  . ARG A 1 40  ? 1.002   13.784  19.019  1.00 0.00 ? 754 ARG A HD2  1 
ATOM 612  H HD3  . ARG A 1 40  ? 0.829   13.471  17.281  1.00 0.00 ? 754 ARG A HD3  1 
ATOM 613  H HE   . ARG A 1 40  ? -1.440  14.108  17.469  1.00 0.00 ? 754 ARG A HE   1 
ATOM 614  H HH11 . ARG A 1 40  ? -0.147  13.247  20.584  1.00 0.00 ? 754 ARG A HH11 1 
ATOM 615  H HH12 . ARG A 1 40  ? -1.587  13.698  21.428  1.00 0.00 ? 754 ARG A HH12 1 
ATOM 616  H HH21 . ARG A 1 40  ? -3.298  14.687  18.588  1.00 0.00 ? 754 ARG A HH21 1 
ATOM 617  H HH22 . ARG A 1 40  ? -3.359  14.507  20.309  1.00 0.00 ? 754 ARG A HH22 1 
ATOM 618  N N    . THR A 1 41  ? 4.730   11.670  18.157  1.00 0.00 ? 755 THR A N    1 
ATOM 619  C CA   . THR A 1 41  ? 5.960   12.484  18.373  1.00 0.00 ? 755 THR A CA   1 
ATOM 620  C C    . THR A 1 41  ? 6.944   12.277  17.218  1.00 0.00 ? 755 THR A C    1 
ATOM 621  O O    . THR A 1 41  ? 7.769   13.121  16.935  1.00 0.00 ? 755 THR A O    1 
ATOM 622  C CB   . THR A 1 41  ? 6.556   11.971  19.685  1.00 0.00 ? 755 THR A CB   1 
ATOM 623  O OG1  . THR A 1 41  ? 7.775   12.651  19.948  1.00 0.00 ? 755 THR A OG1  1 
ATOM 624  C CG2  . THR A 1 41  ? 6.825   10.468  19.581  1.00 0.00 ? 755 THR A CG2  1 
ATOM 625  H H    . THR A 1 41  ? 4.721   10.720  18.398  1.00 0.00 ? 755 THR A H    1 
ATOM 626  H HA   . THR A 1 41  ? 5.706   13.528  18.467  1.00 0.00 ? 755 THR A HA   1 
ATOM 627  H HB   . THR A 1 41  ? 5.861   12.158  20.489  1.00 0.00 ? 755 THR A HB   1 
ATOM 628  H HG1  . THR A 1 41  ? 8.394   12.434  19.247  1.00 0.00 ? 755 THR A HG1  1 
ATOM 629  H HG21 . THR A 1 41  ? 7.236   10.242  18.609  1.00 0.00 ? 755 THR A HG21 1 
ATOM 630  H HG22 . THR A 1 41  ? 5.901   9.926   19.717  1.00 0.00 ? 755 THR A HG22 1 
ATOM 631  H HG23 . THR A 1 41  ? 7.529   10.174  20.346  1.00 0.00 ? 755 THR A HG23 1 
ATOM 632  N N    . GLU A 1 42  ? 6.856   11.162  16.547  1.00 0.00 ? 756 GLU A N    1 
ATOM 633  C CA   . GLU A 1 42  ? 7.776   10.907  15.402  1.00 0.00 ? 756 GLU A CA   1 
ATOM 634  C C    . GLU A 1 42  ? 7.172   11.460  14.112  1.00 0.00 ? 756 GLU A C    1 
ATOM 635  O O    . GLU A 1 42  ? 7.852   12.061  13.304  1.00 0.00 ? 756 GLU A O    1 
ATOM 636  C CB   . GLU A 1 42  ? 7.897   9.384   15.325  1.00 0.00 ? 756 GLU A CB   1 
ATOM 637  C CG   . GLU A 1 42  ? 8.607   8.866   16.578  1.00 0.00 ? 756 GLU A CG   1 
ATOM 638  C CD   . GLU A 1 42  ? 9.395   7.601   16.232  1.00 0.00 ? 756 GLU A CD   1 
ATOM 639  O OE1  . GLU A 1 42  ? 9.023   6.935   15.279  1.00 0.00 ? 756 GLU A OE1  1 
ATOM 640  O OE2  . GLU A 1 42  ? 10.357  7.317   16.928  1.00 0.00 ? 756 GLU A OE2  1 
ATOM 641  H H    . GLU A 1 42  ? 6.179   10.496  16.788  1.00 0.00 ? 756 GLU A H    1 
ATOM 642  H HA   . GLU A 1 42  ? 8.741   11.354  15.585  1.00 0.00 ? 756 GLU A HA   1 
ATOM 643  H HB2  . GLU A 1 42  ? 6.911   8.947   15.263  1.00 0.00 ? 756 GLU A HB2  1 
ATOM 644  H HB3  . GLU A 1 42  ? 8.468   9.111   14.451  1.00 0.00 ? 756 GLU A HB3  1 
ATOM 645  H HG2  . GLU A 1 42  ? 9.284   9.622   16.947  1.00 0.00 ? 756 GLU A HG2  1 
ATOM 646  H HG3  . GLU A 1 42  ? 7.874   8.636   17.338  1.00 0.00 ? 756 GLU A HG3  1 
ATOM 647  N N    . ALA A 1 43  ? 5.898   11.270  13.915  1.00 0.00 ? 757 ALA A N    1 
ATOM 648  C CA   . ALA A 1 43  ? 5.254   11.795  12.682  1.00 0.00 ? 757 ALA A CA   1 
ATOM 649  C C    . ALA A 1 43  ? 5.162   13.327  12.748  1.00 0.00 ? 757 ALA A C    1 
ATOM 650  O O    . ALA A 1 43  ? 4.715   13.870  13.738  1.00 0.00 ? 757 ALA A O    1 
ATOM 651  C CB   . ALA A 1 43  ? 3.856   11.174  12.678  1.00 0.00 ? 757 ALA A CB   1 
ATOM 652  H H    . ALA A 1 43  ? 5.364   10.786  14.580  1.00 0.00 ? 757 ALA A H    1 
ATOM 653  H HA   . ALA A 1 43  ? 5.806   11.479  11.810  1.00 0.00 ? 757 ALA A HA   1 
ATOM 654  H HB1  . ALA A 1 43  ? 3.604   10.863  11.674  1.00 0.00 ? 757 ALA A HB1  1 
ATOM 655  H HB2  . ALA A 1 43  ? 3.137   11.903  13.020  1.00 0.00 ? 757 ALA A HB2  1 
ATOM 656  H HB3  . ALA A 1 43  ? 3.842   10.317  13.334  1.00 0.00 ? 757 ALA A HB3  1 
ATOM 657  N N    . PRO A 1 44  ? 5.595   13.982  11.696  1.00 0.00 ? 758 PRO A N    1 
ATOM 658  C CA   . PRO A 1 44  ? 5.562   15.464  11.661  1.00 0.00 ? 758 PRO A CA   1 
ATOM 659  C C    . PRO A 1 44  ? 4.177   15.987  12.053  1.00 0.00 ? 758 PRO A C    1 
ATOM 660  O O    . PRO A 1 44  ? 4.052   17.013  12.692  1.00 0.00 ? 758 PRO A O    1 
ATOM 661  C CB   . PRO A 1 44  ? 5.878   15.818  10.202  1.00 0.00 ? 758 PRO A CB   1 
ATOM 662  C CG   . PRO A 1 44  ? 5.936   14.518  9.455   1.00 0.00 ? 758 PRO A CG   1 
ATOM 663  C CD   . PRO A 1 44  ? 6.154   13.425  10.463  1.00 0.00 ? 758 PRO A CD   1 
ATOM 664  H HA   . PRO A 1 44  ? 6.316   15.871  12.316  1.00 0.00 ? 758 PRO A HA   1 
ATOM 665  H HB2  . PRO A 1 44  ? 5.099   16.446  9.795   1.00 0.00 ? 758 PRO A HB2  1 
ATOM 666  H HB3  . PRO A 1 44  ? 6.832   16.323  10.141  1.00 0.00 ? 758 PRO A HB3  1 
ATOM 667  H HG2  . PRO A 1 44  ? 5.005   14.354  8.933   1.00 0.00 ? 758 PRO A HG2  1 
ATOM 668  H HG3  . PRO A 1 44  ? 6.753   14.535  8.750   1.00 0.00 ? 758 PRO A HG3  1 
ATOM 669  H HD2  . PRO A 1 44  ? 5.623   12.530  10.176  1.00 0.00 ? 758 PRO A HD2  1 
ATOM 670  H HD3  . PRO A 1 44  ? 7.209   13.220  10.586  1.00 0.00 ? 758 PRO A HD3  1 
ATOM 671  N N    . GLY A 1 45  ? 3.136   15.294  11.678  1.00 0.00 ? 759 GLY A N    1 
ATOM 672  C CA   . GLY A 1 45  ? 1.768   15.762  12.039  1.00 0.00 ? 759 GLY A CA   1 
ATOM 673  C C    . GLY A 1 45  ? 0.730   15.031  11.185  1.00 0.00 ? 759 GLY A C    1 
ATOM 674  O O    . GLY A 1 45  ? -0.147  15.637  10.603  1.00 0.00 ? 759 GLY A O    1 
ATOM 675  H H    . GLY A 1 45  ? 3.255   14.467  11.165  1.00 0.00 ? 759 GLY A H    1 
ATOM 676  H HA2  . GLY A 1 45  ? 1.582   15.557  13.082  1.00 0.00 ? 759 GLY A HA2  1 
ATOM 677  H HA3  . GLY A 1 45  ? 1.693   16.825  11.863  1.00 0.00 ? 759 GLY A HA3  1 
ATOM 678  N N    . TYR A 1 46  ? 0.817   13.731  11.112  1.00 0.00 ? 760 TYR A N    1 
ATOM 679  C CA   . TYR A 1 46  ? -0.173  12.964  10.304  1.00 0.00 ? 760 TYR A CA   1 
ATOM 680  C C    . TYR A 1 46  ? -1.561  13.049  10.943  1.00 0.00 ? 760 TYR A C    1 
ATOM 681  O O    . TYR A 1 46  ? -2.564  12.817  10.301  1.00 0.00 ? 760 TYR A O    1 
ATOM 682  C CB   . TYR A 1 46  ? 0.336   11.522  10.327  1.00 0.00 ? 760 TYR A CB   1 
ATOM 683  C CG   . TYR A 1 46  ? 1.393   11.344  9.263   1.00 0.00 ? 760 TYR A CG   1 
ATOM 684  C CD1  . TYR A 1 46  ? 2.641   11.963  9.404   1.00 0.00 ? 760 TYR A CD1  1 
ATOM 685  C CD2  . TYR A 1 46  ? 1.127   10.556  8.135   1.00 0.00 ? 760 TYR A CD2  1 
ATOM 686  C CE1  . TYR A 1 46  ? 3.621   11.796  8.419   1.00 0.00 ? 760 TYR A CE1  1 
ATOM 687  C CE2  . TYR A 1 46  ? 2.107   10.390  7.150   1.00 0.00 ? 760 TYR A CE2  1 
ATOM 688  C CZ   . TYR A 1 46  ? 3.354   11.009  7.292   1.00 0.00 ? 760 TYR A CZ   1 
ATOM 689  O OH   . TYR A 1 46  ? 4.320   10.844  6.319   1.00 0.00 ? 760 TYR A OH   1 
ATOM 690  H H    . TYR A 1 46  ? 1.529   13.259  11.591  1.00 0.00 ? 760 TYR A H    1 
ATOM 691  H HA   . TYR A 1 46  ? -0.204  13.339  9.290   1.00 0.00 ? 760 TYR A HA   1 
ATOM 692  H HB2  . TYR A 1 46  ? 0.761   11.305  11.295  1.00 0.00 ? 760 TYR A HB2  1 
ATOM 693  H HB3  . TYR A 1 46  ? -0.485  10.847  10.134  1.00 0.00 ? 760 TYR A HB3  1 
ATOM 694  H HD1  . TYR A 1 46  ? 2.847   12.570  10.274  1.00 0.00 ? 760 TYR A HD1  1 
ATOM 695  H HD2  . TYR A 1 46  ? 0.165   10.079  8.026   1.00 0.00 ? 760 TYR A HD2  1 
ATOM 696  H HE1  . TYR A 1 46  ? 4.584   12.273  8.527   1.00 0.00 ? 760 TYR A HE1  1 
ATOM 697  H HE2  . TYR A 1 46  ? 1.900   9.783   6.281   1.00 0.00 ? 760 TYR A HE2  1 
ATOM 698  H HH   . TYR A 1 46  ? 5.124   10.541  6.748   1.00 0.00 ? 760 TYR A HH   1 
ATOM 699  N N    . TYR A 1 47  ? -1.630  13.379  12.204  1.00 0.00 ? 761 TYR A N    1 
ATOM 700  C CA   . TYR A 1 47  ? -2.957  13.492  12.868  1.00 0.00 ? 761 TYR A CA   1 
ATOM 701  C C    . TYR A 1 47  ? -3.667  14.779  12.433  1.00 0.00 ? 761 TYR A C    1 
ATOM 702  O O    . TYR A 1 47  ? -4.794  15.031  12.810  1.00 0.00 ? 761 TYR A O    1 
ATOM 703  C CB   . TYR A 1 47  ? -2.644  13.540  14.364  1.00 0.00 ? 761 TYR A CB   1 
ATOM 704  C CG   . TYR A 1 47  ? -3.060  12.240  15.007  1.00 0.00 ? 761 TYR A CG   1 
ATOM 705  C CD1  . TYR A 1 47  ? -4.377  12.065  15.446  1.00 0.00 ? 761 TYR A CD1  1 
ATOM 706  C CD2  . TYR A 1 47  ? -2.129  11.207  15.163  1.00 0.00 ? 761 TYR A CD2  1 
ATOM 707  C CE1  . TYR A 1 47  ? -4.764  10.858  16.042  1.00 0.00 ? 761 TYR A CE1  1 
ATOM 708  C CE2  . TYR A 1 47  ? -2.513  10.000  15.760  1.00 0.00 ? 761 TYR A CE2  1 
ATOM 709  C CZ   . TYR A 1 47  ? -3.831  9.826   16.199  1.00 0.00 ? 761 TYR A CZ   1 
ATOM 710  O OH   . TYR A 1 47  ? -4.212  8.637   16.786  1.00 0.00 ? 761 TYR A OH   1 
ATOM 711  H H    . TYR A 1 47  ? -0.813  13.579  12.704  1.00 0.00 ? 761 TYR A H    1 
ATOM 712  H HA   . TYR A 1 47  ? -3.567  12.630  12.639  1.00 0.00 ? 761 TYR A HA   1 
ATOM 713  H HB2  . TYR A 1 47  ? -1.584  13.689  14.506  1.00 0.00 ? 761 TYR A HB2  1 
ATOM 714  H HB3  . TYR A 1 47  ? -3.186  14.356  14.819  1.00 0.00 ? 761 TYR A HB3  1 
ATOM 715  H HD1  . TYR A 1 47  ? -5.097  12.862  15.326  1.00 0.00 ? 761 TYR A HD1  1 
ATOM 716  H HD2  . TYR A 1 47  ? -1.112  11.341  14.825  1.00 0.00 ? 761 TYR A HD2  1 
ATOM 717  H HE1  . TYR A 1 47  ? -5.780  10.725  16.381  1.00 0.00 ? 761 TYR A HE1  1 
ATOM 718  H HE2  . TYR A 1 47  ? -1.794  9.204   15.880  1.00 0.00 ? 761 TYR A HE2  1 
ATOM 719  H HH   . TYR A 1 47  ? -4.788  8.175   16.174  1.00 0.00 ? 761 TYR A HH   1 
ATOM 720  N N    . GLU A 1 48  ? -3.021  15.594  11.641  1.00 0.00 ? 762 GLU A N    1 
ATOM 721  C CA   . GLU A 1 48  ? -3.660  16.861  11.198  1.00 0.00 ? 762 GLU A CA   1 
ATOM 722  C C    . GLU A 1 48  ? -3.879  16.847  9.683   1.00 0.00 ? 762 GLU A C    1 
ATOM 723  O O    . GLU A 1 48  ? -4.762  17.507  9.170   1.00 0.00 ? 762 GLU A O    1 
ATOM 724  C CB   . GLU A 1 48  ? -2.654  17.948  11.579  1.00 0.00 ? 762 GLU A CB   1 
ATOM 725  C CG   . GLU A 1 48  ? -3.287  18.899  12.596  1.00 0.00 ? 762 GLU A CG   1 
ATOM 726  C CD   . GLU A 1 48  ? -2.468  20.189  12.669  1.00 0.00 ? 762 GLU A CD   1 
ATOM 727  O OE1  . GLU A 1 48  ? -2.054  20.664  11.625  1.00 0.00 ? 762 GLU A OE1  1 
ATOM 728  O OE2  . GLU A 1 48  ? -2.272  20.681  13.768  1.00 0.00 ? 762 GLU A OE2  1 
ATOM 729  H H    . GLU A 1 48  ? -2.112  15.383  11.350  1.00 0.00 ? 762 GLU A H    1 
ATOM 730  H HA   . GLU A 1 48  ? -4.595  17.013  11.715  1.00 0.00 ? 762 GLU A HA   1 
ATOM 731  H HB2  . GLU A 1 48  ? -1.777  17.491  12.013  1.00 0.00 ? 762 GLU A HB2  1 
ATOM 732  H HB3  . GLU A 1 48  ? -2.370  18.500  10.696  1.00 0.00 ? 762 GLU A HB3  1 
ATOM 733  H HG2  . GLU A 1 48  ? -4.298  19.130  12.292  1.00 0.00 ? 762 GLU A HG2  1 
ATOM 734  H HG3  . GLU A 1 48  ? -3.302  18.426  13.567  1.00 0.00 ? 762 GLU A HG3  1 
ATOM 735  N N    . VAL A 1 49  ? -3.084  16.104  8.962   1.00 0.00 ? 763 VAL A N    1 
ATOM 736  C CA   . VAL A 1 49  ? -3.243  16.070  7.479   1.00 0.00 ? 763 VAL A CA   1 
ATOM 737  C C    . VAL A 1 49  ? -3.454  14.639  6.976   1.00 0.00 ? 763 VAL A C    1 
ATOM 738  O O    . VAL A 1 49  ? -3.990  14.423  5.907   1.00 0.00 ? 763 VAL A O    1 
ATOM 739  C CB   . VAL A 1 49  ? -1.928  16.637  6.935   1.00 0.00 ? 763 VAL A CB   1 
ATOM 740  C CG1  . VAL A 1 49  ? -0.765  15.742  7.365   1.00 0.00 ? 763 VAL A CG1  1 
ATOM 741  C CG2  . VAL A 1 49  ? -1.993  16.692  5.408   1.00 0.00 ? 763 VAL A CG2  1 
ATOM 742  H H    . VAL A 1 49  ? -2.371  15.588  9.392   1.00 0.00 ? 763 VAL A H    1 
ATOM 743  H HA   . VAL A 1 49  ? -4.068  16.696  7.180   1.00 0.00 ? 763 VAL A HA   1 
ATOM 744  H HB   . VAL A 1 49  ? -1.779  17.633  7.325   1.00 0.00 ? 763 VAL A HB   1 
ATOM 745  H HG11 . VAL A 1 49  ? -0.308  15.302  6.492   1.00 0.00 ? 763 VAL A HG11 1 
ATOM 746  H HG12 . VAL A 1 49  ? -1.133  14.959  8.011   1.00 0.00 ? 763 VAL A HG12 1 
ATOM 747  H HG13 . VAL A 1 49  ? -0.034  16.332  7.897   1.00 0.00 ? 763 VAL A HG13 1 
ATOM 748  H HG21 . VAL A 1 49  ? -2.975  17.017  5.100   1.00 0.00 ? 763 VAL A HG21 1 
ATOM 749  H HG22 . VAL A 1 49  ? -1.793  15.711  5.002   1.00 0.00 ? 763 VAL A HG22 1 
ATOM 750  H HG23 . VAL A 1 49  ? -1.253  17.390  5.041   1.00 0.00 ? 763 VAL A HG23 1 
ATOM 751  N N    . ILE A 1 50  ? -3.038  13.658  7.730   1.00 0.00 ? 764 ILE A N    1 
ATOM 752  C CA   . ILE A 1 50  ? -3.217  12.247  7.282   1.00 0.00 ? 764 ILE A CA   1 
ATOM 753  C C    . ILE A 1 50  ? -3.808  11.407  8.415   1.00 0.00 ? 764 ILE A C    1 
ATOM 754  O O    . ILE A 1 50  ? -3.114  10.659  9.076   1.00 0.00 ? 764 ILE A O    1 
ATOM 755  C CB   . ILE A 1 50  ? -1.806  11.767  6.938   1.00 0.00 ? 764 ILE A CB   1 
ATOM 756  C CG1  . ILE A 1 50  ? -1.262  12.589  5.766   1.00 0.00 ? 764 ILE A CG1  1 
ATOM 757  C CG2  . ILE A 1 50  ? -1.849  10.287  6.550   1.00 0.00 ? 764 ILE A CG2  1 
ATOM 758  C CD1  . ILE A 1 50  ? -2.177  12.417  4.551   1.00 0.00 ? 764 ILE A CD1  1 
ATOM 759  H H    . ILE A 1 50  ? -2.609  13.847  8.589   1.00 0.00 ? 764 ILE A H    1 
ATOM 760  H HA   . ILE A 1 50  ? -3.853  12.206  6.410   1.00 0.00 ? 764 ILE A HA   1 
ATOM 761  H HB   . ILE A 1 50  ? -1.163  11.896  7.796   1.00 0.00 ? 764 ILE A HB   1 
ATOM 762  H HG12 . ILE A 1 50  ? -1.227  13.632  6.045   1.00 0.00 ? 764 ILE A HG12 1 
ATOM 763  H HG13 . ILE A 1 50  ? -0.268  12.249  5.520   1.00 0.00 ? 764 ILE A HG13 1 
ATOM 764  H HG21 . ILE A 1 50  ? -0.967  10.041  5.977   1.00 0.00 ? 764 ILE A HG21 1 
ATOM 765  H HG22 . ILE A 1 50  ? -2.729  10.096  5.956   1.00 0.00 ? 764 ILE A HG22 1 
ATOM 766  H HG23 . ILE A 1 50  ? -1.878  9.682   7.443   1.00 0.00 ? 764 ILE A HG23 1 
ATOM 767  H HD11 . ILE A 1 50  ? -2.780  11.530  4.676   1.00 0.00 ? 764 ILE A HD11 1 
ATOM 768  H HD12 . ILE A 1 50  ? -1.575  12.320  3.660   1.00 0.00 ? 764 ILE A HD12 1 
ATOM 769  H HD13 . ILE A 1 50  ? -2.819  13.279  4.459   1.00 0.00 ? 764 ILE A HD13 1 
ATOM 770  N N    . ARG A 1 51  ? -5.083  11.538  8.655   1.00 0.00 ? 765 ARG A N    1 
ATOM 771  C CA   . ARG A 1 51  ? -5.717  10.769  9.763   1.00 0.00 ? 765 ARG A CA   1 
ATOM 772  C C    . ARG A 1 51  ? -5.499  9.265   9.580   1.00 0.00 ? 765 ARG A C    1 
ATOM 773  O O    . ARG A 1 51  ? -5.024  8.587   10.469  1.00 0.00 ? 765 ARG A O    1 
ATOM 774  C CB   . ARG A 1 51  ? -7.205  11.105  9.667   1.00 0.00 ? 765 ARG A CB   1 
ATOM 775  C CG   . ARG A 1 51  ? -7.547  12.204  10.674  1.00 0.00 ? 765 ARG A CG   1 
ATOM 776  C CD   . ARG A 1 51  ? -8.834  11.837  11.415  1.00 0.00 ? 765 ARG A CD   1 
ATOM 777  N NE   . ARG A 1 51  ? -8.505  12.006  12.861  1.00 0.00 ? 765 ARG A NE   1 
ATOM 778  C CZ   . ARG A 1 51  ? -8.373  13.202  13.386  1.00 0.00 ? 765 ARG A CZ   1 
ATOM 779  N NH1  . ARG A 1 51  ? -8.524  14.280  12.658  1.00 0.00 ? 765 ARG A NH1  1 
ATOM 780  N NH2  . ARG A 1 51  ? -8.087  13.319  14.654  1.00 0.00 ? 765 ARG A NH2  1 
ATOM 781  H H    . ARG A 1 51  ? -5.622  12.155  8.118   1.00 0.00 ? 765 ARG A H    1 
ATOM 782  H HA   . ARG A 1 51  ? -5.320  11.092  10.715  1.00 0.00 ? 765 ARG A HA   1 
ATOM 783  H HB2  . ARG A 1 51  ? -7.435  11.446  8.669   1.00 0.00 ? 765 ARG A HB2  1 
ATOM 784  H HB3  . ARG A 1 51  ? -7.788  10.222  9.887   1.00 0.00 ? 765 ARG A HB3  1 
ATOM 785  H HG2  . ARG A 1 51  ? -6.739  12.306  11.384  1.00 0.00 ? 765 ARG A HG2  1 
ATOM 786  H HG3  . ARG A 1 51  ? -7.687  13.139  10.152  1.00 0.00 ? 765 ARG A HG3  1 
ATOM 787  H HD2  . ARG A 1 51  ? -9.635  12.503  11.131  1.00 0.00 ? 765 ARG A HD2  1 
ATOM 788  H HD3  . ARG A 1 51  ? -9.106  10.811  11.209  1.00 0.00 ? 765 ARG A HD3  1 
ATOM 789  H HE   . ARG A 1 51  ? -8.388  11.214  13.426  1.00 0.00 ? 765 ARG A HE   1 
ATOM 790  H HH11 . ARG A 1 51  ? -8.745  14.207  11.686  1.00 0.00 ? 765 ARG A HH11 1 
ATOM 791  H HH12 . ARG A 1 51  ? -8.420  15.182  13.077  1.00 0.00 ? 765 ARG A HH12 1 
ATOM 792  H HH21 . ARG A 1 51  ? -7.969  12.501  15.218  1.00 0.00 ? 765 ARG A HH21 1 
ATOM 793  H HH22 . ARG A 1 51  ? -7.984  14.226  15.063  1.00 0.00 ? 765 ARG A HH22 1 
ATOM 794  N N    . PHE A 1 52  ? -5.858  8.733   8.443   1.00 0.00 ? 766 PHE A N    1 
ATOM 795  C CA   . PHE A 1 52  ? -5.689  7.268   8.228   1.00 0.00 ? 766 PHE A CA   1 
ATOM 796  C C    . PHE A 1 52  ? -5.071  6.983   6.854   1.00 0.00 ? 766 PHE A C    1 
ATOM 797  O O    . PHE A 1 52  ? -5.780  6.771   5.891   1.00 0.00 ? 766 PHE A O    1 
ATOM 798  C CB   . PHE A 1 52  ? -7.109  6.701   8.295   1.00 0.00 ? 766 PHE A CB   1 
ATOM 799  C CG   . PHE A 1 52  ? -7.198  5.696   9.418   1.00 0.00 ? 766 PHE A CG   1 
ATOM 800  C CD1  . PHE A 1 52  ? -6.212  4.712   9.558   1.00 0.00 ? 766 PHE A CD1  1 
ATOM 801  C CD2  . PHE A 1 52  ? -8.269  5.747   10.319  1.00 0.00 ? 766 PHE A CD2  1 
ATOM 802  C CE1  . PHE A 1 52  ? -6.295  3.780   10.597  1.00 0.00 ? 766 PHE A CE1  1 
ATOM 803  C CE2  . PHE A 1 52  ? -8.352  4.814   11.360  1.00 0.00 ? 766 PHE A CE2  1 
ATOM 804  C CZ   . PHE A 1 52  ? -7.366  3.831   11.499  1.00 0.00 ? 766 PHE A CZ   1 
ATOM 805  H H    . PHE A 1 52  ? -6.251  9.291   7.741   1.00 0.00 ? 766 PHE A H    1 
ATOM 806  H HA   . PHE A 1 52  ? -5.079  6.842   9.010   1.00 0.00 ? 766 PHE A HA   1 
ATOM 807  H HB2  . PHE A 1 52  ? -7.808  7.504   8.474   1.00 0.00 ? 766 PHE A HB2  1 
ATOM 808  H HB3  . PHE A 1 52  ? -7.347  6.218   7.360   1.00 0.00 ? 766 PHE A HB3  1 
ATOM 809  H HD1  . PHE A 1 52  ? -5.387  4.673   8.862   1.00 0.00 ? 766 PHE A HD1  1 
ATOM 810  H HD2  . PHE A 1 52  ? -9.029  6.505   10.211  1.00 0.00 ? 766 PHE A HD2  1 
ATOM 811  H HE1  . PHE A 1 52  ? -5.534  3.021   10.705  1.00 0.00 ? 766 PHE A HE1  1 
ATOM 812  H HE2  . PHE A 1 52  ? -9.177  4.853   12.055  1.00 0.00 ? 766 PHE A HE2  1 
ATOM 813  H HZ   . PHE A 1 52  ? -7.430  3.111   12.301  1.00 0.00 ? 766 PHE A HZ   1 
ATOM 814  N N    . PRO A 1 53  ? -3.760  6.962   6.808   1.00 0.00 ? 767 PRO A N    1 
ATOM 815  C CA   . PRO A 1 53  ? -3.053  6.674   5.536   1.00 0.00 ? 767 PRO A CA   1 
ATOM 816  C C    . PRO A 1 53  ? -3.131  5.182   5.208   1.00 0.00 ? 767 PRO A C    1 
ATOM 817  O O    . PRO A 1 53  ? -2.944  4.773   4.079   1.00 0.00 ? 767 PRO A O    1 
ATOM 818  C CB   . PRO A 1 53  ? -1.612  7.072   5.834   1.00 0.00 ? 767 PRO A CB   1 
ATOM 819  C CG   . PRO A 1 53  ? -1.471  6.920   7.313   1.00 0.00 ? 767 PRO A CG   1 
ATOM 820  C CD   . PRO A 1 53  ? -2.822  7.195   7.918   1.00 0.00 ? 767 PRO A CD   1 
ATOM 821  H HA   . PRO A 1 53  ? -3.456  7.268   4.731   1.00 0.00 ? 767 PRO A HA   1 
ATOM 822  H HB2  . PRO A 1 53  ? -0.927  6.415   5.321   1.00 0.00 ? 767 PRO A HB2  1 
ATOM 823  H HB3  . PRO A 1 53  ? -1.441  8.096   5.545   1.00 0.00 ? 767 PRO A HB3  1 
ATOM 824  H HG2  . PRO A 1 53  ? -1.159  5.913   7.551   1.00 0.00 ? 767 PRO A HG2  1 
ATOM 825  H HG3  . PRO A 1 53  ? -0.747  7.628   7.688   1.00 0.00 ? 767 PRO A HG3  1 
ATOM 826  H HD2  . PRO A 1 53  ? -3.021  6.512   8.730   1.00 0.00 ? 767 PRO A HD2  1 
ATOM 827  H HD3  . PRO A 1 53  ? -2.884  8.218   8.258   1.00 0.00 ? 767 PRO A HD3  1 
ATOM 828  N N    . MET A 1 54  ? -3.398  4.366   6.194   1.00 0.00 ? 768 MET A N    1 
ATOM 829  C CA   . MET A 1 54  ? -3.483  2.892   5.961   1.00 0.00 ? 768 MET A CA   1 
ATOM 830  C C    . MET A 1 54  ? -2.169  2.364   5.384   1.00 0.00 ? 768 MET A C    1 
ATOM 831  O O    . MET A 1 54  ? -2.093  1.983   4.233   1.00 0.00 ? 768 MET A O    1 
ATOM 832  C CB   . MET A 1 54  ? -4.623  2.697   4.953   1.00 0.00 ? 768 MET A CB   1 
ATOM 833  C CG   . MET A 1 54  ? -5.884  3.410   5.448   1.00 0.00 ? 768 MET A CG   1 
ATOM 834  S SD   . MET A 1 54  ? -6.381  2.723   7.048   1.00 0.00 ? 768 MET A SD   1 
ATOM 835  C CE   . MET A 1 54  ? -7.056  1.163   6.426   1.00 0.00 ? 768 MET A CE   1 
ATOM 836  H H    . MET A 1 54  ? -3.533  4.724   7.095   1.00 0.00 ? 768 MET A H    1 
ATOM 837  H HA   . MET A 1 54  ? -3.712  2.382   6.885   1.00 0.00 ? 768 MET A HA   1 
ATOM 838  H HB2  . MET A 1 54  ? -4.331  3.107   3.998   1.00 0.00 ? 768 MET A HB2  1 
ATOM 839  H HB3  . MET A 1 54  ? -4.828  1.643   4.842   1.00 0.00 ? 768 MET A HB3  1 
ATOM 840  H HG2  . MET A 1 54  ? -5.683  4.466   5.555   1.00 0.00 ? 768 MET A HG2  1 
ATOM 841  H HG3  . MET A 1 54  ? -6.681  3.267   4.733   1.00 0.00 ? 768 MET A HG3  1 
ATOM 842  H HE1  . MET A 1 54  ? -8.133  1.181   6.502   1.00 0.00 ? 768 MET A HE1  1 
ATOM 843  H HE2  . MET A 1 54  ? -6.667  0.343   7.012   1.00 0.00 ? 768 MET A HE2  1 
ATOM 844  H HE3  . MET A 1 54  ? -6.770  1.034   5.392   1.00 0.00 ? 768 MET A HE3  1 
ATOM 845  N N    . ASP A 1 55  ? -1.135  2.328   6.179   1.00 0.00 ? 769 ASP A N    1 
ATOM 846  C CA   . ASP A 1 55  ? 0.168   1.805   5.682   1.00 0.00 ? 769 ASP A CA   1 
ATOM 847  C C    . ASP A 1 55  ? 0.004   0.358   5.213   1.00 0.00 ? 769 ASP A C    1 
ATOM 848  O O    . ASP A 1 55  ? -1.094  -0.102  4.975   1.00 0.00 ? 769 ASP A O    1 
ATOM 849  C CB   . ASP A 1 55  ? 1.102   1.874   6.890   1.00 0.00 ? 769 ASP A CB   1 
ATOM 850  C CG   . ASP A 1 55  ? 1.213   3.325   7.365   1.00 0.00 ? 769 ASP A CG   1 
ATOM 851  O OD1  . ASP A 1 55  ? 1.801   4.119   6.649   1.00 0.00 ? 769 ASP A OD1  1 
ATOM 852  O OD2  . ASP A 1 55  ? 0.708   3.617   8.436   1.00 0.00 ? 769 ASP A OD2  1 
ATOM 853  H H    . ASP A 1 55  ? -1.218  2.630   7.108   1.00 0.00 ? 769 ASP A H    1 
ATOM 854  H HA   . ASP A 1 55  ? 0.542   2.423   4.881   1.00 0.00 ? 769 ASP A HA   1 
ATOM 855  H HB2  . ASP A 1 55  ? 0.704   1.265   7.686   1.00 0.00 ? 769 ASP A HB2  1 
ATOM 856  H HB3  . ASP A 1 55  ? 2.079   1.512   6.612   1.00 0.00 ? 769 ASP A HB3  1 
ATOM 857  N N    . LEU A 1 56  ? 1.082   -0.366  5.082   1.00 0.00 ? 770 LEU A N    1 
ATOM 858  C CA   . LEU A 1 56  ? 0.969   -1.784  4.633   1.00 0.00 ? 770 LEU A CA   1 
ATOM 859  C C    . LEU A 1 56  ? 0.596   -2.699  5.806   1.00 0.00 ? 770 LEU A C    1 
ATOM 860  O O    . LEU A 1 56  ? 0.459   -3.896  5.646   1.00 0.00 ? 770 LEU A O    1 
ATOM 861  C CB   . LEU A 1 56  ? 2.360   -2.154  4.108   1.00 0.00 ? 770 LEU A CB   1 
ATOM 862  C CG   . LEU A 1 56  ? 2.815   -1.128  3.067   1.00 0.00 ? 770 LEU A CG   1 
ATOM 863  C CD1  . LEU A 1 56  ? 4.183   -1.536  2.514   1.00 0.00 ? 770 LEU A CD1  1 
ATOM 864  C CD2  . LEU A 1 56  ? 1.800   -1.073  1.923   1.00 0.00 ? 770 LEU A CD2  1 
ATOM 865  H H    . LEU A 1 56  ? 1.961   0.019   5.281   1.00 0.00 ? 770 LEU A H    1 
ATOM 866  H HA   . LEU A 1 56  ? 0.237   -1.870  3.845   1.00 0.00 ? 770 LEU A HA   1 
ATOM 867  H HB2  . LEU A 1 56  ? 3.061   -2.167  4.929   1.00 0.00 ? 770 LEU A HB2  1 
ATOM 868  H HB3  . LEU A 1 56  ? 2.320   -3.134  3.654   1.00 0.00 ? 770 LEU A HB3  1 
ATOM 869  H HG   . LEU A 1 56  ? 2.890   -0.156  3.529   1.00 0.00 ? 770 LEU A HG   1 
ATOM 870  H HD11 . LEU A 1 56  ? 4.877   -1.665  3.332   1.00 0.00 ? 770 LEU A HD11 1 
ATOM 871  H HD12 . LEU A 1 56  ? 4.547   -0.766  1.850   1.00 0.00 ? 770 LEU A HD12 1 
ATOM 872  H HD13 . LEU A 1 56  ? 4.089   -2.465  1.971   1.00 0.00 ? 770 LEU A HD13 1 
ATOM 873  H HD21 . LEU A 1 56  ? 2.184   -0.446  1.131   1.00 0.00 ? 770 LEU A HD21 1 
ATOM 874  H HD22 . LEU A 1 56  ? 0.869   -0.664  2.286   1.00 0.00 ? 770 LEU A HD22 1 
ATOM 875  H HD23 . LEU A 1 56  ? 1.631   -2.070  1.543   1.00 0.00 ? 770 LEU A HD23 1 
ATOM 876  N N    . LYS A 1 57  ? 0.443   -2.157  6.986   1.00 0.00 ? 771 LYS A N    1 
ATOM 877  C CA   . LYS A 1 57  ? 0.101   -3.014  8.154   1.00 0.00 ? 771 LYS A CA   1 
ATOM 878  C C    . LYS A 1 57  ? -1.393  -2.934  8.464   1.00 0.00 ? 771 LYS A C    1 
ATOM 879  O O    . LYS A 1 57  ? -2.022  -3.922  8.784   1.00 0.00 ? 771 LYS A O    1 
ATOM 880  C CB   . LYS A 1 57  ? 0.920   -2.436  9.305   1.00 0.00 ? 771 LYS A CB   1 
ATOM 881  C CG   . LYS A 1 57  ? 1.585   -3.582  10.068  1.00 0.00 ? 771 LYS A CG   1 
ATOM 882  C CD   . LYS A 1 57  ? 0.711   -3.971  11.261  1.00 0.00 ? 771 LYS A CD   1 
ATOM 883  C CE   . LYS A 1 57  ? 1.595   -4.197  12.489  1.00 0.00 ? 771 LYS A CE   1 
ATOM 884  N NZ   . LYS A 1 57  ? 1.440   -2.960  13.304  1.00 0.00 ? 771 LYS A NZ   1 
ATOM 885  H H    . LYS A 1 57  ? 0.563   -1.193  7.108   1.00 0.00 ? 771 LYS A H    1 
ATOM 886  H HA   . LYS A 1 57  ? 0.388   -4.038  7.965   1.00 0.00 ? 771 LYS A HA   1 
ATOM 887  H HB2  . LYS A 1 57  ? 1.679   -1.772  8.912   1.00 0.00 ? 771 LYS A HB2  1 
ATOM 888  H HB3  . LYS A 1 57  ? 0.271   -1.888  9.972   1.00 0.00 ? 771 LYS A HB3  1 
ATOM 889  H HG2  . LYS A 1 57  ? 1.694   -4.433  9.412   1.00 0.00 ? 771 LYS A HG2  1 
ATOM 890  H HG3  . LYS A 1 57  ? 2.557   -3.269  10.419  1.00 0.00 ? 771 LYS A HG3  1 
ATOM 891  H HD2  . LYS A 1 57  ? 0.007   -3.178  11.464  1.00 0.00 ? 771 LYS A HD2  1 
ATOM 892  H HD3  . LYS A 1 57  ? 0.172   -4.879  11.033  1.00 0.00 ? 771 LYS A HD3  1 
ATOM 893  H HE2  . LYS A 1 57  ? 1.253   -5.059  13.044  1.00 0.00 ? 771 LYS A HE2  1 
ATOM 894  H HE3  . LYS A 1 57  ? 2.625   -4.325  12.192  1.00 0.00 ? 771 LYS A HE3  1 
ATOM 895  H HZ1  . LYS A 1 57  ? 2.136   -2.966  14.077  1.00 0.00 ? 771 LYS A HZ1  1 
ATOM 896  H HZ2  . LYS A 1 57  ? 0.480   -2.925  13.702  1.00 0.00 ? 771 LYS A HZ2  1 
ATOM 897  H HZ3  . LYS A 1 57  ? 1.596   -2.127  12.703  1.00 0.00 ? 771 LYS A HZ3  1 
ATOM 898  N N    . THR A 1 58  ? -1.971  -1.769  8.374   1.00 0.00 ? 772 THR A N    1 
ATOM 899  C CA   . THR A 1 58  ? -3.429  -1.654  8.646   1.00 0.00 ? 772 THR A CA   1 
ATOM 900  C C    . THR A 1 58  ? -4.219  -2.113  7.422   1.00 0.00 ? 772 THR A C    1 
ATOM 901  O O    . THR A 1 58  ? -5.169  -2.865  7.531   1.00 0.00 ? 772 THR A O    1 
ATOM 902  C CB   . THR A 1 58  ? -3.680  -0.171  8.925   1.00 0.00 ? 772 THR A CB   1 
ATOM 903  O OG1  . THR A 1 58  ? -2.526  0.408   9.517   1.00 0.00 ? 772 THR A OG1  1 
ATOM 904  C CG2  . THR A 1 58  ? -4.866  -0.036  9.882   1.00 0.00 ? 772 THR A CG2  1 
ATOM 905  H H    . THR A 1 58  ? -1.455  -0.980  8.106   1.00 0.00 ? 772 THR A H    1 
ATOM 906  H HA   . THR A 1 58  ? -3.696  -2.246  9.509   1.00 0.00 ? 772 THR A HA   1 
ATOM 907  H HB   . THR A 1 58  ? -3.905  0.338   7.998   1.00 0.00 ? 772 THR A HB   1 
ATOM 908  H HG1  . THR A 1 58  ? -2.400  1.278   9.131   1.00 0.00 ? 772 THR A HG1  1 
ATOM 909  H HG21 . THR A 1 58  ? -5.626  0.582   9.429   1.00 0.00 ? 772 THR A HG21 1 
ATOM 910  H HG22 . THR A 1 58  ? -4.534  0.418   10.804  1.00 0.00 ? 772 THR A HG22 1 
ATOM 911  H HG23 . THR A 1 58  ? -5.275  -1.016  10.090  1.00 0.00 ? 772 THR A HG23 1 
ATOM 912  N N    . MET A 1 59  ? -3.821  -1.692  6.251   1.00 0.00 ? 773 MET A N    1 
ATOM 913  C CA   . MET A 1 59  ? -4.540  -2.139  5.029   1.00 0.00 ? 773 MET A CA   1 
ATOM 914  C C    . MET A 1 59  ? -4.475  -3.667  4.933   1.00 0.00 ? 773 MET A C    1 
ATOM 915  O O    . MET A 1 59  ? -5.416  -4.318  4.526   1.00 0.00 ? 773 MET A O    1 
ATOM 916  C CB   . MET A 1 59  ? -3.817  -1.447  3.859   1.00 0.00 ? 773 MET A CB   1 
ATOM 917  C CG   . MET A 1 59  ? -2.505  -2.165  3.511   1.00 0.00 ? 773 MET A CG   1 
ATOM 918  S SD   . MET A 1 59  ? -1.803  -1.432  2.013   1.00 0.00 ? 773 MET A SD   1 
ATOM 919  C CE   . MET A 1 59  ? -3.081  -1.999  0.858   1.00 0.00 ? 773 MET A CE   1 
ATOM 920  H H    . MET A 1 59  ? -3.044  -1.098  6.178   1.00 0.00 ? 773 MET A H    1 
ATOM 921  H HA   . MET A 1 59  ? -5.568  -1.816  5.067   1.00 0.00 ? 773 MET A HA   1 
ATOM 922  H HB2  . MET A 1 59  ? -4.461  -1.448  2.995   1.00 0.00 ? 773 MET A HB2  1 
ATOM 923  H HB3  . MET A 1 59  ? -3.597  -0.426  4.134   1.00 0.00 ? 773 MET A HB3  1 
ATOM 924  H HG2  . MET A 1 59  ? -1.807  -2.059  4.327   1.00 0.00 ? 773 MET A HG2  1 
ATOM 925  H HG3  . MET A 1 59  ? -2.701  -3.213  3.339   1.00 0.00 ? 773 MET A HG3  1 
ATOM 926  H HE1  . MET A 1 59  ? -3.416  -1.168  0.252   1.00 0.00 ? 773 MET A HE1  1 
ATOM 927  H HE2  . MET A 1 59  ? -3.916  -2.401  1.412   1.00 0.00 ? 773 MET A HE2  1 
ATOM 928  H HE3  . MET A 1 59  ? -2.672  -2.767  0.218   1.00 0.00 ? 773 MET A HE3  1 
ATOM 929  N N    . SER A 1 60  ? -3.374  -4.239  5.339   1.00 0.00 ? 774 SER A N    1 
ATOM 930  C CA   . SER A 1 60  ? -3.252  -5.722  5.324   1.00 0.00 ? 774 SER A CA   1 
ATOM 931  C C    . SER A 1 60  ? -4.193  -6.316  6.374   1.00 0.00 ? 774 SER A C    1 
ATOM 932  O O    . SER A 1 60  ? -4.903  -7.270  6.122   1.00 0.00 ? 774 SER A O    1 
ATOM 933  C CB   . SER A 1 60  ? -1.791  -5.998  5.688   1.00 0.00 ? 774 SER A CB   1 
ATOM 934  O OG   . SER A 1 60  ? -1.478  -5.353  6.913   1.00 0.00 ? 774 SER A OG   1 
ATOM 935  H H    . SER A 1 60  ? -2.637  -3.693  5.685   1.00 0.00 ? 774 SER A H    1 
ATOM 936  H HA   . SER A 1 60  ? -3.481  -6.112  4.343   1.00 0.00 ? 774 SER A HA   1 
ATOM 937  H HB2  . SER A 1 60  ? -1.641  -7.061  5.796   1.00 0.00 ? 774 SER A HB2  1 
ATOM 938  H HB3  . SER A 1 60  ? -1.146  -5.619  4.907   1.00 0.00 ? 774 SER A HB3  1 
ATOM 939  H HG   . SER A 1 60  ? -0.933  -5.949  7.431   1.00 0.00 ? 774 SER A HG   1 
ATOM 940  N N    . GLU A 1 61  ? -4.227  -5.732  7.542   1.00 0.00 ? 775 GLU A N    1 
ATOM 941  C CA   . GLU A 1 61  ? -5.142  -6.233  8.608   1.00 0.00 ? 775 GLU A CA   1 
ATOM 942  C C    . GLU A 1 61  ? -6.581  -6.283  8.091   1.00 0.00 ? 775 GLU A C    1 
ATOM 943  O O    . GLU A 1 61  ? -7.351  -7.147  8.457   1.00 0.00 ? 775 GLU A O    1 
ATOM 944  C CB   . GLU A 1 61  ? -5.015  -5.202  9.732   1.00 0.00 ? 775 GLU A CB   1 
ATOM 945  C CG   . GLU A 1 61  ? -3.813  -5.551  10.610  1.00 0.00 ? 775 GLU A CG   1 
ATOM 946  C CD   . GLU A 1 61  ? -4.082  -6.867  11.344  1.00 0.00 ? 775 GLU A CD   1 
ATOM 947  O OE1  . GLU A 1 61  ? -5.176  -7.022  11.861  1.00 0.00 ? 775 GLU A OE1  1 
ATOM 948  O OE2  . GLU A 1 61  ? -3.189  -7.698  11.373  1.00 0.00 ? 775 GLU A OE2  1 
ATOM 949  H H    . GLU A 1 61  ? -3.651  -4.957  7.720   1.00 0.00 ? 775 GLU A H    1 
ATOM 950  H HA   . GLU A 1 61  ? -4.830  -7.211  8.949   1.00 0.00 ? 775 GLU A HA   1 
ATOM 951  H HB2  . GLU A 1 61  ? -4.873  -4.221  9.303   1.00 0.00 ? 775 GLU A HB2  1 
ATOM 952  H HB3  . GLU A 1 61  ? -5.914  -5.204  10.331  1.00 0.00 ? 775 GLU A HB3  1 
ATOM 953  H HG2  . GLU A 1 61  ? -2.934  -5.655  9.992   1.00 0.00 ? 775 GLU A HG2  1 
ATOM 954  H HG3  . GLU A 1 61  ? -3.653  -4.763  11.331  1.00 0.00 ? 775 GLU A HG3  1 
ATOM 955  N N    . ARG A 1 62  ? -6.954  -5.354  7.256   1.00 0.00 ? 776 ARG A N    1 
ATOM 956  C CA   . ARG A 1 62  ? -8.333  -5.371  6.695   1.00 0.00 ? 776 ARG A CA   1 
ATOM 957  C C    . ARG A 1 62  ? -8.394  -6.376  5.546   1.00 0.00 ? 776 ARG A C    1 
ATOM 958  O O    . ARG A 1 62  ? -9.333  -7.134  5.411   1.00 0.00 ? 776 ARG A O    1 
ATOM 959  C CB   . ARG A 1 62  ? -8.560  -3.949  6.183   1.00 0.00 ? 776 ARG A CB   1 
ATOM 960  C CG   . ARG A 1 62  ? -9.192  -3.101  7.290   1.00 0.00 ? 776 ARG A CG   1 
ATOM 961  C CD   . ARG A 1 62  ? -8.228  -1.979  7.683   1.00 0.00 ? 776 ARG A CD   1 
ATOM 962  N NE   . ARG A 1 62  ? -8.903  -1.272  8.811   1.00 0.00 ? 776 ARG A NE   1 
ATOM 963  C CZ   . ARG A 1 62  ? -8.974  -1.817  10.003  1.00 0.00 ? 776 ARG A CZ   1 
ATOM 964  N NH1  . ARG A 1 62  ? -8.459  -2.998  10.237  1.00 0.00 ? 776 ARG A NH1  1 
ATOM 965  N NH2  . ARG A 1 62  ? -9.568  -1.173  10.970  1.00 0.00 ? 776 ARG A NH2  1 
ATOM 966  H H    . ARG A 1 62  ? -6.313  -4.674  6.957   1.00 0.00 ? 776 ARG A H    1 
ATOM 967  H HA   . ARG A 1 62  ? -9.054  -5.621  7.460   1.00 0.00 ? 776 ARG A HA   1 
ATOM 968  H HB2  . ARG A 1 62  ? -7.613  -3.519  5.897   1.00 0.00 ? 776 ARG A HB2  1 
ATOM 969  H HB3  . ARG A 1 62  ? -9.217  -3.973  5.328   1.00 0.00 ? 776 ARG A HB3  1 
ATOM 970  H HG2  . ARG A 1 62  ? -10.117 -2.673  6.933   1.00 0.00 ? 776 ARG A HG2  1 
ATOM 971  H HG3  . ARG A 1 62  ? -9.390  -3.723  8.151   1.00 0.00 ? 776 ARG A HG3  1 
ATOM 972  H HD2  . ARG A 1 62  ? -7.285  -2.391  8.008   1.00 0.00 ? 776 ARG A HD2  1 
ATOM 973  H HD3  . ARG A 1 62  ? -8.079  -1.305  6.853   1.00 0.00 ? 776 ARG A HD3  1 
ATOM 974  H HE   . ARG A 1 62  ? -9.295  -0.386  8.660   1.00 0.00 ? 776 ARG A HE   1 
ATOM 975  H HH11 . ARG A 1 62  ? -8.001  -3.505  9.507   1.00 0.00 ? 776 ARG A HH11 1 
ATOM 976  H HH12 . ARG A 1 62  ? -8.525  -3.397  11.152  1.00 0.00 ? 776 ARG A HH12 1 
ATOM 977  H HH21 . ARG A 1 62  ? -9.964  -0.270  10.799  1.00 0.00 ? 776 ARG A HH21 1 
ATOM 978  H HH22 . ARG A 1 62  ? -9.627  -1.581  11.881  1.00 0.00 ? 776 ARG A HH22 1 
ATOM 979  N N    . LEU A 1 63  ? -7.368  -6.407  4.744   1.00 0.00 ? 777 LEU A N    1 
ATOM 980  C CA   . LEU A 1 63  ? -7.309  -7.388  3.625   1.00 0.00 ? 777 LEU A CA   1 
ATOM 981  C C    . LEU A 1 63  ? -7.335  -8.818  4.171   1.00 0.00 ? 777 LEU A C    1 
ATOM 982  O O    . LEU A 1 63  ? -7.580  -9.765  3.452   1.00 0.00 ? 777 LEU A O    1 
ATOM 983  C CB   . LEU A 1 63  ? -5.958  -7.113  2.970   1.00 0.00 ? 777 LEU A CB   1 
ATOM 984  C CG   . LEU A 1 63  ? -6.016  -7.433  1.477   1.00 0.00 ? 777 LEU A CG   1 
ATOM 985  C CD1  . LEU A 1 63  ? -4.658  -7.107  0.860   1.00 0.00 ? 777 LEU A CD1  1 
ATOM 986  C CD2  . LEU A 1 63  ? -6.324  -8.914  1.275   1.00 0.00 ? 777 LEU A CD2  1 
ATOM 987  H H    . LEU A 1 63  ? -6.615  -5.798  4.896   1.00 0.00 ? 777 LEU A H    1 
ATOM 988  H HA   . LEU A 1 63  ? -8.116  -7.225  2.927   1.00 0.00 ? 777 LEU A HA   1 
ATOM 989  H HB2  . LEU A 1 63  ? -5.702  -6.072  3.102   1.00 0.00 ? 777 LEU A HB2  1 
ATOM 990  H HB3  . LEU A 1 63  ? -5.205  -7.729  3.437   1.00 0.00 ? 777 LEU A HB3  1 
ATOM 991  H HG   . LEU A 1 63  ? -6.785  -6.841  1.007   1.00 0.00 ? 777 LEU A HG   1 
ATOM 992  H HD11 . LEU A 1 63  ? -3.881  -7.598  1.427   1.00 0.00 ? 777 LEU A HD11 1 
ATOM 993  H HD12 . LEU A 1 63  ? -4.502  -6.039  0.887   1.00 0.00 ? 777 LEU A HD12 1 
ATOM 994  H HD13 . LEU A 1 63  ? -4.632  -7.452  -0.161  1.00 0.00 ? 777 LEU A HD13 1 
ATOM 995  H HD21 . LEU A 1 63  ? -5.899  -9.245  0.341   1.00 0.00 ? 777 LEU A HD21 1 
ATOM 996  H HD22 . LEU A 1 63  ? -7.395  -9.056  1.256   1.00 0.00 ? 777 LEU A HD22 1 
ATOM 997  H HD23 . LEU A 1 63  ? -5.898  -9.483  2.088   1.00 0.00 ? 777 LEU A HD23 1 
ATOM 998  N N    . LYS A 1 64  ? -7.063  -8.986  5.437   1.00 0.00 ? 778 LYS A N    1 
ATOM 999  C CA   . LYS A 1 64  ? -7.058  -10.349 6.027   1.00 0.00 ? 778 LYS A CA   1 
ATOM 1000 C C    . LYS A 1 64  ? -8.366  -11.063 5.710   1.00 0.00 ? 778 LYS A C    1 
ATOM 1001 O O    . LYS A 1 64  ? -8.440  -12.276 5.695   1.00 0.00 ? 778 LYS A O    1 
ATOM 1002 C CB   . LYS A 1 64  ? -6.923  -10.104 7.528   1.00 0.00 ? 778 LYS A CB   1 
ATOM 1003 C CG   . LYS A 1 64  ? -5.445  -9.919  7.876   1.00 0.00 ? 778 LYS A CG   1 
ATOM 1004 C CD   . LYS A 1 64  ? -4.943  -11.139 8.653   1.00 0.00 ? 778 LYS A CD   1 
ATOM 1005 C CE   . LYS A 1 64  ? -4.595  -12.261 7.673   1.00 0.00 ? 778 LYS A CE   1 
ATOM 1006 N NZ   . LYS A 1 64  ? -3.663  -13.149 8.424   1.00 0.00 ? 778 LYS A NZ   1 
ATOM 1007 H H    . LYS A 1 64  ? -6.885  -8.215  6.006   1.00 0.00 ? 778 LYS A H    1 
ATOM 1008 H HA   . LYS A 1 64  ? -6.217  -10.917 5.660   1.00 0.00 ? 778 LYS A HA   1 
ATOM 1009 H HB2  . LYS A 1 64  ? -7.471  -9.216  7.797   1.00 0.00 ? 778 LYS A HB2  1 
ATOM 1010 H HB3  . LYS A 1 64  ? -7.321  -10.945 8.066   1.00 0.00 ? 778 LYS A HB3  1 
ATOM 1011 H HG2  . LYS A 1 64  ? -4.872  -9.808  6.965   1.00 0.00 ? 778 LYS A HG2  1 
ATOM 1012 H HG3  . LYS A 1 64  ? -5.328  -9.034  8.484   1.00 0.00 ? 778 LYS A HG3  1 
ATOM 1013 H HD2  . LYS A 1 64  ? -4.063  -10.869 9.218   1.00 0.00 ? 778 LYS A HD2  1 
ATOM 1014 H HD3  . LYS A 1 64  ? -5.714  -11.478 9.329   1.00 0.00 ? 778 LYS A HD3  1 
ATOM 1015 H HE2  . LYS A 1 64  ? -5.486  -12.803 7.391   1.00 0.00 ? 778 LYS A HE2  1 
ATOM 1016 H HE3  . LYS A 1 64  ? -4.107  -11.858 6.798   1.00 0.00 ? 778 LYS A HE3  1 
ATOM 1017 H HZ1  . LYS A 1 64  ? -2.912  -12.576 8.857   1.00 0.00 ? 778 LYS A HZ1  1 
ATOM 1018 H HZ2  . LYS A 1 64  ? -3.239  -13.839 7.770   1.00 0.00 ? 778 LYS A HZ2  1 
ATOM 1019 H HZ3  . LYS A 1 64  ? -4.188  -13.653 9.167   1.00 0.00 ? 778 LYS A HZ3  1 
ATOM 1020 N N    . ASN A 1 65  ? -9.391  -10.318 5.419   1.00 0.00 ? 779 ASN A N    1 
ATOM 1021 C CA   . ASN A 1 65  ? -10.690 -10.949 5.089   1.00 0.00 ? 779 ASN A CA   1 
ATOM 1022 C C    . ASN A 1 65  ? -11.191 -10.458 3.716   1.00 0.00 ? 779 ASN A C    1 
ATOM 1023 O O    . ASN A 1 65  ? -10.900 -11.066 2.709   1.00 0.00 ? 779 ASN A O    1 
ATOM 1024 C CB   . ASN A 1 65  ? -11.607 -10.541 6.250   1.00 0.00 ? 779 ASN A CB   1 
ATOM 1025 C CG   . ASN A 1 65  ? -12.364 -11.770 6.752   1.00 0.00 ? 779 ASN A CG   1 
ATOM 1026 O OD1  . ASN A 1 65  ? -13.572 -11.838 6.652   1.00 0.00 ? 779 ASN A OD1  1 
ATOM 1027 N ND2  . ASN A 1 65  ? -11.696 -12.752 7.294   1.00 0.00 ? 779 ASN A ND2  1 
ATOM 1028 H H    . ASN A 1 65  ? -9.314  -9.345  5.447   1.00 0.00 ? 779 ASN A H    1 
ATOM 1029 H HA   . ASN A 1 65  ? -10.581 -12.022 5.071   1.00 0.00 ? 779 ASN A HA   1 
ATOM 1030 H HB2  . ASN A 1 65  ? -11.004 -10.143 7.053   1.00 0.00 ? 779 ASN A HB2  1 
ATOM 1031 H HB3  . ASN A 1 65  ? -12.303 -9.796  5.930   1.00 0.00 ? 779 ASN A HB3  1 
ATOM 1032 H HD21 . ASN A 1 65  ? -10.721 -12.696 7.375   1.00 0.00 ? 779 ASN A HD21 1 
ATOM 1033 H HD22 . ASN A 1 65  ? -12.168 -13.546 7.622   1.00 0.00 ? 779 ASN A HD22 1 
ATOM 1034 N N    . ARG A 1 66  ? -11.928 -9.375  3.647   1.00 0.00 ? 780 ARG A N    1 
ATOM 1035 C CA   . ARG A 1 66  ? -12.434 -8.892  2.330   1.00 0.00 ? 780 ARG A CA   1 
ATOM 1036 C C    . ARG A 1 66  ? -12.527 -7.360  2.310   1.00 0.00 ? 780 ARG A C    1 
ATOM 1037 O O    . ARG A 1 66  ? -13.121 -6.784  1.419   1.00 0.00 ? 780 ARG A O    1 
ATOM 1038 C CB   . ARG A 1 66  ? -13.847 -9.476  2.217   1.00 0.00 ? 780 ARG A CB   1 
ATOM 1039 C CG   . ARG A 1 66  ? -13.803 -10.999 2.165   1.00 0.00 ? 780 ARG A CG   1 
ATOM 1040 C CD   . ARG A 1 66  ? -13.074 -11.437 0.903   1.00 0.00 ? 780 ARG A CD   1 
ATOM 1041 N NE   . ARG A 1 66  ? -13.976 -12.441 0.267   1.00 0.00 ? 780 ARG A NE   1 
ATOM 1042 C CZ   . ARG A 1 66  ? -13.759 -12.861 -0.959  1.00 0.00 ? 780 ARG A CZ   1 
ATOM 1043 N NH1  . ARG A 1 66  ? -12.744 -12.412 -1.657  1.00 0.00 ? 780 ARG A NH1  1 
ATOM 1044 N NH2  . ARG A 1 66  ? -14.565 -13.740 -1.489  1.00 0.00 ? 780 ARG A NH2  1 
ATOM 1045 H H    . ARG A 1 66  ? -12.156 -8.888  4.448   1.00 0.00 ? 780 ARG A H    1 
ATOM 1046 H HA   . ARG A 1 66  ? -11.808 -9.249  1.525   1.00 0.00 ? 780 ARG A HA   1 
ATOM 1047 H HB2  . ARG A 1 66  ? -14.417 -9.179  3.072   1.00 0.00 ? 780 ARG A HB2  1 
ATOM 1048 H HB3  . ARG A 1 66  ? -14.319 -9.100  1.322   1.00 0.00 ? 780 ARG A HB3  1 
ATOM 1049 H HG2  . ARG A 1 66  ? -13.289 -11.379 3.032   1.00 0.00 ? 780 ARG A HG2  1 
ATOM 1050 H HG3  . ARG A 1 66  ? -14.808 -11.380 2.152   1.00 0.00 ? 780 ARG A HG3  1 
ATOM 1051 H HD2  . ARG A 1 66  ? -12.920 -10.595 0.247   1.00 0.00 ? 780 ARG A HD2  1 
ATOM 1052 H HD3  . ARG A 1 66  ? -12.136 -11.886 1.163   1.00 0.00 ? 780 ARG A HD3  1 
ATOM 1053 H HE   . ARG A 1 66  ? -14.741 -12.792 0.769   1.00 0.00 ? 780 ARG A HE   1 
ATOM 1054 H HH11 . ARG A 1 66  ? -12.118 -11.740 -1.265  1.00 0.00 ? 780 ARG A HH11 1 
ATOM 1055 H HH12 . ARG A 1 66  ? -12.597 -12.745 -2.589  1.00 0.00 ? 780 ARG A HH12 1 
ATOM 1056 H HH21 . ARG A 1 66  ? -15.341 -14.087 -0.962  1.00 0.00 ? 780 ARG A HH21 1 
ATOM 1057 H HH22 . ARG A 1 66  ? -14.406 -14.066 -2.421  1.00 0.00 ? 780 ARG A HH22 1 
ATOM 1058 N N    . TYR A 1 67  ? -12.002 -6.693  3.304   1.00 0.00 ? 781 TYR A N    1 
ATOM 1059 C CA   . TYR A 1 67  ? -12.111 -5.208  3.338   1.00 0.00 ? 781 TYR A CA   1 
ATOM 1060 C C    . TYR A 1 67  ? -11.434 -4.592  2.115   1.00 0.00 ? 781 TYR A C    1 
ATOM 1061 O O    . TYR A 1 67  ? -11.896 -3.611  1.567   1.00 0.00 ? 781 TYR A O    1 
ATOM 1062 C CB   . TYR A 1 67  ? -11.388 -4.790  4.620   1.00 0.00 ? 781 TYR A CB   1 
ATOM 1063 C CG   . TYR A 1 67  ? -12.324 -4.947  5.795   1.00 0.00 ? 781 TYR A CG   1 
ATOM 1064 C CD1  . TYR A 1 67  ? -13.615 -4.410  5.736   1.00 0.00 ? 781 TYR A CD1  1 
ATOM 1065 C CD2  . TYR A 1 67  ? -11.901 -5.632  6.941   1.00 0.00 ? 781 TYR A CD2  1 
ATOM 1066 C CE1  . TYR A 1 67  ? -14.484 -4.555  6.823   1.00 0.00 ? 781 TYR A CE1  1 
ATOM 1067 C CE2  . TYR A 1 67  ? -12.771 -5.777  8.028   1.00 0.00 ? 781 TYR A CE2  1 
ATOM 1068 C CZ   . TYR A 1 67  ? -14.061 -5.239  7.970   1.00 0.00 ? 781 TYR A CZ   1 
ATOM 1069 O OH   . TYR A 1 67  ? -14.918 -5.384  9.042   1.00 0.00 ? 781 TYR A OH   1 
ATOM 1070 H H    . TYR A 1 67  ? -11.537 -7.163  4.025   1.00 0.00 ? 781 TYR A H    1 
ATOM 1071 H HA   . TYR A 1 67  ? -13.147 -4.911  3.382   1.00 0.00 ? 781 TYR A HA   1 
ATOM 1072 H HB2  . TYR A 1 67  ? -10.521 -5.417  4.765   1.00 0.00 ? 781 TYR A HB2  1 
ATOM 1073 H HB3  . TYR A 1 67  ? -11.078 -3.759  4.540   1.00 0.00 ? 781 TYR A HB3  1 
ATOM 1074 H HD1  . TYR A 1 67  ? -13.940 -3.882  4.852   1.00 0.00 ? 781 TYR A HD1  1 
ATOM 1075 H HD2  . TYR A 1 67  ? -10.906 -6.046  6.986   1.00 0.00 ? 781 TYR A HD2  1 
ATOM 1076 H HE1  . TYR A 1 67  ? -15.480 -4.140  6.779   1.00 0.00 ? 781 TYR A HE1  1 
ATOM 1077 H HE2  . TYR A 1 67  ? -12.445 -6.305  8.913   1.00 0.00 ? 781 TYR A HE2  1 
ATOM 1078 H HH   . TYR A 1 67  ? -15.501 -6.123  8.858   1.00 0.00 ? 781 TYR A HH   1 
ATOM 1079 N N    . TYR A 1 68  ? -10.348 -5.162  1.678   1.00 0.00 ? 782 TYR A N    1 
ATOM 1080 C CA   . TYR A 1 68  ? -9.656  -4.609  0.482   1.00 0.00 ? 782 TYR A CA   1 
ATOM 1081 C C    . TYR A 1 68  ? -9.591  -5.659  -0.621  1.00 0.00 ? 782 TYR A C    1 
ATOM 1082 O O    . TYR A 1 68  ? -8.669  -6.445  -0.694  1.00 0.00 ? 782 TYR A O    1 
ATOM 1083 C CB   . TYR A 1 68  ? -8.256  -4.237  0.970   1.00 0.00 ? 782 TYR A CB   1 
ATOM 1084 C CG   . TYR A 1 68  ? -8.352  -2.985  1.811   1.00 0.00 ? 782 TYR A CG   1 
ATOM 1085 C CD1  . TYR A 1 68  ? -8.873  -1.811  1.253   1.00 0.00 ? 782 TYR A CD1  1 
ATOM 1086 C CD2  . TYR A 1 68  ? -7.945  -3.002  3.151   1.00 0.00 ? 782 TYR A CD2  1 
ATOM 1087 C CE1  . TYR A 1 68  ? -8.972  -0.651  2.029   1.00 0.00 ? 782 TYR A CE1  1 
ATOM 1088 C CE2  . TYR A 1 68  ? -8.047  -1.840  3.927   1.00 0.00 ? 782 TYR A CE2  1 
ATOM 1089 C CZ   . TYR A 1 68  ? -8.560  -0.665  3.366   1.00 0.00 ? 782 TYR A CZ   1 
ATOM 1090 O OH   . TYR A 1 68  ? -8.659  0.480   4.131   1.00 0.00 ? 782 TYR A OH   1 
ATOM 1091 H H    . TYR A 1 68  ? -9.992  -5.956  2.128   1.00 0.00 ? 782 TYR A H    1 
ATOM 1092 H HA   . TYR A 1 68  ? -10.169 -3.733  0.127   1.00 0.00 ? 782 TYR A HA   1 
ATOM 1093 H HB2  . TYR A 1 68  ? -7.851  -5.045  1.561   1.00 0.00 ? 782 TYR A HB2  1 
ATOM 1094 H HB3  . TYR A 1 68  ? -7.615  -4.054  0.121   1.00 0.00 ? 782 TYR A HB3  1 
ATOM 1095 H HD1  . TYR A 1 68  ? -9.192  -1.799  0.222   1.00 0.00 ? 782 TYR A HD1  1 
ATOM 1096 H HD2  . TYR A 1 68  ? -7.548  -3.909  3.584   1.00 0.00 ? 782 TYR A HD2  1 
ATOM 1097 H HE1  . TYR A 1 68  ? -9.369  0.257   1.596   1.00 0.00 ? 782 TYR A HE1  1 
ATOM 1098 H HE2  . TYR A 1 68  ? -7.726  -1.847  4.957   1.00 0.00 ? 782 TYR A HE2  1 
ATOM 1099 H HH   . TYR A 1 68  ? -9.413  0.982   3.817   1.00 0.00 ? 782 TYR A HH   1 
ATOM 1100 N N    . VAL A 1 69  ? -10.576 -5.681  -1.475  1.00 0.00 ? 783 VAL A N    1 
ATOM 1101 C CA   . VAL A 1 69  ? -10.585 -6.682  -2.573  1.00 0.00 ? 783 VAL A CA   1 
ATOM 1102 C C    . VAL A 1 69  ? -11.662 -6.339  -3.601  1.00 0.00 ? 783 VAL A C    1 
ATOM 1103 O O    . VAL A 1 69  ? -12.602 -7.082  -3.804  1.00 0.00 ? 783 VAL A O    1 
ATOM 1104 C CB   . VAL A 1 69  ? -10.898 -8.011  -1.884  1.00 0.00 ? 783 VAL A CB   1 
ATOM 1105 C CG1  . VAL A 1 69  ? -12.278 -7.935  -1.234  1.00 0.00 ? 783 VAL A CG1  1 
ATOM 1106 C CG2  . VAL A 1 69  ? -10.883 -9.132  -2.922  1.00 0.00 ? 783 VAL A CG2  1 
ATOM 1107 H H    . VAL A 1 69  ? -11.312 -5.040  -1.392  1.00 0.00 ? 783 VAL A H    1 
ATOM 1108 H HA   . VAL A 1 69  ? -9.620  -6.721  -3.048  1.00 0.00 ? 783 VAL A HA   1 
ATOM 1109 H HB   . VAL A 1 69  ? -10.155 -8.210  -1.122  1.00 0.00 ? 783 VAL A HB   1 
ATOM 1110 H HG11 . VAL A 1 69  ? -12.713 -6.967  -1.429  1.00 0.00 ? 783 VAL A HG11 1 
ATOM 1111 H HG12 . VAL A 1 69  ? -12.181 -8.080  -0.169  1.00 0.00 ? 783 VAL A HG12 1 
ATOM 1112 H HG13 . VAL A 1 69  ? -12.912 -8.705  -1.647  1.00 0.00 ? 783 VAL A HG13 1 
ATOM 1113 H HG21 . VAL A 1 69  ? -9.903  -9.585  -2.948  1.00 0.00 ? 783 VAL A HG21 1 
ATOM 1114 H HG22 . VAL A 1 69  ? -11.119 -8.722  -3.894  1.00 0.00 ? 783 VAL A HG22 1 
ATOM 1115 H HG23 . VAL A 1 69  ? -11.618 -9.877  -2.657  1.00 0.00 ? 783 VAL A HG23 1 
ATOM 1116 N N    . SER A 1 70  ? -11.523 -5.224  -4.259  1.00 0.00 ? 784 SER A N    1 
ATOM 1117 C CA   . SER A 1 70  ? -12.522 -4.832  -5.289  1.00 0.00 ? 784 SER A CA   1 
ATOM 1118 C C    . SER A 1 70  ? -11.904 -3.816  -6.252  1.00 0.00 ? 784 SER A C    1 
ATOM 1119 O O    . SER A 1 70  ? -12.467 -2.773  -6.515  1.00 0.00 ? 784 SER A O    1 
ATOM 1120 C CB   . SER A 1 70  ? -13.674 -4.200  -4.504  1.00 0.00 ? 784 SER A CB   1 
ATOM 1121 O OG   . SER A 1 70  ? -14.843 -4.181  -5.310  1.00 0.00 ? 784 SER A OG   1 
ATOM 1122 H H    . SER A 1 70  ? -10.752 -4.645  -4.082  1.00 0.00 ? 784 SER A H    1 
ATOM 1123 H HA   . SER A 1 70  ? -12.866 -5.703  -5.828  1.00 0.00 ? 784 SER A HA   1 
ATOM 1124 H HB2  . SER A 1 70  ? -13.860 -4.778  -3.612  1.00 0.00 ? 784 SER A HB2  1 
ATOM 1125 H HB3  . SER A 1 70  ? -13.410 -3.190  -4.230  1.00 0.00 ? 784 SER A HB3  1 
ATOM 1126 H HG   . SER A 1 70  ? -15.604 -4.267  -4.731  1.00 0.00 ? 784 SER A HG   1 
ATOM 1127 N N    . LYS A 1 71  ? -10.736 -4.114  -6.761  1.00 0.00 ? 785 LYS A N    1 
ATOM 1128 C CA   . LYS A 1 71  ? -10.054 -3.183  -7.708  1.00 0.00 ? 785 LYS A CA   1 
ATOM 1129 C C    . LYS A 1 71  ? -9.873  -1.796  -7.079  1.00 0.00 ? 785 LYS A C    1 
ATOM 1130 O O    . LYS A 1 71  ? -8.836  -1.492  -6.525  1.00 0.00 ? 785 LYS A O    1 
ATOM 1131 C CB   . LYS A 1 71  ? -10.971 -3.112  -8.932  1.00 0.00 ? 785 LYS A CB   1 
ATOM 1132 C CG   . LYS A 1 71  ? -10.984 -4.469  -9.637  1.00 0.00 ? 785 LYS A CG   1 
ATOM 1133 C CD   . LYS A 1 71  ? -12.381 -4.736  -10.200 1.00 0.00 ? 785 LYS A CD   1 
ATOM 1134 C CE   . LYS A 1 71  ? -12.668 -6.237  -10.165 1.00 0.00 ? 785 LYS A CE   1 
ATOM 1135 N NZ   . LYS A 1 71  ? -13.781 -6.433  -11.136 1.00 0.00 ? 785 LYS A NZ   1 
ATOM 1136 H H    . LYS A 1 71  ? -10.308 -4.963  -6.522  1.00 0.00 ? 785 LYS A H    1 
ATOM 1137 H HA   . LYS A 1 71  ? -9.093  -3.586  -7.990  1.00 0.00 ? 785 LYS A HA   1 
ATOM 1138 H HB2  . LYS A 1 71  ? -11.973 -2.858  -8.622  1.00 0.00 ? 785 LYS A HB2  1 
ATOM 1139 H HB3  . LYS A 1 71  ? -10.604 -2.357  -9.613  1.00 0.00 ? 785 LYS A HB3  1 
ATOM 1140 H HG2  . LYS A 1 71  ? -10.266 -4.463  -10.444 1.00 0.00 ? 785 LYS A HG2  1 
ATOM 1141 H HG3  . LYS A 1 71  ? -10.727 -5.244  -8.930  1.00 0.00 ? 785 LYS A HG3  1 
ATOM 1142 H HD2  . LYS A 1 71  ? -13.115 -4.215  -9.603  1.00 0.00 ? 785 LYS A HD2  1 
ATOM 1143 H HD3  . LYS A 1 71  ? -12.432 -4.384  -11.220 1.00 0.00 ? 785 LYS A HD3  1 
ATOM 1144 H HE2  . LYS A 1 71  ? -11.796 -6.794  -10.474 1.00 0.00 ? 785 LYS A HE2  1 
ATOM 1145 H HE3  . LYS A 1 71  ? -12.975 -6.538  -9.174  1.00 0.00 ? 785 LYS A HE3  1 
ATOM 1146 H HZ1  . LYS A 1 71  ? -14.077 -7.430  -11.129 1.00 0.00 ? 785 LYS A HZ1  1 
ATOM 1147 H HZ2  . LYS A 1 71  ? -13.458 -6.174  -12.089 1.00 0.00 ? 785 LYS A HZ2  1 
ATOM 1148 H HZ3  . LYS A 1 71  ? -14.585 -5.831  -10.867 1.00 0.00 ? 785 LYS A HZ3  1 
ATOM 1149 N N    . LYS A 1 72  ? -10.861 -0.946  -7.175  1.00 0.00 ? 786 LYS A N    1 
ATOM 1150 C CA   . LYS A 1 72  ? -10.723 0.423   -6.602  1.00 0.00 ? 786 LYS A CA   1 
ATOM 1151 C C    . LYS A 1 72  ? -10.417 0.358   -5.102  1.00 0.00 ? 786 LYS A C    1 
ATOM 1152 O O    . LYS A 1 72  ? -9.807  1.251   -4.547  1.00 0.00 ? 786 LYS A O    1 
ATOM 1153 C CB   . LYS A 1 72  ? -12.085 1.084   -6.849  1.00 0.00 ? 786 LYS A CB   1 
ATOM 1154 C CG   . LYS A 1 72  ? -12.137 2.447   -6.152  1.00 0.00 ? 786 LYS A CG   1 
ATOM 1155 C CD   . LYS A 1 72  ? -11.050 3.357   -6.726  1.00 0.00 ? 786 LYS A CD   1 
ATOM 1156 C CE   . LYS A 1 72  ? -11.703 4.549   -7.427  1.00 0.00 ? 786 LYS A CE   1 
ATOM 1157 N NZ   . LYS A 1 72  ? -10.563 5.387   -7.896  1.00 0.00 ? 786 LYS A NZ   1 
ATOM 1158 H H    . LYS A 1 72  ? -11.687 -1.204  -7.632  1.00 0.00 ? 786 LYS A H    1 
ATOM 1159 H HA   . LYS A 1 72  ? -9.945  0.965   -7.118  1.00 0.00 ? 786 LYS A HA   1 
ATOM 1160 H HB2  . LYS A 1 72  ? -12.231 1.219   -7.911  1.00 0.00 ? 786 LYS A HB2  1 
ATOM 1161 H HB3  . LYS A 1 72  ? -12.868 0.451   -6.458  1.00 0.00 ? 786 LYS A HB3  1 
ATOM 1162 H HG2  . LYS A 1 72  ? -13.106 2.897   -6.313  1.00 0.00 ? 786 LYS A HG2  1 
ATOM 1163 H HG3  . LYS A 1 72  ? -11.974 2.315   -5.093  1.00 0.00 ? 786 LYS A HG3  1 
ATOM 1164 H HD2  . LYS A 1 72  ? -10.417 3.711   -5.925  1.00 0.00 ? 786 LYS A HD2  1 
ATOM 1165 H HD3  . LYS A 1 72  ? -10.455 2.805   -7.437  1.00 0.00 ? 786 LYS A HD3  1 
ATOM 1166 H HE2  . LYS A 1 72  ? -12.293 4.213   -8.267  1.00 0.00 ? 786 LYS A HE2  1 
ATOM 1167 H HE3  . LYS A 1 72  ? -12.317 5.104   -6.733  1.00 0.00 ? 786 LYS A HE3  1 
ATOM 1168 H HZ1  . LYS A 1 72  ? -9.861  4.783   -8.370  1.00 0.00 ? 786 LYS A HZ1  1 
ATOM 1169 H HZ2  . LYS A 1 72  ? -10.122 5.858   -7.081  1.00 0.00 ? 786 LYS A HZ2  1 
ATOM 1170 H HZ3  . LYS A 1 72  ? -10.912 6.104   -8.564  1.00 0.00 ? 786 LYS A HZ3  1 
ATOM 1171 N N    . LEU A 1 73  ? -10.844 -0.679  -4.435  1.00 0.00 ? 787 LEU A N    1 
ATOM 1172 C CA   . LEU A 1 73  ? -10.589 -0.774  -2.969  1.00 0.00 ? 787 LEU A CA   1 
ATOM 1173 C C    . LEU A 1 73  ? -9.111  -1.060  -2.692  1.00 0.00 ? 787 LEU A C    1 
ATOM 1174 O O    . LEU A 1 73  ? -8.501  -0.443  -1.841  1.00 0.00 ? 787 LEU A O    1 
ATOM 1175 C CB   . LEU A 1 73  ? -11.450 -1.944  -2.496  1.00 0.00 ? 787 LEU A CB   1 
ATOM 1176 C CG   . LEU A 1 73  ? -12.606 -1.414  -1.646  1.00 0.00 ? 787 LEU A CG   1 
ATOM 1177 C CD1  . LEU A 1 73  ? -12.044 -0.663  -0.438  1.00 0.00 ? 787 LEU A CD1  1 
ATOM 1178 C CD2  . LEU A 1 73  ? -13.463 -0.465  -2.486  1.00 0.00 ? 787 LEU A CD2  1 
ATOM 1179 H H    . LEU A 1 73  ? -11.343 -1.386  -4.895  1.00 0.00 ? 787 LEU A H    1 
ATOM 1180 H HA   . LEU A 1 73  ? -10.894 0.138   -2.477  1.00 0.00 ? 787 LEU A HA   1 
ATOM 1181 H HB2  . LEU A 1 73  ? -11.842 -2.472  -3.352  1.00 0.00 ? 787 LEU A HB2  1 
ATOM 1182 H HB3  . LEU A 1 73  ? -10.847 -2.618  -1.904  1.00 0.00 ? 787 LEU A HB3  1 
ATOM 1183 H HG   . LEU A 1 73  ? -13.211 -2.242  -1.307  1.00 0.00 ? 787 LEU A HG   1 
ATOM 1184 H HD11 . LEU A 1 73  ? -12.502 0.314   -0.378  1.00 0.00 ? 787 LEU A HD11 1 
ATOM 1185 H HD12 . LEU A 1 73  ? -10.976 -0.553  -0.547  1.00 0.00 ? 787 LEU A HD12 1 
ATOM 1186 H HD13 . LEU A 1 73  ? -12.260 -1.217  0.463   1.00 0.00 ? 787 LEU A HD13 1 
ATOM 1187 H HD21 . LEU A 1 73  ? -13.043 0.530   -2.445  1.00 0.00 ? 787 LEU A HD21 1 
ATOM 1188 H HD22 . LEU A 1 73  ? -14.469 -0.447  -2.094  1.00 0.00 ? 787 LEU A HD22 1 
ATOM 1189 H HD23 . LEU A 1 73  ? -13.482 -0.806  -3.511  1.00 0.00 ? 787 LEU A HD23 1 
ATOM 1190 N N    . PHE A 1 74  ? -8.538  -2.005  -3.384  1.00 0.00 ? 788 PHE A N    1 
ATOM 1191 C CA   . PHE A 1 74  ? -7.102  -2.331  -3.156  1.00 0.00 ? 788 PHE A CA   1 
ATOM 1192 C C    . PHE A 1 74  ? -6.225  -1.228  -3.732  1.00 0.00 ? 788 PHE A C    1 
ATOM 1193 O O    . PHE A 1 74  ? -5.169  -0.915  -3.216  1.00 0.00 ? 788 PHE A O    1 
ATOM 1194 C CB   . PHE A 1 74  ? -6.873  -3.638  -3.916  1.00 0.00 ? 788 PHE A CB   1 
ATOM 1195 C CG   . PHE A 1 74  ? -5.537  -4.225  -3.526  1.00 0.00 ? 788 PHE A CG   1 
ATOM 1196 C CD1  . PHE A 1 74  ? -5.295  -4.601  -2.200  1.00 0.00 ? 788 PHE A CD1  1 
ATOM 1197 C CD2  . PHE A 1 74  ? -4.541  -4.396  -4.494  1.00 0.00 ? 788 PHE A CD2  1 
ATOM 1198 C CE1  . PHE A 1 74  ? -4.056  -5.148  -1.844  1.00 0.00 ? 788 PHE A CE1  1 
ATOM 1199 C CE2  . PHE A 1 74  ? -3.306  -4.945  -4.137  1.00 0.00 ? 788 PHE A CE2  1 
ATOM 1200 C CZ   . PHE A 1 74  ? -3.062  -5.320  -2.813  1.00 0.00 ? 788 PHE A CZ   1 
ATOM 1201 H H    . PHE A 1 74  ? -9.043  -2.478  -4.076  1.00 0.00 ? 788 PHE A H    1 
ATOM 1202 H HA   . PHE A 1 74  ? -6.904  -2.465  -2.102  1.00 0.00 ? 788 PHE A HA   1 
ATOM 1203 H HB2  . PHE A 1 74  ? -7.658  -4.337  -3.676  1.00 0.00 ? 788 PHE A HB2  1 
ATOM 1204 H HB3  . PHE A 1 74  ? -6.883  -3.444  -4.977  1.00 0.00 ? 788 PHE A HB3  1 
ATOM 1205 H HD1  . PHE A 1 74  ? -6.062  -4.469  -1.451  1.00 0.00 ? 788 PHE A HD1  1 
ATOM 1206 H HD2  . PHE A 1 74  ? -4.728  -4.107  -5.517  1.00 0.00 ? 788 PHE A HD2  1 
ATOM 1207 H HE1  . PHE A 1 74  ? -3.868  -5.437  -0.824  1.00 0.00 ? 788 PHE A HE1  1 
ATOM 1208 H HE2  . PHE A 1 74  ? -2.542  -5.081  -4.887  1.00 0.00 ? 788 PHE A HE2  1 
ATOM 1209 H HZ   . PHE A 1 74  ? -2.107  -5.743  -2.538  1.00 0.00 ? 788 PHE A HZ   1 
ATOM 1210 N N    . MET A 1 75  ? -6.663  -0.637  -4.803  1.00 0.00 ? 789 MET A N    1 
ATOM 1211 C CA   . MET A 1 75  ? -5.877  0.452   -5.433  1.00 0.00 ? 789 MET A CA   1 
ATOM 1212 C C    . MET A 1 75  ? -5.887  1.695   -4.543  1.00 0.00 ? 789 MET A C    1 
ATOM 1213 O O    . MET A 1 75  ? -4.855  2.220   -4.183  1.00 0.00 ? 789 MET A O    1 
ATOM 1214 C CB   . MET A 1 75  ? -6.610  0.729   -6.744  1.00 0.00 ? 789 MET A CB   1 
ATOM 1215 C CG   . MET A 1 75  ? -5.594  1.027   -7.849  1.00 0.00 ? 789 MET A CG   1 
ATOM 1216 S SD   . MET A 1 75  ? -5.873  -0.088  -9.246  1.00 0.00 ? 789 MET A SD   1 
ATOM 1217 C CE   . MET A 1 75  ? -5.795  -1.635  -8.308  1.00 0.00 ? 789 MET A CE   1 
ATOM 1218 H H    . MET A 1 75  ? -7.519  -0.909  -5.195  1.00 0.00 ? 789 MET A H    1 
ATOM 1219 H HA   . MET A 1 75  ? -4.862  0.126   -5.620  1.00 0.00 ? 789 MET A HA   1 
ATOM 1220 H HB2  . MET A 1 75  ? -7.195  -0.137  -7.013  1.00 0.00 ? 789 MET A HB2  1 
ATOM 1221 H HB3  . MET A 1 75  ? -7.266  1.574   -6.613  1.00 0.00 ? 789 MET A HB3  1 
ATOM 1222 H HG2  . MET A 1 75  ? -5.706  2.051   -8.177  1.00 0.00 ? 789 MET A HG2  1 
ATOM 1223 H HG3  . MET A 1 75  ? -4.594  0.878   -7.469  1.00 0.00 ? 789 MET A HG3  1 
ATOM 1224 H HE1  . MET A 1 75  ? -5.392  -2.412  -8.936  1.00 0.00 ? 789 MET A HE1  1 
ATOM 1225 H HE2  . MET A 1 75  ? -6.789  -1.912  -7.984  1.00 0.00 ? 789 MET A HE2  1 
ATOM 1226 H HE3  . MET A 1 75  ? -5.160  -1.501  -7.446  1.00 0.00 ? 789 MET A HE3  1 
ATOM 1227 N N    . ALA A 1 76  ? -7.048  2.165   -4.178  1.00 0.00 ? 790 ALA A N    1 
ATOM 1228 C CA   . ALA A 1 76  ? -7.120  3.366   -3.301  1.00 0.00 ? 790 ALA A CA   1 
ATOM 1229 C C    . ALA A 1 76  ? -6.345  3.115   -2.006  1.00 0.00 ? 790 ALA A C    1 
ATOM 1230 O O    . ALA A 1 76  ? -5.643  3.978   -1.516  1.00 0.00 ? 790 ALA A O    1 
ATOM 1231 C CB   . ALA A 1 76  ? -8.610  3.547   -3.004  1.00 0.00 ? 790 ALA A CB   1 
ATOM 1232 H H    . ALA A 1 76  ? -7.872  1.724   -4.475  1.00 0.00 ? 790 ALA A H    1 
ATOM 1233 H HA   . ALA A 1 76  ? -6.728  4.231   -3.815  1.00 0.00 ? 790 ALA A HA   1 
ATOM 1234 H HB1  . ALA A 1 76  ? -9.137  3.758   -3.923  1.00 0.00 ? 790 ALA A HB1  1 
ATOM 1235 H HB2  . ALA A 1 76  ? -8.742  4.371   -2.317  1.00 0.00 ? 790 ALA A HB2  1 
ATOM 1236 H HB3  . ALA A 1 76  ? -9.002  2.643   -2.562  1.00 0.00 ? 790 ALA A HB3  1 
ATOM 1237 N N    . ASP A 1 77  ? -6.458  1.938   -1.456  1.00 0.00 ? 791 ASP A N    1 
ATOM 1238 C CA   . ASP A 1 77  ? -5.717  1.629   -0.200  1.00 0.00 ? 791 ASP A CA   1 
ATOM 1239 C C    . ASP A 1 77  ? -4.216  1.838   -0.404  1.00 0.00 ? 791 ASP A C    1 
ATOM 1240 O O    . ASP A 1 77  ? -3.568  2.545   0.344   1.00 0.00 ? 791 ASP A O    1 
ATOM 1241 C CB   . ASP A 1 77  ? -6.013  0.155   0.070   1.00 0.00 ? 791 ASP A CB   1 
ATOM 1242 C CG   . ASP A 1 77  ? -6.000  -0.113  1.576   1.00 0.00 ? 791 ASP A CG   1 
ATOM 1243 O OD1  . ASP A 1 77  ? -5.635  0.784   2.321   1.00 0.00 ? 791 ASP A OD1  1 
ATOM 1244 O OD2  . ASP A 1 77  ? -6.354  -1.214  1.961   1.00 0.00 ? 791 ASP A OD2  1 
ATOM 1245 H H    . ASP A 1 77  ? -7.028  1.254   -1.870  1.00 0.00 ? 791 ASP A H    1 
ATOM 1246 H HA   . ASP A 1 77  ? -6.078  2.243   0.613   1.00 0.00 ? 791 ASP A HA   1 
ATOM 1247 H HB2  . ASP A 1 77  ? -6.984  -0.092  -0.328  1.00 0.00 ? 791 ASP A HB2  1 
ATOM 1248 H HB3  . ASP A 1 77  ? -5.263  -0.457  -0.409  1.00 0.00 ? 791 ASP A HB3  1 
ATOM 1249 N N    . LEU A 1 78  ? -3.652  1.223   -1.405  1.00 0.00 ? 792 LEU A N    1 
ATOM 1250 C CA   . LEU A 1 78  ? -2.198  1.410   -1.649  1.00 0.00 ? 792 LEU A CA   1 
ATOM 1251 C C    . LEU A 1 78  ? -1.932  2.852   -2.074  1.00 0.00 ? 792 LEU A C    1 
ATOM 1252 O O    . LEU A 1 78  ? -1.109  3.538   -1.501  1.00 0.00 ? 792 LEU A O    1 
ATOM 1253 C CB   . LEU A 1 78  ? -1.847  0.437   -2.784  1.00 0.00 ? 792 LEU A CB   1 
ATOM 1254 C CG   . LEU A 1 78  ? -0.733  -0.532  -2.349  1.00 0.00 ? 792 LEU A CG   1 
ATOM 1255 C CD1  . LEU A 1 78  ? 0.395   0.204   -1.613  1.00 0.00 ? 792 LEU A CD1  1 
ATOM 1256 C CD2  . LEU A 1 78  ? -1.328  -1.605  -1.440  1.00 0.00 ? 792 LEU A CD2  1 
ATOM 1257 H H    . LEU A 1 78  ? -4.187  0.659   -2.005  1.00 0.00 ? 792 LEU A H    1 
ATOM 1258 H HA   . LEU A 1 78  ? -1.639  1.170   -0.758  1.00 0.00 ? 792 LEU A HA   1 
ATOM 1259 H HB2  . LEU A 1 78  ? -2.727  -0.131  -3.045  1.00 0.00 ? 792 LEU A HB2  1 
ATOM 1260 H HB3  . LEU A 1 78  ? -1.517  0.993   -3.649  1.00 0.00 ? 792 LEU A HB3  1 
ATOM 1261 H HG   . LEU A 1 78  ? -0.324  -1.003  -3.219  1.00 0.00 ? 792 LEU A HG   1 
ATOM 1262 H HD11 . LEU A 1 78  ? 0.410   -0.104  -0.577  1.00 0.00 ? 792 LEU A HD11 1 
ATOM 1263 H HD12 . LEU A 1 78  ? 0.229   1.269   -1.670  1.00 0.00 ? 792 LEU A HD12 1 
ATOM 1264 H HD13 . LEU A 1 78  ? 1.341   -0.038  -2.073  1.00 0.00 ? 792 LEU A HD13 1 
ATOM 1265 H HD21 . LEU A 1 78  ? -1.072  -2.583  -1.823  1.00 0.00 ? 792 LEU A HD21 1 
ATOM 1266 H HD22 . LEU A 1 78  ? -2.402  -1.499  -1.416  1.00 0.00 ? 792 LEU A HD22 1 
ATOM 1267 H HD23 . LEU A 1 78  ? -0.931  -1.493  -0.443  1.00 0.00 ? 792 LEU A HD23 1 
ATOM 1268 N N    . GLN A 1 79  ? -2.650  3.332   -3.055  1.00 0.00 ? 793 GLN A N    1 
ATOM 1269 C CA   . GLN A 1 79  ? -2.473  4.746   -3.485  1.00 0.00 ? 793 GLN A CA   1 
ATOM 1270 C C    . GLN A 1 79  ? -2.621  5.668   -2.278  1.00 0.00 ? 793 GLN A C    1 
ATOM 1271 O O    . GLN A 1 79  ? -1.999  6.709   -2.193  1.00 0.00 ? 793 GLN A O    1 
ATOM 1272 C CB   . GLN A 1 79  ? -3.600  4.998   -4.487  1.00 0.00 ? 793 GLN A CB   1 
ATOM 1273 C CG   . GLN A 1 79  ? -3.371  6.338   -5.188  1.00 0.00 ? 793 GLN A CG   1 
ATOM 1274 C CD   . GLN A 1 79  ? -3.124  6.098   -6.679  1.00 0.00 ? 793 GLN A CD   1 
ATOM 1275 O OE1  . GLN A 1 79  ? -2.159  5.461   -7.052  1.00 0.00 ? 793 GLN A OE1  1 
ATOM 1276 N NE2  . GLN A 1 79  ? -3.962  6.585   -7.553  1.00 0.00 ? 793 GLN A NE2  1 
ATOM 1277 H H    . GLN A 1 79  ? -3.323  2.769   -3.489  1.00 0.00 ? 793 GLN A H    1 
ATOM 1278 H HA   . GLN A 1 79  ? -1.509  4.885   -3.954  1.00 0.00 ? 793 GLN A HA   1 
ATOM 1279 H HB2  . GLN A 1 79  ? -3.616  4.205   -5.220  1.00 0.00 ? 793 GLN A HB2  1 
ATOM 1280 H HB3  . GLN A 1 79  ? -4.543  5.023   -3.964  1.00 0.00 ? 793 GLN A HB3  1 
ATOM 1281 H HG2  . GLN A 1 79  ? -4.244  6.961   -5.064  1.00 0.00 ? 793 GLN A HG2  1 
ATOM 1282 H HG3  . GLN A 1 79  ? -2.512  6.828   -4.755  1.00 0.00 ? 793 GLN A HG3  1 
ATOM 1283 H HE21 . GLN A 1 79  ? -4.740  7.099   -7.253  1.00 0.00 ? 793 GLN A HE21 1 
ATOM 1284 H HE22 . GLN A 1 79  ? -3.811  6.437   -8.511  1.00 0.00 ? 793 GLN A HE22 1 
ATOM 1285 N N    . ARG A 1 80  ? -3.435  5.282   -1.332  1.00 0.00 ? 794 ARG A N    1 
ATOM 1286 C CA   . ARG A 1 80  ? -3.594  6.109   -0.108  1.00 0.00 ? 794 ARG A CA   1 
ATOM 1287 C C    . ARG A 1 80  ? -2.274  6.121   0.660   1.00 0.00 ? 794 ARG A C    1 
ATOM 1288 O O    . ARG A 1 80  ? -1.820  7.149   1.120   1.00 0.00 ? 794 ARG A O    1 
ATOM 1289 C CB   . ARG A 1 80  ? -4.691  5.413   0.704   1.00 0.00 ? 794 ARG A CB   1 
ATOM 1290 C CG   . ARG A 1 80  ? -6.047  6.049   0.394   1.00 0.00 ? 794 ARG A CG   1 
ATOM 1291 C CD   . ARG A 1 80  ? -6.006  7.540   0.738   1.00 0.00 ? 794 ARG A CD   1 
ATOM 1292 N NE   . ARG A 1 80  ? -5.938  8.234   -0.581  1.00 0.00 ? 794 ARG A NE   1 
ATOM 1293 C CZ   . ARG A 1 80  ? -6.262  9.502   -0.694  1.00 0.00 ? 794 ARG A CZ   1 
ATOM 1294 N NH1  . ARG A 1 80  ? -6.653  10.195  0.348   1.00 0.00 ? 794 ARG A NH1  1 
ATOM 1295 N NH2  . ARG A 1 80  ? -6.193  10.082  -1.861  1.00 0.00 ? 794 ARG A NH2  1 
ATOM 1296 H H    . ARG A 1 80  ? -3.909  4.428   -1.413  1.00 0.00 ? 794 ARG A H    1 
ATOM 1297 H HA   . ARG A 1 80  ? -3.891  7.114   -0.367  1.00 0.00 ? 794 ARG A HA   1 
ATOM 1298 H HB2  . ARG A 1 80  ? -4.721  4.368   0.442   1.00 0.00 ? 794 ARG A HB2  1 
ATOM 1299 H HB3  . ARG A 1 80  ? -4.478  5.513   1.758   1.00 0.00 ? 794 ARG A HB3  1 
ATOM 1300 H HG2  . ARG A 1 80  ? -6.267  5.927   -0.656  1.00 0.00 ? 794 ARG A HG2  1 
ATOM 1301 H HG3  . ARG A 1 80  ? -6.813  5.565   0.980   1.00 0.00 ? 794 ARG A HG3  1 
ATOM 1302 H HD2  . ARG A 1 80  ? -6.903  7.827   1.269   1.00 0.00 ? 794 ARG A HD2  1 
ATOM 1303 H HD3  . ARG A 1 80  ? -5.131  7.766   1.328   1.00 0.00 ? 794 ARG A HD3  1 
ATOM 1304 H HE   . ARG A 1 80  ? -5.649  7.737   -1.375  1.00 0.00 ? 794 ARG A HE   1 
ATOM 1305 H HH11 . ARG A 1 80  ? -6.711  9.765   1.248   1.00 0.00 ? 794 ARG A HH11 1 
ATOM 1306 H HH12 . ARG A 1 80  ? -6.896  11.159  0.241   1.00 0.00 ? 794 ARG A HH12 1 
ATOM 1307 H HH21 . ARG A 1 80  ? -5.895  9.561   -2.661  1.00 0.00 ? 794 ARG A HH21 1 
ATOM 1308 H HH22 . ARG A 1 80  ? -6.438  11.046  -1.955  1.00 0.00 ? 794 ARG A HH22 1 
ATOM 1309 N N    . VAL A 1 81  ? -1.632  4.987   0.765   1.00 0.00 ? 795 VAL A N    1 
ATOM 1310 C CA   . VAL A 1 81  ? -0.318  4.939   1.466   1.00 0.00 ? 795 VAL A CA   1 
ATOM 1311 C C    . VAL A 1 81  ? 0.676   5.867   0.767   1.00 0.00 ? 795 VAL A C    1 
ATOM 1312 O O    . VAL A 1 81  ? 1.250   6.750   1.372   1.00 0.00 ? 795 VAL A O    1 
ATOM 1313 C CB   . VAL A 1 81  ? 0.149   3.486   1.342   1.00 0.00 ? 795 VAL A CB   1 
ATOM 1314 C CG1  . VAL A 1 81  ? 1.444   3.301   2.137   1.00 0.00 ? 795 VAL A CG1  1 
ATOM 1315 C CG2  . VAL A 1 81  ? -0.924  2.548   1.895   1.00 0.00 ? 795 VAL A CG2  1 
ATOM 1316 H H    . VAL A 1 81  ? -2.010  4.170   0.371   1.00 0.00 ? 795 VAL A H    1 
ATOM 1317 H HA   . VAL A 1 81  ? -0.432  5.214   2.503   1.00 0.00 ? 795 VAL A HA   1 
ATOM 1318 H HB   . VAL A 1 81  ? 0.328   3.253   0.303   1.00 0.00 ? 795 VAL A HB   1 
ATOM 1319 H HG11 . VAL A 1 81  ? 2.274   3.202   1.453   1.00 0.00 ? 795 VAL A HG11 1 
ATOM 1320 H HG12 . VAL A 1 81  ? 1.370   2.410   2.743   1.00 0.00 ? 795 VAL A HG12 1 
ATOM 1321 H HG13 . VAL A 1 81  ? 1.602   4.158   2.773   1.00 0.00 ? 795 VAL A HG13 1 
ATOM 1322 H HG21 . VAL A 1 81  ? -1.247  1.872   1.115   1.00 0.00 ? 795 VAL A HG21 1 
ATOM 1323 H HG22 . VAL A 1 81  ? -1.767  3.128   2.242   1.00 0.00 ? 795 VAL A HG22 1 
ATOM 1324 H HG23 . VAL A 1 81  ? -0.516  1.978   2.717   1.00 0.00 ? 795 VAL A HG23 1 
ATOM 1325 N N    . PHE A 1 82  ? 0.881   5.672   -0.508  1.00 0.00 ? 796 PHE A N    1 
ATOM 1326 C CA   . PHE A 1 82  ? 1.836   6.539   -1.254  1.00 0.00 ? 796 PHE A CA   1 
ATOM 1327 C C    . PHE A 1 82  ? 1.362   7.994   -1.238  1.00 0.00 ? 796 PHE A C    1 
ATOM 1328 O O    . PHE A 1 82  ? 2.041   8.874   -0.749  1.00 0.00 ? 796 PHE A O    1 
ATOM 1329 C CB   . PHE A 1 82  ? 1.822   5.996   -2.689  1.00 0.00 ? 796 PHE A CB   1 
ATOM 1330 C CG   . PHE A 1 82  ? 2.166   4.526   -2.684  1.00 0.00 ? 796 PHE A CG   1 
ATOM 1331 C CD1  . PHE A 1 82  ? 3.307   4.077   -2.014  1.00 0.00 ? 796 PHE A CD1  1 
ATOM 1332 C CD2  . PHE A 1 82  ? 1.349   3.617   -3.366  1.00 0.00 ? 796 PHE A CD2  1 
ATOM 1333 C CE1  . PHE A 1 82  ? 3.629   2.714   -2.016  1.00 0.00 ? 796 PHE A CE1  1 
ATOM 1334 C CE2  . PHE A 1 82  ? 1.669   2.254   -3.368  1.00 0.00 ? 796 PHE A CE2  1 
ATOM 1335 C CZ   . PHE A 1 82  ? 2.810   1.803   -2.694  1.00 0.00 ? 796 PHE A CZ   1 
ATOM 1336 H H    . PHE A 1 82  ? 0.407   4.953   -0.975  1.00 0.00 ? 796 PHE A H    1 
ATOM 1337 H HA   . PHE A 1 82  ? 2.827   6.460   -0.831  1.00 0.00 ? 796 PHE A HA   1 
ATOM 1338 H HB2  . PHE A 1 82  ? 0.841   6.133   -3.117  1.00 0.00 ? 796 PHE A HB2  1 
ATOM 1339 H HB3  . PHE A 1 82  ? 2.547   6.529   -3.280  1.00 0.00 ? 796 PHE A HB3  1 
ATOM 1340 H HD1  . PHE A 1 82  ? 3.939   4.780   -1.491  1.00 0.00 ? 796 PHE A HD1  1 
ATOM 1341 H HD2  . PHE A 1 82  ? 0.469   3.965   -3.886  1.00 0.00 ? 796 PHE A HD2  1 
ATOM 1342 H HE1  . PHE A 1 82  ? 4.508   2.367   -1.496  1.00 0.00 ? 796 PHE A HE1  1 
ATOM 1343 H HE2  . PHE A 1 82  ? 1.037   1.551   -3.891  1.00 0.00 ? 796 PHE A HE2  1 
ATOM 1344 H HZ   . PHE A 1 82  ? 3.058   0.751   -2.696  1.00 0.00 ? 796 PHE A HZ   1 
ATOM 1345 N N    . THR A 1 83  ? 0.202   8.252   -1.775  1.00 0.00 ? 797 THR A N    1 
ATOM 1346 C CA   . THR A 1 83  ? -0.313  9.652   -1.813  1.00 0.00 ? 797 THR A CA   1 
ATOM 1347 C C    . THR A 1 83  ? -0.225  10.309  -0.431  1.00 0.00 ? 797 THR A C    1 
ATOM 1348 O O    . THR A 1 83  ? 0.545   11.224  -0.220  1.00 0.00 ? 797 THR A O    1 
ATOM 1349 C CB   . THR A 1 83  ? -1.773  9.518   -2.247  1.00 0.00 ? 797 THR A CB   1 
ATOM 1350 O OG1  . THR A 1 83  ? -1.839  8.805   -3.474  1.00 0.00 ? 797 THR A OG1  1 
ATOM 1351 C CG2  . THR A 1 83  ? -2.380  10.910  -2.434  1.00 0.00 ? 797 THR A CG2  1 
ATOM 1352 H H    . THR A 1 83  ? -0.326  7.528   -2.171  1.00 0.00 ? 797 THR A H    1 
ATOM 1353 H HA   . THR A 1 83  ? 0.240   10.232  -2.537  1.00 0.00 ? 797 THR A HA   1 
ATOM 1354 H HB   . THR A 1 83  ? -2.327  8.982   -1.491  1.00 0.00 ? 797 THR A HB   1 
ATOM 1355 H HG1  . THR A 1 83  ? -1.376  9.319   -4.140  1.00 0.00 ? 797 THR A HG1  1 
ATOM 1356 H HG21 . THR A 1 83  ? -2.008  11.344  -3.351  1.00 0.00 ? 797 THR A HG21 1 
ATOM 1357 H HG22 . THR A 1 83  ? -2.103  11.537  -1.600  1.00 0.00 ? 797 THR A HG22 1 
ATOM 1358 H HG23 . THR A 1 83  ? -3.456  10.831  -2.483  1.00 0.00 ? 797 THR A HG23 1 
ATOM 1359 N N    . ASN A 1 84  ? -1.015  9.856   0.507   1.00 0.00 ? 798 ASN A N    1 
ATOM 1360 C CA   . ASN A 1 84  ? -1.001  10.469  1.870   1.00 0.00 ? 798 ASN A CA   1 
ATOM 1361 C C    . ASN A 1 84  ? 0.431   10.650  2.383   1.00 0.00 ? 798 ASN A C    1 
ATOM 1362 O O    . ASN A 1 84  ? 0.777   11.676  2.933   1.00 0.00 ? 798 ASN A O    1 
ATOM 1363 C CB   . ASN A 1 84  ? -1.756  9.475   2.754   1.00 0.00 ? 798 ASN A CB   1 
ATOM 1364 C CG   . ASN A 1 84  ? -3.185  9.307   2.233   1.00 0.00 ? 798 ASN A CG   1 
ATOM 1365 O OD1  . ASN A 1 84  ? -3.406  9.237   1.041   1.00 0.00 ? 798 ASN A OD1  1 
ATOM 1366 N ND2  . ASN A 1 84  ? -4.172  9.234   3.085   1.00 0.00 ? 798 ASN A ND2  1 
ATOM 1367 H H    . ASN A 1 84  ? -1.634  9.123   0.311   1.00 0.00 ? 798 ASN A H    1 
ATOM 1368 H HA   . ASN A 1 84  ? -1.514  11.420  1.856   1.00 0.00 ? 798 ASN A HA   1 
ATOM 1369 H HB2  . ASN A 1 84  ? -1.252  8.519   2.733   1.00 0.00 ? 798 ASN A HB2  1 
ATOM 1370 H HB3  . ASN A 1 84  ? -1.783  9.843   3.769   1.00 0.00 ? 798 ASN A HB3  1 
ATOM 1371 H HD21 . ASN A 1 84  ? -3.994  9.289   4.047   1.00 0.00 ? 798 ASN A HD21 1 
ATOM 1372 H HD22 . ASN A 1 84  ? -5.091  9.125   2.762   1.00 0.00 ? 798 ASN A HD22 1 
ATOM 1373 N N    . CYS A 1 85  ? 1.264   9.661   2.214   1.00 0.00 ? 799 CYS A N    1 
ATOM 1374 C CA   . CYS A 1 85  ? 2.665   9.783   2.706   1.00 0.00 ? 799 CYS A CA   1 
ATOM 1375 C C    . CYS A 1 85  ? 3.380   10.943  2.010   1.00 0.00 ? 799 CYS A C    1 
ATOM 1376 O O    . CYS A 1 85  ? 4.014   11.760  2.647   1.00 0.00 ? 799 CYS A O    1 
ATOM 1377 C CB   . CYS A 1 85  ? 3.329   8.453   2.343   1.00 0.00 ? 799 CYS A CB   1 
ATOM 1378 S SG   . CYS A 1 85  ? 2.951   7.220   3.613   1.00 0.00 ? 799 CYS A SG   1 
ATOM 1379 H H    . CYS A 1 85  ? 0.967   8.837   1.774   1.00 0.00 ? 799 CYS A H    1 
ATOM 1380 H HA   . CYS A 1 85  ? 2.673   9.925   3.777   1.00 0.00 ? 799 CYS A HA   1 
ATOM 1381 H HB2  . CYS A 1 85  ? 2.957   8.114   1.388   1.00 0.00 ? 799 CYS A HB2  1 
ATOM 1382 H HB3  . CYS A 1 85  ? 4.399   8.593   2.285   1.00 0.00 ? 799 CYS A HB3  1 
ATOM 1383 H HG   . CYS A 1 85  ? 2.155   7.501   4.071   1.00 0.00 ? 799 CYS A HG   1 
ATOM 1384 N N    . LYS A 1 86  ? 3.290   11.022  0.710   1.00 0.00 ? 800 LYS A N    1 
ATOM 1385 C CA   . LYS A 1 86  ? 3.978   12.125  -0.022  1.00 0.00 ? 800 LYS A CA   1 
ATOM 1386 C C    . LYS A 1 86  ? 3.327   13.473  0.295   1.00 0.00 ? 800 LYS A C    1 
ATOM 1387 O O    . LYS A 1 86  ? 3.990   14.487  0.391   1.00 0.00 ? 800 LYS A O    1 
ATOM 1388 C CB   . LYS A 1 86  ? 3.793   11.794  -1.503  1.00 0.00 ? 800 LYS A CB   1 
ATOM 1389 C CG   . LYS A 1 86  ? 4.410   10.429  -1.816  1.00 0.00 ? 800 LYS A CG   1 
ATOM 1390 C CD   . LYS A 1 86  ? 4.039   10.035  -3.247  1.00 0.00 ? 800 LYS A CD   1 
ATOM 1391 C CE   . LYS A 1 86  ? 3.958   8.512   -3.358  1.00 0.00 ? 800 LYS A CE   1 
ATOM 1392 N NZ   . LYS A 1 86  ? 3.182   8.263   -4.606  1.00 0.00 ? 800 LYS A NZ   1 
ATOM 1393 H H    . LYS A 1 86  ? 2.774   10.353  0.213   1.00 0.00 ? 800 LYS A H    1 
ATOM 1394 H HA   . LYS A 1 86  ? 5.029   12.144  0.229   1.00 0.00 ? 800 LYS A HA   1 
ATOM 1395 H HB2  . LYS A 1 86  ? 2.739   11.771  -1.735  1.00 0.00 ? 800 LYS A HB2  1 
ATOM 1396 H HB3  . LYS A 1 86  ? 4.275   12.551  -2.103  1.00 0.00 ? 800 LYS A HB3  1 
ATOM 1397 H HG2  . LYS A 1 86  ? 5.485   10.486  -1.724  1.00 0.00 ? 800 LYS A HG2  1 
ATOM 1398 H HG3  . LYS A 1 86  ? 4.027   9.692   -1.127  1.00 0.00 ? 800 LYS A HG3  1 
ATOM 1399 H HD2  . LYS A 1 86  ? 3.081   10.466  -3.498  1.00 0.00 ? 800 LYS A HD2  1 
ATOM 1400 H HD3  . LYS A 1 86  ? 4.791   10.406  -3.929  1.00 0.00 ? 800 LYS A HD3  1 
ATOM 1401 H HE2  . LYS A 1 86  ? 4.947   8.089   -3.443  1.00 0.00 ? 800 LYS A HE2  1 
ATOM 1402 H HE3  . LYS A 1 86  ? 3.442   8.099   -2.504  1.00 0.00 ? 800 LYS A HE3  1 
ATOM 1403 H HZ1  . LYS A 1 86  ? 2.171   8.427   -4.423  1.00 0.00 ? 800 LYS A HZ1  1 
ATOM 1404 H HZ2  . LYS A 1 86  ? 3.324   7.281   -4.913  1.00 0.00 ? 800 LYS A HZ2  1 
ATOM 1405 H HZ3  . LYS A 1 86  ? 3.507   8.912   -5.352  1.00 0.00 ? 800 LYS A HZ3  1 
ATOM 1406 N N    . GLU A 1 87  ? 2.031   13.494  0.438   1.00 0.00 ? 801 GLU A N    1 
ATOM 1407 C CA   . GLU A 1 87  ? 1.325   14.778  0.717   1.00 0.00 ? 801 GLU A CA   1 
ATOM 1408 C C    . GLU A 1 87  ? 1.995   15.537  1.866   1.00 0.00 ? 801 GLU A C    1 
ATOM 1409 O O    . GLU A 1 87  ? 2.378   16.680  1.722   1.00 0.00 ? 801 GLU A O    1 
ATOM 1410 C CB   . GLU A 1 87  ? -0.095  14.361  1.108   1.00 0.00 ? 801 GLU A CB   1 
ATOM 1411 C CG   . GLU A 1 87  ? -0.885  14.011  -0.154  1.00 0.00 ? 801 GLU A CG   1 
ATOM 1412 C CD   . GLU A 1 87  ? -2.371  14.286  0.080   1.00 0.00 ? 801 GLU A CD   1 
ATOM 1413 O OE1  . GLU A 1 87  ? -2.965  13.582  0.880   1.00 0.00 ? 801 GLU A OE1  1 
ATOM 1414 O OE2  . GLU A 1 87  ? -2.891  15.195  -0.546  1.00 0.00 ? 801 GLU A OE2  1 
ATOM 1415 H H    . GLU A 1 87  ? 1.517   12.665  0.343   1.00 0.00 ? 801 GLU A H    1 
ATOM 1416 H HA   . GLU A 1 87  ? 1.301   15.390  -0.171  1.00 0.00 ? 801 GLU A HA   1 
ATOM 1417 H HB2  . GLU A 1 87  ? -0.052  13.500  1.758   1.00 0.00 ? 801 GLU A HB2  1 
ATOM 1418 H HB3  . GLU A 1 87  ? -0.581  15.177  1.623   1.00 0.00 ? 801 GLU A HB3  1 
ATOM 1419 H HG2  . GLU A 1 87  ? -0.532  14.613  -0.977  1.00 0.00 ? 801 GLU A HG2  1 
ATOM 1420 H HG3  . GLU A 1 87  ? -0.745  12.966  -0.390  1.00 0.00 ? 801 GLU A HG3  1 
ATOM 1421 N N    . TYR A 1 88  ? 2.138   14.917  3.005   1.00 0.00 ? 802 TYR A N    1 
ATOM 1422 C CA   . TYR A 1 88  ? 2.775   15.620  4.155   1.00 0.00 ? 802 TYR A CA   1 
ATOM 1423 C C    . TYR A 1 88  ? 4.284   15.363  4.181   1.00 0.00 ? 802 TYR A C    1 
ATOM 1424 O O    . TYR A 1 88  ? 4.914   15.421  5.217   1.00 0.00 ? 802 TYR A O    1 
ATOM 1425 C CB   . TYR A 1 88  ? 2.113   15.025  5.398   1.00 0.00 ? 802 TYR A CB   1 
ATOM 1426 C CG   . TYR A 1 88  ? 2.040   16.076  6.480   1.00 0.00 ? 802 TYR A CG   1 
ATOM 1427 C CD1  . TYR A 1 88  ? 1.433   17.310  6.218   1.00 0.00 ? 802 TYR A CD1  1 
ATOM 1428 C CD2  . TYR A 1 88  ? 2.583   15.819  7.745   1.00 0.00 ? 802 TYR A CD2  1 
ATOM 1429 C CE1  . TYR A 1 88  ? 1.367   18.285  7.220   1.00 0.00 ? 802 TYR A CE1  1 
ATOM 1430 C CE2  . TYR A 1 88  ? 2.517   16.793  8.747   1.00 0.00 ? 802 TYR A CE2  1 
ATOM 1431 C CZ   . TYR A 1 88  ? 1.908   18.026  8.485   1.00 0.00 ? 802 TYR A CZ   1 
ATOM 1432 O OH   . TYR A 1 88  ? 1.843   18.988  9.474   1.00 0.00 ? 802 TYR A OH   1 
ATOM 1433 H H    . TYR A 1 88  ? 1.819   13.996  3.108   1.00 0.00 ? 802 TYR A H    1 
ATOM 1434 H HA   . TYR A 1 88  ? 2.578   16.681  4.099   1.00 0.00 ? 802 TYR A HA   1 
ATOM 1435 H HB2  . TYR A 1 88  ? 1.115   14.693  5.150   1.00 0.00 ? 802 TYR A HB2  1 
ATOM 1436 H HB3  . TYR A 1 88  ? 2.695   14.186  5.749   1.00 0.00 ? 802 TYR A HB3  1 
ATOM 1437 H HD1  . TYR A 1 88  ? 1.015   17.510  5.241   1.00 0.00 ? 802 TYR A HD1  1 
ATOM 1438 H HD2  . TYR A 1 88  ? 3.053   14.867  7.946   1.00 0.00 ? 802 TYR A HD2  1 
ATOM 1439 H HE1  . TYR A 1 88  ? 0.897   19.236  7.018   1.00 0.00 ? 802 TYR A HE1  1 
ATOM 1440 H HE2  . TYR A 1 88  ? 2.935   16.594  9.723   1.00 0.00 ? 802 TYR A HE2  1 
ATOM 1441 H HH   . TYR A 1 88  ? 0.998   18.898  9.920   1.00 0.00 ? 802 TYR A HH   1 
ATOM 1442 N N    . ASN A 1 89  ? 4.871   15.088  3.048   1.00 0.00 ? 803 ASN A N    1 
ATOM 1443 C CA   . ASN A 1 89  ? 6.339   14.842  3.012   1.00 0.00 ? 803 ASN A CA   1 
ATOM 1444 C C    . ASN A 1 89  ? 6.984   15.658  1.885   1.00 0.00 ? 803 ASN A C    1 
ATOM 1445 O O    . ASN A 1 89  ? 6.865   15.304  0.730   1.00 0.00 ? 803 ASN A O    1 
ATOM 1446 C CB   . ASN A 1 89  ? 6.482   13.346  2.729   1.00 0.00 ? 803 ASN A CB   1 
ATOM 1447 C CG   . ASN A 1 89  ? 6.407   12.568  4.045   1.00 0.00 ? 803 ASN A CG   1 
ATOM 1448 O OD1  . ASN A 1 89  ? 6.650   13.117  5.103   1.00 0.00 ? 803 ASN A OD1  1 
ATOM 1449 N ND2  . ASN A 1 89  ? 6.082   11.304  4.026   1.00 0.00 ? 803 ASN A ND2  1 
ATOM 1450 H H    . ASN A 1 89  ? 4.348   15.048  2.221   1.00 0.00 ? 803 ASN A H    1 
ATOM 1451 H HA   . ASN A 1 89  ? 6.784   15.087  3.964   1.00 0.00 ? 803 ASN A HA   1 
ATOM 1452 H HB2  . ASN A 1 89  ? 5.686   13.025  2.074   1.00 0.00 ? 803 ASN A HB2  1 
ATOM 1453 H HB3  . ASN A 1 89  ? 7.433   13.160  2.256   1.00 0.00 ? 803 ASN A HB3  1 
ATOM 1454 H HD21 . ASN A 1 89  ? 5.886   10.863  3.173   1.00 0.00 ? 803 ASN A HD21 1 
ATOM 1455 H HD22 . ASN A 1 89  ? 6.032   10.798  4.864   1.00 0.00 ? 803 ASN A HD22 1 
ATOM 1456 N N    . PRO A 1 90  ? 7.639   16.734  2.251   1.00 0.00 ? 804 PRO A N    1 
ATOM 1457 C CA   . PRO A 1 90  ? 8.304   17.583  1.235   1.00 0.00 ? 804 PRO A CA   1 
ATOM 1458 C C    . PRO A 1 90  ? 9.354   16.773  0.473   1.00 0.00 ? 804 PRO A C    1 
ATOM 1459 O O    . PRO A 1 90  ? 9.513   15.593  0.715   1.00 0.00 ? 804 PRO A O    1 
ATOM 1460 C CB   . PRO A 1 90  ? 8.966   18.700  2.047   1.00 0.00 ? 804 PRO A CB   1 
ATOM 1461 C CG   . PRO A 1 90  ? 8.972   18.223  3.467   1.00 0.00 ? 804 PRO A CG   1 
ATOM 1462 C CD   . PRO A 1 90  ? 7.845   17.239  3.615   1.00 0.00 ? 804 PRO A CD   1 
ATOM 1463 H HA   . PRO A 1 90  ? 7.579   17.996  0.550   1.00 0.00 ? 804 PRO A HA   1 
ATOM 1464 H HB2  . PRO A 1 90  ? 9.976   18.861  1.704   1.00 0.00 ? 804 PRO A HB2  1 
ATOM 1465 H HB3  . PRO A 1 90  ? 8.393   19.612  1.965   1.00 0.00 ? 804 PRO A HB3  1 
ATOM 1466 H HG2  . PRO A 1 90  ? 9.913   17.739  3.687   1.00 0.00 ? 804 PRO A HG2  1 
ATOM 1467 H HG3  . PRO A 1 90  ? 8.822   19.057  4.135   1.00 0.00 ? 804 PRO A HG3  1 
ATOM 1468 H HD2  . PRO A 1 90  ? 8.129   16.437  4.279   1.00 0.00 ? 804 PRO A HD2  1 
ATOM 1469 H HD3  . PRO A 1 90  ? 6.954   17.734  3.974   1.00 0.00 ? 804 PRO A HD3  1 
ATOM 1470 N N    . PRO A 1 91  ? 10.039  17.430  -0.430  1.00 0.00 ? 805 PRO A N    1 
ATOM 1471 C CA   . PRO A 1 91  ? 11.082  16.748  -1.237  1.00 0.00 ? 805 PRO A CA   1 
ATOM 1472 C C    . PRO A 1 91  ? 12.260  16.337  -0.353  1.00 0.00 ? 805 PRO A C    1 
ATOM 1473 O O    . PRO A 1 91  ? 13.373  16.790  -0.531  1.00 0.00 ? 805 PRO A O    1 
ATOM 1474 C CB   . PRO A 1 91  ? 11.526  17.805  -2.250  1.00 0.00 ? 805 PRO A CB   1 
ATOM 1475 C CG   . PRO A 1 91  ? 10.535  18.923  -2.151  1.00 0.00 ? 805 PRO A CG   1 
ATOM 1476 C CD   . PRO A 1 91  ? 9.904   18.843  -0.793  1.00 0.00 ? 805 PRO A CD   1 
ATOM 1477 H HA   . PRO A 1 91  ? 10.668  15.888  -1.742  1.00 0.00 ? 805 PRO A HA   1 
ATOM 1478 H HB2  . PRO A 1 91  ? 12.511  18.164  -2.001  1.00 0.00 ? 805 PRO A HB2  1 
ATOM 1479 H HB3  . PRO A 1 91  ? 11.522  17.390  -3.248  1.00 0.00 ? 805 PRO A HB3  1 
ATOM 1480 H HG2  . PRO A 1 91  ? 11.041  19.866  -2.261  1.00 0.00 ? 805 PRO A HG2  1 
ATOM 1481 H HG3  . PRO A 1 91  ? 9.781   18.816  -2.916  1.00 0.00 ? 805 PRO A HG3  1 
ATOM 1482 H HD2  . PRO A 1 91  ? 10.435  19.468  -0.090  1.00 0.00 ? 805 PRO A HD2  1 
ATOM 1483 H HD3  . PRO A 1 91  ? 8.861   19.124  -0.841  1.00 0.00 ? 805 PRO A HD3  1 
ATOM 1484 N N    . GLU A 1 92  ? 12.023  15.481  0.599   1.00 0.00 ? 806 GLU A N    1 
ATOM 1485 C CA   . GLU A 1 92  ? 13.124  15.038  1.501   1.00 0.00 ? 806 GLU A CA   1 
ATOM 1486 C C    . GLU A 1 92  ? 14.269  14.429  0.684   1.00 0.00 ? 806 GLU A C    1 
ATOM 1487 O O    . GLU A 1 92  ? 15.225  15.100  0.348   1.00 0.00 ? 806 GLU A O    1 
ATOM 1488 C CB   . GLU A 1 92  ? 12.482  13.990  2.417   1.00 0.00 ? 806 GLU A CB   1 
ATOM 1489 C CG   . GLU A 1 92  ? 13.558  13.350  3.299   1.00 0.00 ? 806 GLU A CG   1 
ATOM 1490 C CD   . GLU A 1 92  ? 13.176  13.518  4.771   1.00 0.00 ? 806 GLU A CD   1 
ATOM 1491 O OE1  . GLU A 1 92  ? 12.014  13.318  5.088   1.00 0.00 ? 806 GLU A OE1  1 
ATOM 1492 O OE2  . GLU A 1 92  ? 14.050  13.842  5.557   1.00 0.00 ? 806 GLU A OE2  1 
ATOM 1493 H H    . GLU A 1 92  ? 11.118  15.133  0.725   1.00 0.00 ? 806 GLU A H    1 
ATOM 1494 H HA   . GLU A 1 92  ? 13.485  15.869  2.086   1.00 0.00 ? 806 GLU A HA   1 
ATOM 1495 H HB2  . GLU A 1 92  ? 11.741  14.465  3.043   1.00 0.00 ? 806 GLU A HB2  1 
ATOM 1496 H HB3  . GLU A 1 92  ? 12.007  13.228  1.818   1.00 0.00 ? 806 GLU A HB3  1 
ATOM 1497 H HG2  . GLU A 1 92  ? 13.637  12.299  3.066   1.00 0.00 ? 806 GLU A HG2  1 
ATOM 1498 H HG3  . GLU A 1 92  ? 14.506  13.832  3.117   1.00 0.00 ? 806 GLU A HG3  1 
ATOM 1499 N N    . SER A 1 93  ? 14.189  13.164  0.368   1.00 0.00 ? 807 SER A N    1 
ATOM 1500 C CA   . SER A 1 93  ? 15.270  12.515  -0.429  1.00 0.00 ? 807 SER A CA   1 
ATOM 1501 C C    . SER A 1 93  ? 14.922  11.048  -0.674  1.00 0.00 ? 807 SER A C    1 
ATOM 1502 O O    . SER A 1 93  ? 14.977  10.560  -1.785  1.00 0.00 ? 807 SER A O    1 
ATOM 1503 C CB   . SER A 1 93  ? 16.530  12.624  0.435   1.00 0.00 ? 807 SER A CB   1 
ATOM 1504 O OG   . SER A 1 93  ? 17.598  13.137  -0.347  1.00 0.00 ? 807 SER A OG   1 
ATOM 1505 H H    . SER A 1 93  ? 13.409  12.638  0.643   1.00 0.00 ? 807 SER A H    1 
ATOM 1506 H HA   . SER A 1 93  ? 15.408  13.032  -1.366  1.00 0.00 ? 807 SER A HA   1 
ATOM 1507 H HB2  . SER A 1 93  ? 16.341  13.288  1.266   1.00 0.00 ? 807 SER A HB2  1 
ATOM 1508 H HB3  . SER A 1 93  ? 16.795  11.646  0.810   1.00 0.00 ? 807 SER A HB3  1 
ATOM 1509 H HG   . SER A 1 93  ? 17.990  12.406  -0.830  1.00 0.00 ? 807 SER A HG   1 
ATOM 1510 N N    . GLU A 1 94  ? 14.550  10.344  0.360   1.00 0.00 ? 808 GLU A N    1 
ATOM 1511 C CA   . GLU A 1 94  ? 14.181  8.911   0.196   1.00 0.00 ? 808 GLU A CA   1 
ATOM 1512 C C    . GLU A 1 94  ? 12.693  8.712   0.489   1.00 0.00 ? 808 GLU A C    1 
ATOM 1513 O O    . GLU A 1 94  ? 12.101  7.724   0.098   1.00 0.00 ? 808 GLU A O    1 
ATOM 1514 C CB   . GLU A 1 94  ? 15.033  8.169   1.231   1.00 0.00 ? 808 GLU A CB   1 
ATOM 1515 C CG   . GLU A 1 94  ? 15.266  6.732   0.764   1.00 0.00 ? 808 GLU A CG   1 
ATOM 1516 C CD   . GLU A 1 94  ? 15.901  5.924   1.898   1.00 0.00 ? 808 GLU A CD   1 
ATOM 1517 O OE1  . GLU A 1 94  ? 15.235  5.723   2.901   1.00 0.00 ? 808 GLU A OE1  1 
ATOM 1518 O OE2  . GLU A 1 94  ? 17.042  5.521   1.745   1.00 0.00 ? 808 GLU A OE2  1 
ATOM 1519 H H    . GLU A 1 94  ? 14.507  10.762  1.245   1.00 0.00 ? 808 GLU A H    1 
ATOM 1520 H HA   . GLU A 1 94  ? 14.419  8.571   -0.802  1.00 0.00 ? 808 GLU A HA   1 
ATOM 1521 H HB2  . GLU A 1 94  ? 15.982  8.671   1.342   1.00 0.00 ? 808 GLU A HB2  1 
ATOM 1522 H HB3  . GLU A 1 94  ? 14.517  8.160   2.180   1.00 0.00 ? 808 GLU A HB3  1 
ATOM 1523 H HG2  . GLU A 1 94  ? 14.322  6.285   0.489   1.00 0.00 ? 808 GLU A HG2  1 
ATOM 1524 H HG3  . GLU A 1 94  ? 15.926  6.734   -0.091  1.00 0.00 ? 808 GLU A HG3  1 
ATOM 1525 N N    . TYR A 1 95  ? 12.079  9.640   1.175   1.00 0.00 ? 809 TYR A N    1 
ATOM 1526 C CA   . TYR A 1 95  ? 10.629  9.497   1.484   1.00 0.00 ? 809 TYR A CA   1 
ATOM 1527 C C    . TYR A 1 95  ? 9.810   9.510   0.193   1.00 0.00 ? 809 TYR A C    1 
ATOM 1528 O O    . TYR A 1 95  ? 9.212   8.521   -0.185  1.00 0.00 ? 809 TYR A O    1 
ATOM 1529 C CB   . TYR A 1 95  ? 10.288  10.716  2.344   1.00 0.00 ? 809 TYR A CB   1 
ATOM 1530 C CG   . TYR A 1 95  ? 10.131  10.286  3.783   1.00 0.00 ? 809 TYR A CG   1 
ATOM 1531 C CD1  . TYR A 1 95  ? 8.901   9.791   4.234   1.00 0.00 ? 809 TYR A CD1  1 
ATOM 1532 C CD2  . TYR A 1 95  ? 11.212  10.384  4.665   1.00 0.00 ? 809 TYR A CD2  1 
ATOM 1533 C CE1  . TYR A 1 95  ? 8.753   9.393   5.568   1.00 0.00 ? 809 TYR A CE1  1 
ATOM 1534 C CE2  . TYR A 1 95  ? 11.066  9.987   5.999   1.00 0.00 ? 809 TYR A CE2  1 
ATOM 1535 C CZ   . TYR A 1 95  ? 9.836   9.492   6.451   1.00 0.00 ? 809 TYR A CZ   1 
ATOM 1536 O OH   . TYR A 1 95  ? 9.693   9.099   7.766   1.00 0.00 ? 809 TYR A OH   1 
ATOM 1537 H H    . TYR A 1 95  ? 12.570  10.433  1.481   1.00 0.00 ? 809 TYR A H    1 
ATOM 1538 H HA   . TYR A 1 95  ? 10.450  8.586   2.035   1.00 0.00 ? 809 TYR A HA   1 
ATOM 1539 H HB2  . TYR A 1 95  ? 11.085  11.442  2.270   1.00 0.00 ? 809 TYR A HB2  1 
ATOM 1540 H HB3  . TYR A 1 95  ? 9.367   11.156  1.994   1.00 0.00 ? 809 TYR A HB3  1 
ATOM 1541 H HD1  . TYR A 1 95  ? 8.066   9.715   3.552   1.00 0.00 ? 809 TYR A HD1  1 
ATOM 1542 H HD2  . TYR A 1 95  ? 12.160  10.767  4.316   1.00 0.00 ? 809 TYR A HD2  1 
ATOM 1543 H HE1  . TYR A 1 95  ? 7.806   9.010   5.916   1.00 0.00 ? 809 TYR A HE1  1 
ATOM 1544 H HE2  . TYR A 1 95  ? 11.901  10.062  6.679   1.00 0.00 ? 809 TYR A HE2  1 
ATOM 1545 H HH   . TYR A 1 95  ? 8.901   9.514   8.115   1.00 0.00 ? 809 TYR A HH   1 
ATOM 1546 N N    . TYR A 1 96  ? 9.779   10.622  -0.490  1.00 0.00 ? 810 TYR A N    1 
ATOM 1547 C CA   . TYR A 1 96  ? 9.006   10.685  -1.761  1.00 0.00 ? 810 TYR A CA   1 
ATOM 1548 C C    . TYR A 1 96  ? 9.527   9.635   -2.743  1.00 0.00 ? 810 TYR A C    1 
ATOM 1549 O O    . TYR A 1 96  ? 8.785   9.078   -3.530  1.00 0.00 ? 810 TYR A O    1 
ATOM 1550 C CB   . TYR A 1 96  ? 9.252   12.095  -2.303  1.00 0.00 ? 810 TYR A CB   1 
ATOM 1551 C CG   . TYR A 1 96  ? 8.539   12.253  -3.625  1.00 0.00 ? 810 TYR A CG   1 
ATOM 1552 C CD1  . TYR A 1 96  ? 7.148   12.401  -3.656  1.00 0.00 ? 810 TYR A CD1  1 
ATOM 1553 C CD2  . TYR A 1 96  ? 9.272   12.250  -4.818  1.00 0.00 ? 810 TYR A CD2  1 
ATOM 1554 C CE1  . TYR A 1 96  ? 6.488   12.548  -4.883  1.00 0.00 ? 810 TYR A CE1  1 
ATOM 1555 C CE2  . TYR A 1 96  ? 8.611   12.396  -6.043  1.00 0.00 ? 810 TYR A CE2  1 
ATOM 1556 C CZ   . TYR A 1 96  ? 7.219   12.545  -6.076  1.00 0.00 ? 810 TYR A CZ   1 
ATOM 1557 O OH   . TYR A 1 96  ? 6.570   12.688  -7.285  1.00 0.00 ? 810 TYR A OH   1 
ATOM 1558 H H    . TYR A 1 96  ? 10.272  11.408  -0.173  1.00 0.00 ? 810 TYR A H    1 
ATOM 1559 H HA   . TYR A 1 96  ? 7.953   10.535  -1.570  1.00 0.00 ? 810 TYR A HA   1 
ATOM 1560 H HB2  . TYR A 1 96  ? 8.873   12.822  -1.600  1.00 0.00 ? 810 TYR A HB2  1 
ATOM 1561 H HB3  . TYR A 1 96  ? 10.312  12.246  -2.443  1.00 0.00 ? 810 TYR A HB3  1 
ATOM 1562 H HD1  . TYR A 1 96  ? 6.584   12.404  -2.735  1.00 0.00 ? 810 TYR A HD1  1 
ATOM 1563 H HD2  . TYR A 1 96  ? 10.345  12.134  -4.793  1.00 0.00 ? 810 TYR A HD2  1 
ATOM 1564 H HE1  . TYR A 1 96  ? 5.414   12.662  -4.908  1.00 0.00 ? 810 TYR A HE1  1 
ATOM 1565 H HE2  . TYR A 1 96  ? 9.176   12.393  -6.964  1.00 0.00 ? 810 TYR A HE2  1 
ATOM 1566 H HH   . TYR A 1 96  ? 6.095   13.523  -7.271  1.00 0.00 ? 810 TYR A HH   1 
ATOM 1567 N N    . LYS A 1 97  ? 10.800  9.351   -2.695  1.00 0.00 ? 811 LYS A N    1 
ATOM 1568 C CA   . LYS A 1 97  ? 11.376  8.329   -3.613  1.00 0.00 ? 811 LYS A CA   1 
ATOM 1569 C C    . LYS A 1 97  ? 10.786  6.951   -3.309  1.00 0.00 ? 811 LYS A C    1 
ATOM 1570 O O    . LYS A 1 97  ? 10.128  6.353   -4.131  1.00 0.00 ? 811 LYS A O    1 
ATOM 1571 C CB   . LYS A 1 97  ? 12.876  8.341   -3.312  1.00 0.00 ? 811 LYS A CB   1 
ATOM 1572 C CG   . LYS A 1 97  ? 13.602  9.145   -4.391  1.00 0.00 ? 811 LYS A CG   1 
ATOM 1573 C CD   . LYS A 1 97  ? 15.109  9.091   -4.136  1.00 0.00 ? 811 LYS A CD   1 
ATOM 1574 C CE   . LYS A 1 97  ? 15.724  10.464  -4.418  1.00 0.00 ? 811 LYS A CE   1 
ATOM 1575 N NZ   . LYS A 1 97  ? 16.607  10.250  -5.597  1.00 0.00 ? 811 LYS A NZ   1 
ATOM 1576 H H    . LYS A 1 97  ? 11.378  9.808   -2.049  1.00 0.00 ? 811 LYS A H    1 
ATOM 1577 H HA   . LYS A 1 97  ? 11.194  8.601   -4.642  1.00 0.00 ? 811 LYS A HA   1 
ATOM 1578 H HB2  . LYS A 1 97  ? 13.046  8.796   -2.348  1.00 0.00 ? 811 LYS A HB2  1 
ATOM 1579 H HB3  . LYS A 1 97  ? 13.250  7.328   -3.303  1.00 0.00 ? 811 LYS A HB3  1 
ATOM 1580 H HG2  . LYS A 1 97  ? 13.385  8.725   -5.362  1.00 0.00 ? 811 LYS A HG2  1 
ATOM 1581 H HG3  . LYS A 1 97  ? 13.266  10.171  -4.359  1.00 0.00 ? 811 LYS A HG3  1 
ATOM 1582 H HD2  . LYS A 1 97  ? 15.291  8.821   -3.106  1.00 0.00 ? 811 LYS A HD2  1 
ATOM 1583 H HD3  . LYS A 1 97  ? 15.559  8.355   -4.786  1.00 0.00 ? 811 LYS A HD3  1 
ATOM 1584 H HE2  . LYS A 1 97  ? 14.951  11.180  -4.652  1.00 0.00 ? 811 LYS A HE2  1 
ATOM 1585 H HE3  . LYS A 1 97  ? 16.303  10.798  -3.570  1.00 0.00 ? 811 LYS A HE3  1 
ATOM 1586 H HZ1  . LYS A 1 97  ? 16.842  11.167  -6.027  1.00 0.00 ? 811 LYS A HZ1  1 
ATOM 1587 H HZ2  . LYS A 1 97  ? 16.116  9.656   -6.297  1.00 0.00 ? 811 LYS A HZ2  1 
ATOM 1588 H HZ3  . LYS A 1 97  ? 17.482  9.776   -5.295  1.00 0.00 ? 811 LYS A HZ3  1 
ATOM 1589 N N    . CYS A 1 98  ? 11.008  6.456   -2.124  1.00 0.00 ? 812 CYS A N    1 
ATOM 1590 C CA   . CYS A 1 98  ? 10.468  5.117   -1.742  1.00 0.00 ? 812 CYS A CA   1 
ATOM 1591 C C    . CYS A 1 98  ? 8.994   4.998   -2.128  1.00 0.00 ? 812 CYS A C    1 
ATOM 1592 O O    . CYS A 1 98  ? 8.603   4.102   -2.850  1.00 0.00 ? 812 CYS A O    1 
ATOM 1593 C CB   . CYS A 1 98  ? 10.626  5.054   -0.222  1.00 0.00 ? 812 CYS A CB   1 
ATOM 1594 S SG   . CYS A 1 98  ? 12.334  4.617   0.185   1.00 0.00 ? 812 CYS A SG   1 
ATOM 1595 H H    . CYS A 1 98  ? 11.543  6.960   -1.488  1.00 0.00 ? 812 CYS A H    1 
ATOM 1596 H HA   . CYS A 1 98  ? 11.044  4.332   -2.211  1.00 0.00 ? 812 CYS A HA   1 
ATOM 1597 H HB2  . CYS A 1 98  ? 10.390  6.019   0.205   1.00 0.00 ? 812 CYS A HB2  1 
ATOM 1598 H HB3  . CYS A 1 98  ? 9.957   4.309   0.180   1.00 0.00 ? 812 CYS A HB3  1 
ATOM 1599 H HG   . CYS A 1 98  ? 12.912  5.085   -0.422  1.00 0.00 ? 812 CYS A HG   1 
ATOM 1600 N N    . ALA A 1 99  ? 8.170   5.905   -1.671  1.00 0.00 ? 813 ALA A N    1 
ATOM 1601 C CA   . ALA A 1 99  ? 6.726   5.854   -2.049  1.00 0.00 ? 813 ALA A CA   1 
ATOM 1602 C C    . ALA A 1 99  ? 6.603   5.760   -3.570  1.00 0.00 ? 813 ALA A C    1 
ATOM 1603 O O    . ALA A 1 99  ? 5.772   5.049   -4.099  1.00 0.00 ? 813 ALA A O    1 
ATOM 1604 C CB   . ALA A 1 99  ? 6.139   7.170   -1.540  1.00 0.00 ? 813 ALA A CB   1 
ATOM 1605 H H    . ALA A 1 99  ? 8.507   6.632   -1.104  1.00 0.00 ? 813 ALA A H    1 
ATOM 1606 H HA   . ALA A 1 99  ? 6.240   5.010   -1.576  1.00 0.00 ? 813 ALA A HA   1 
ATOM 1607 H HB1  . ALA A 1 99  ? 5.060   7.113   -1.556  1.00 0.00 ? 813 ALA A HB1  1 
ATOM 1608 H HB2  . ALA A 1 99  ? 6.466   7.979   -2.177  1.00 0.00 ? 813 ALA A HB2  1 
ATOM 1609 H HB3  . ALA A 1 99  ? 6.475   7.347   -0.529  1.00 0.00 ? 813 ALA A HB3  1 
ATOM 1610 N N    . ASN A 1 100 ? 7.459   6.449   -4.272  1.00 0.00 ? 814 ASN A N    1 
ATOM 1611 C CA   . ASN A 1 100 ? 7.467   6.344   -5.756  1.00 0.00 ? 814 ASN A CA   1 
ATOM 1612 C C    . ASN A 1 100 ? 7.832   4.924   -6.134  1.00 0.00 ? 814 ASN A C    1 
ATOM 1613 O O    . ASN A 1 100 ? 7.085   4.207   -6.770  1.00 0.00 ? 814 ASN A O    1 
ATOM 1614 C CB   . ASN A 1 100 ? 8.589   7.281   -6.204  1.00 0.00 ? 814 ASN A CB   1 
ATOM 1615 C CG   . ASN A 1 100 ? 8.037   8.326   -7.174  1.00 0.00 ? 814 ASN A CG   1 
ATOM 1616 O OD1  . ASN A 1 100 ? 7.162   8.034   -7.966  1.00 0.00 ? 814 ASN A OD1  1 
ATOM 1617 N ND2  . ASN A 1 100 ? 8.512   9.540   -7.147  1.00 0.00 ? 814 ASN A ND2  1 
ATOM 1618 H H    . ASN A 1 100 ? 8.148   6.976   -3.817  1.00 0.00 ? 814 ASN A H    1 
ATOM 1619 H HA   . ASN A 1 100 ? 6.518   6.636   -6.176  1.00 0.00 ? 814 ASN A HA   1 
ATOM 1620 H HB2  . ASN A 1 100 ? 9.002   7.768   -5.345  1.00 0.00 ? 814 ASN A HB2  1 
ATOM 1621 H HB3  . ASN A 1 100 ? 9.368   6.708   -6.686  1.00 0.00 ? 814 ASN A HB3  1 
ATOM 1622 H HD21 . ASN A 1 100 ? 9.218   9.775   -6.509  1.00 0.00 ? 814 ASN A HD21 1 
ATOM 1623 H HD22 . ASN A 1 100 ? 8.166   10.217  -7.766  1.00 0.00 ? 814 ASN A HD22 1 
ATOM 1624 N N    . ILE A 1 101 ? 8.990   4.519   -5.709  1.00 0.00 ? 815 ILE A N    1 
ATOM 1625 C CA   . ILE A 1 101 ? 9.472   3.156   -5.993  1.00 0.00 ? 815 ILE A CA   1 
ATOM 1626 C C    . ILE A 1 101 ? 8.404   2.127   -5.618  1.00 0.00 ? 815 ILE A C    1 
ATOM 1627 O O    . ILE A 1 101 ? 7.820   1.475   -6.461  1.00 0.00 ? 815 ILE A O    1 
ATOM 1628 C CB   . ILE A 1 101 ? 10.706  3.011   -5.085  1.00 0.00 ? 815 ILE A CB   1 
ATOM 1629 C CG1  . ILE A 1 101 ? 11.868  3.809   -5.681  1.00 0.00 ? 815 ILE A CG1  1 
ATOM 1630 C CG2  . ILE A 1 101 ? 11.103  1.542   -4.959  1.00 0.00 ? 815 ILE A CG2  1 
ATOM 1631 C CD1  . ILE A 1 101 ? 13.138  3.588   -4.851  1.00 0.00 ? 815 ILE A CD1  1 
ATOM 1632 H H    . ILE A 1 101 ? 9.554   5.132   -5.202  1.00 0.00 ? 815 ILE A H    1 
ATOM 1633 H HA   . ILE A 1 101 ? 9.747   3.076   -7.029  1.00 0.00 ? 815 ILE A HA   1 
ATOM 1634 H HB   . ILE A 1 101 ? 10.474  3.400   -4.106  1.00 0.00 ? 815 ILE A HB   1 
ATOM 1635 H HG12 . ILE A 1 101 ? 12.039  3.494   -6.697  1.00 0.00 ? 815 ILE A HG12 1 
ATOM 1636 H HG13 . ILE A 1 101 ? 11.615  4.853   -5.670  1.00 0.00 ? 815 ILE A HG13 1 
ATOM 1637 H HG21 . ILE A 1 101 ? 12.001  1.469   -4.365  1.00 0.00 ? 815 ILE A HG21 1 
ATOM 1638 H HG22 . ILE A 1 101 ? 11.284  1.135   -5.941  1.00 0.00 ? 815 ILE A HG22 1 
ATOM 1639 H HG23 . ILE A 1 101 ? 10.302  0.997   -4.479  1.00 0.00 ? 815 ILE A HG23 1 
ATOM 1640 H HD11 . ILE A 1 101 ? 12.920  2.919   -4.031  1.00 0.00 ? 815 ILE A HD11 1 
ATOM 1641 H HD12 . ILE A 1 101 ? 13.483  4.534   -4.463  1.00 0.00 ? 815 ILE A HD12 1 
ATOM 1642 H HD13 . ILE A 1 101 ? 13.904  3.153   -5.475  1.00 0.00 ? 815 ILE A HD13 1 
ATOM 1643 N N    . LEU A 1 102 ? 8.169   1.968   -4.345  1.00 0.00 ? 816 LEU A N    1 
ATOM 1644 C CA   . LEU A 1 102 ? 7.168   0.973   -3.878  1.00 0.00 ? 816 LEU A CA   1 
ATOM 1645 C C    . LEU A 1 102 ? 5.870   1.082   -4.679  1.00 0.00 ? 816 LEU A C    1 
ATOM 1646 O O    . LEU A 1 102 ? 5.334   0.097   -5.144  1.00 0.00 ? 816 LEU A O    1 
ATOM 1647 C CB   . LEU A 1 102 ? 6.930   1.334   -2.414  1.00 0.00 ? 816 LEU A CB   1 
ATOM 1648 C CG   . LEU A 1 102 ? 6.340   0.125   -1.702  1.00 0.00 ? 816 LEU A CG   1 
ATOM 1649 C CD1  . LEU A 1 102 ? 7.341   -1.031  -1.747  1.00 0.00 ? 816 LEU A CD1  1 
ATOM 1650 C CD2  . LEU A 1 102 ? 6.029   0.477   -0.248  1.00 0.00 ? 816 LEU A CD2  1 
ATOM 1651 H H    . LEU A 1 102 ? 8.668   2.499   -3.691  1.00 0.00 ? 816 LEU A H    1 
ATOM 1652 H HA   . LEU A 1 102 ? 7.571   -0.026  -3.954  1.00 0.00 ? 816 LEU A HA   1 
ATOM 1653 H HB2  . LEU A 1 102 ? 7.866   1.608   -1.950  1.00 0.00 ? 816 LEU A HB2  1 
ATOM 1654 H HB3  . LEU A 1 102 ? 6.240   2.163   -2.353  1.00 0.00 ? 816 LEU A HB3  1 
ATOM 1655 H HG   . LEU A 1 102 ? 5.436   -0.166  -2.204  1.00 0.00 ? 816 LEU A HG   1 
ATOM 1656 H HD11 . LEU A 1 102 ? 7.594   -1.326  -0.742  1.00 0.00 ? 816 LEU A HD11 1 
ATOM 1657 H HD12 . LEU A 1 102 ? 8.236   -0.714  -2.264  1.00 0.00 ? 816 LEU A HD12 1 
ATOM 1658 H HD13 . LEU A 1 102 ? 6.902   -1.868  -2.270  1.00 0.00 ? 816 LEU A HD13 1 
ATOM 1659 H HD21 . LEU A 1 102 ? 6.843   1.054   0.165   1.00 0.00 ? 816 LEU A HD21 1 
ATOM 1660 H HD22 . LEU A 1 102 ? 5.905   -0.431  0.324   1.00 0.00 ? 816 LEU A HD22 1 
ATOM 1661 H HD23 . LEU A 1 102 ? 5.119   1.056   -0.203  1.00 0.00 ? 816 LEU A HD23 1 
ATOM 1662 N N    . GLU A 1 103 ? 5.369   2.273   -4.865  1.00 0.00 ? 817 GLU A N    1 
ATOM 1663 C CA   . GLU A 1 103 ? 4.128   2.434   -5.672  1.00 0.00 ? 817 GLU A CA   1 
ATOM 1664 C C    . GLU A 1 103 ? 4.330   1.803   -7.048  1.00 0.00 ? 817 GLU A C    1 
ATOM 1665 O O    . GLU A 1 103 ? 3.529   1.013   -7.508  1.00 0.00 ? 817 GLU A O    1 
ATOM 1666 C CB   . GLU A 1 103 ? 3.937   3.944   -5.794  1.00 0.00 ? 817 GLU A CB   1 
ATOM 1667 C CG   . GLU A 1 103 ? 2.693   4.237   -6.634  1.00 0.00 ? 817 GLU A CG   1 
ATOM 1668 C CD   . GLU A 1 103 ? 2.315   5.712   -6.487  1.00 0.00 ? 817 GLU A CD   1 
ATOM 1669 O OE1  . GLU A 1 103 ? 3.018   6.541   -7.039  1.00 0.00 ? 817 GLU A OE1  1 
ATOM 1670 O OE2  . GLU A 1 103 ? 1.324   5.986   -5.829  1.00 0.00 ? 817 GLU A OE2  1 
ATOM 1671 H H    . GLU A 1 103 ? 5.823   3.060   -4.498  1.00 0.00 ? 817 GLU A H    1 
ATOM 1672 H HA   . GLU A 1 103 ? 3.286   1.984   -5.166  1.00 0.00 ? 817 GLU A HA   1 
ATOM 1673 H HB2  . GLU A 1 103 ? 3.819   4.366   -4.813  1.00 0.00 ? 817 GLU A HB2  1 
ATOM 1674 H HB3  . GLU A 1 103 ? 4.802   4.379   -6.271  1.00 0.00 ? 817 GLU A HB3  1 
ATOM 1675 H HG2  . GLU A 1 103 ? 2.900   4.019   -7.670  1.00 0.00 ? 817 GLU A HG2  1 
ATOM 1676 H HG3  . GLU A 1 103 ? 1.878   3.621   -6.292  1.00 0.00 ? 817 GLU A HG3  1 
ATOM 1677 N N    . LYS A 1 104 ? 5.416   2.127   -7.691  1.00 0.00 ? 818 LYS A N    1 
ATOM 1678 C CA   . LYS A 1 104 ? 5.712   1.519   -9.015  1.00 0.00 ? 818 LYS A CA   1 
ATOM 1679 C C    . LYS A 1 104 ? 5.799   -0.002  -8.865  1.00 0.00 ? 818 LYS A C    1 
ATOM 1680 O O    . LYS A 1 104 ? 5.329   -0.754  -9.702  1.00 0.00 ? 818 LYS A O    1 
ATOM 1681 C CB   . LYS A 1 104 ? 7.073   2.115   -9.400  1.00 0.00 ? 818 LYS A CB   1 
ATOM 1682 C CG   . LYS A 1 104 ? 7.628   1.435   -10.655 1.00 0.00 ? 818 LYS A CG   1 
ATOM 1683 C CD   . LYS A 1 104 ? 9.146   1.289   -10.515 1.00 0.00 ? 818 LYS A CD   1 
ATOM 1684 C CE   . LYS A 1 104 ? 9.520   -0.195  -10.534 1.00 0.00 ? 818 LYS A CE   1 
ATOM 1685 N NZ   . LYS A 1 104 ? 10.666  -0.285  -11.484 1.00 0.00 ? 818 LYS A NZ   1 
ATOM 1686 H H    . LYS A 1 104 ? 6.055   2.748   -7.285  1.00 0.00 ? 818 LYS A H    1 
ATOM 1687 H HA   . LYS A 1 104 ? 4.957   1.790   -9.738  1.00 0.00 ? 818 LYS A HA   1 
ATOM 1688 H HB2  . LYS A 1 104 ? 6.956   3.172   -9.591  1.00 0.00 ? 818 LYS A HB2  1 
ATOM 1689 H HB3  . LYS A 1 104 ? 7.767   1.976   -8.585  1.00 0.00 ? 818 LYS A HB3  1 
ATOM 1690 H HG2  . LYS A 1 104 ? 7.182   0.461   -10.774 1.00 0.00 ? 818 LYS A HG2  1 
ATOM 1691 H HG3  . LYS A 1 104 ? 7.406   2.041   -11.518 1.00 0.00 ? 818 LYS A HG3  1 
ATOM 1692 H HD2  . LYS A 1 104 ? 9.633   1.795   -11.335 1.00 0.00 ? 818 LYS A HD2  1 
ATOM 1693 H HD3  . LYS A 1 104 ? 9.465   1.729   -9.579  1.00 0.00 ? 818 LYS A HD3  1 
ATOM 1694 H HE2  . LYS A 1 104 ? 9.823   -0.519  -9.550  1.00 0.00 ? 818 LYS A HE2  1 
ATOM 1695 H HE3  . LYS A 1 104 ? 8.691   -0.788  -10.889 1.00 0.00 ? 818 LYS A HE3  1 
ATOM 1696 H HZ1  . LYS A 1 104 ? 10.939  -1.281  -11.605 1.00 0.00 ? 818 LYS A HZ1  1 
ATOM 1697 H HZ2  . LYS A 1 104 ? 11.472  0.252   -11.106 1.00 0.00 ? 818 LYS A HZ2  1 
ATOM 1698 H HZ3  . LYS A 1 104 ? 10.385  0.112   -12.403 1.00 0.00 ? 818 LYS A HZ3  1 
ATOM 1699 N N    . PHE A 1 105 ? 6.380   -0.459  -7.788  1.00 0.00 ? 819 PHE A N    1 
ATOM 1700 C CA   . PHE A 1 105 ? 6.472   -1.929  -7.565  1.00 0.00 ? 819 PHE A CA   1 
ATOM 1701 C C    . PHE A 1 105 ? 5.075   -2.496  -7.331  1.00 0.00 ? 819 PHE A C    1 
ATOM 1702 O O    . PHE A 1 105 ? 4.761   -3.599  -7.731  1.00 0.00 ? 819 PHE A O    1 
ATOM 1703 C CB   . PHE A 1 105 ? 7.335   -2.095  -6.313  1.00 0.00 ? 819 PHE A CB   1 
ATOM 1704 C CG   . PHE A 1 105 ? 7.622   -3.562  -6.097  1.00 0.00 ? 819 PHE A CG   1 
ATOM 1705 C CD1  . PHE A 1 105 ? 8.668   -4.181  -6.794  1.00 0.00 ? 819 PHE A CD1  1 
ATOM 1706 C CD2  . PHE A 1 105 ? 6.836   -4.306  -5.209  1.00 0.00 ? 819 PHE A CD2  1 
ATOM 1707 C CE1  . PHE A 1 105 ? 8.930   -5.542  -6.595  1.00 0.00 ? 819 PHE A CE1  1 
ATOM 1708 C CE2  . PHE A 1 105 ? 7.099   -5.666  -5.011  1.00 0.00 ? 819 PHE A CE2  1 
ATOM 1709 C CZ   . PHE A 1 105 ? 8.146   -6.285  -5.704  1.00 0.00 ? 819 PHE A CZ   1 
ATOM 1710 H H    . PHE A 1 105 ? 6.725   0.166   -7.113  1.00 0.00 ? 819 PHE A H    1 
ATOM 1711 H HA   . PHE A 1 105 ? 6.937   -2.410  -8.412  1.00 0.00 ? 819 PHE A HA   1 
ATOM 1712 H HB2  . PHE A 1 105 ? 8.265   -1.562  -6.442  1.00 0.00 ? 819 PHE A HB2  1 
ATOM 1713 H HB3  . PHE A 1 105 ? 6.810   -1.702  -5.456  1.00 0.00 ? 819 PHE A HB3  1 
ATOM 1714 H HD1  . PHE A 1 105 ? 9.272   -3.609  -7.480  1.00 0.00 ? 819 PHE A HD1  1 
ATOM 1715 H HD2  . PHE A 1 105 ? 6.028   -3.828  -4.674  1.00 0.00 ? 819 PHE A HD2  1 
ATOM 1716 H HE1  . PHE A 1 105 ? 9.738   -6.020  -7.130  1.00 0.00 ? 819 PHE A HE1  1 
ATOM 1717 H HE2  . PHE A 1 105 ? 6.494   -6.240  -4.324  1.00 0.00 ? 819 PHE A HE2  1 
ATOM 1718 H HZ   . PHE A 1 105 ? 8.349   -7.334  -5.552  1.00 0.00 ? 819 PHE A HZ   1 
ATOM 1719 N N    . PHE A 1 106 ? 4.227   -1.738  -6.696  1.00 0.00 ? 820 PHE A N    1 
ATOM 1720 C CA   . PHE A 1 106 ? 2.843   -2.217  -6.461  1.00 0.00 ? 820 PHE A CA   1 
ATOM 1721 C C    . PHE A 1 106 ? 2.130   -2.400  -7.795  1.00 0.00 ? 820 PHE A C    1 
ATOM 1722 O O    . PHE A 1 106 ? 1.632   -3.462  -8.097  1.00 0.00 ? 820 PHE A O    1 
ATOM 1723 C CB   . PHE A 1 106 ? 2.177   -1.109  -5.651  1.00 0.00 ? 820 PHE A CB   1 
ATOM 1724 C CG   . PHE A 1 106 ? 0.764   -1.512  -5.311  1.00 0.00 ? 820 PHE A CG   1 
ATOM 1725 C CD1  . PHE A 1 106 ? 0.518   -2.733  -4.671  1.00 0.00 ? 820 PHE A CD1  1 
ATOM 1726 C CD2  . PHE A 1 106 ? -0.301  -0.657  -5.621  1.00 0.00 ? 820 PHE A CD2  1 
ATOM 1727 C CE1  . PHE A 1 106 ? -0.794  -3.099  -4.342  1.00 0.00 ? 820 PHE A CE1  1 
ATOM 1728 C CE2  . PHE A 1 106 ? -1.612  -1.024  -5.294  1.00 0.00 ? 820 PHE A CE2  1 
ATOM 1729 C CZ   . PHE A 1 106 ? -1.856  -2.239  -4.642  1.00 0.00 ? 820 PHE A CZ   1 
ATOM 1730 H H    . PHE A 1 106 ? 4.495   -0.846  -6.396  1.00 0.00 ? 820 PHE A H    1 
ATOM 1731 H HA   . PHE A 1 106 ? 2.850   -3.142  -5.903  1.00 0.00 ? 820 PHE A HA   1 
ATOM 1732 H HB2  . PHE A 1 106 ? 2.733   -0.944  -4.740  1.00 0.00 ? 820 PHE A HB2  1 
ATOM 1733 H HB3  . PHE A 1 106 ? 2.161   -0.198  -6.232  1.00 0.00 ? 820 PHE A HB3  1 
ATOM 1734 H HD1  . PHE A 1 106 ? 1.340   -3.390  -4.426  1.00 0.00 ? 820 PHE A HD1  1 
ATOM 1735 H HD2  . PHE A 1 106 ? -0.111  0.287   -6.112  1.00 0.00 ? 820 PHE A HD2  1 
ATOM 1736 H HE1  . PHE A 1 106 ? -0.985  -4.038  -3.846  1.00 0.00 ? 820 PHE A HE1  1 
ATOM 1737 H HE2  . PHE A 1 106 ? -2.432  -0.364  -5.532  1.00 0.00 ? 820 PHE A HE2  1 
ATOM 1738 H HZ   . PHE A 1 106 ? -2.869  -2.527  -4.401  1.00 0.00 ? 820 PHE A HZ   1 
ATOM 1739 N N    . PHE A 1 107 ? 2.108   -1.379  -8.615  1.00 0.00 ? 821 PHE A N    1 
ATOM 1740 C CA   . PHE A 1 107 ? 1.445   -1.495  -9.946  1.00 0.00 ? 821 PHE A CA   1 
ATOM 1741 C C    . PHE A 1 107 ? 1.918   -2.760  -10.658 1.00 0.00 ? 821 PHE A C    1 
ATOM 1742 O O    . PHE A 1 107 ? 1.127   -3.546  -11.141 1.00 0.00 ? 821 PHE A O    1 
ATOM 1743 C CB   . PHE A 1 107 ? 1.895   -0.253  -10.715 1.00 0.00 ? 821 PHE A CB   1 
ATOM 1744 C CG   . PHE A 1 107 ? 0.731   0.696   -10.875 1.00 0.00 ? 821 PHE A CG   1 
ATOM 1745 C CD1  . PHE A 1 107 ? 0.111   1.237   -9.743  1.00 0.00 ? 821 PHE A CD1  1 
ATOM 1746 C CD2  . PHE A 1 107 ? 0.282   1.045   -12.154 1.00 0.00 ? 821 PHE A CD2  1 
ATOM 1747 C CE1  . PHE A 1 107 ? -0.966  2.120   -9.890  1.00 0.00 ? 821 PHE A CE1  1 
ATOM 1748 C CE2  . PHE A 1 107 ? -0.796  1.927   -12.302 1.00 0.00 ? 821 PHE A CE2  1 
ATOM 1749 C CZ   . PHE A 1 107 ? -1.420  2.465   -11.169 1.00 0.00 ? 821 PHE A CZ   1 
ATOM 1750 H H    . PHE A 1 107 ? 2.534   -0.538  -8.355  1.00 0.00 ? 821 PHE A H    1 
ATOM 1751 H HA   . PHE A 1 107 ? 0.370   -1.502  -9.834  1.00 0.00 ? 821 PHE A HA   1 
ATOM 1752 H HB2  . PHE A 1 107 ? 2.684   0.236   -10.170 1.00 0.00 ? 821 PHE A HB2  1 
ATOM 1753 H HB3  . PHE A 1 107 ? 2.258   -0.545  -11.690 1.00 0.00 ? 821 PHE A HB3  1 
ATOM 1754 H HD1  . PHE A 1 107 ? 0.461   0.972   -8.757  1.00 0.00 ? 821 PHE A HD1  1 
ATOM 1755 H HD2  . PHE A 1 107 ? 0.762   0.628   -13.028 1.00 0.00 ? 821 PHE A HD2  1 
ATOM 1756 H HE1  . PHE A 1 107 ? -1.447  2.535   -9.017  1.00 0.00 ? 821 PHE A HE1  1 
ATOM 1757 H HE2  . PHE A 1 107 ? -1.146  2.193   -13.288 1.00 0.00 ? 821 PHE A HE2  1 
ATOM 1758 H HZ   . PHE A 1 107 ? -2.250  3.146   -11.282 1.00 0.00 ? 821 PHE A HZ   1 
ATOM 1759 N N    . SER A 1 108 ? 3.204   -2.986  -10.692 1.00 0.00 ? 822 SER A N    1 
ATOM 1760 C CA   . SER A 1 108 ? 3.710   -4.228  -11.336 1.00 0.00 ? 822 SER A CA   1 
ATOM 1761 C C    . SER A 1 108 ? 3.076   -5.445  -10.660 1.00 0.00 ? 822 SER A C    1 
ATOM 1762 O O    . SER A 1 108 ? 2.774   -6.436  -11.296 1.00 0.00 ? 822 SER A O    1 
ATOM 1763 C CB   . SER A 1 108 ? 5.229   -4.226  -11.119 1.00 0.00 ? 822 SER A CB   1 
ATOM 1764 O OG   . SER A 1 108 ? 5.562   -3.411  -10.003 1.00 0.00 ? 822 SER A OG   1 
ATOM 1765 H H    . SER A 1 108 ? 3.830   -2.350  -10.280 1.00 0.00 ? 822 SER A H    1 
ATOM 1766 H HA   . SER A 1 108 ? 3.480   -4.222  -12.390 1.00 0.00 ? 822 SER A HA   1 
ATOM 1767 H HB2  . SER A 1 108 ? 5.565   -5.237  -10.936 1.00 0.00 ? 822 SER A HB2  1 
ATOM 1768 H HB3  . SER A 1 108 ? 5.717   -3.841  -12.002 1.00 0.00 ? 822 SER A HB3  1 
ATOM 1769 H HG   . SER A 1 108 ? 6.349   -2.909  -10.227 1.00 0.00 ? 822 SER A HG   1 
ATOM 1770 N N    . LYS A 1 109 ? 2.853   -5.368  -9.376  1.00 0.00 ? 823 LYS A N    1 
ATOM 1771 C CA   . LYS A 1 109 ? 2.225   -6.512  -8.659  1.00 0.00 ? 823 LYS A CA   1 
ATOM 1772 C C    . LYS A 1 109 ? 0.707   -6.505  -8.862  1.00 0.00 ? 823 LYS A C    1 
ATOM 1773 O O    . LYS A 1 109 ? 0.069   -7.539  -8.863  1.00 0.00 ? 823 LYS A O    1 
ATOM 1774 C CB   . LYS A 1 109 ? 2.575   -6.294  -7.186  1.00 0.00 ? 823 LYS A CB   1 
ATOM 1775 C CG   . LYS A 1 109 ? 4.076   -6.519  -6.978  1.00 0.00 ? 823 LYS A CG   1 
ATOM 1776 C CD   . LYS A 1 109 ? 4.475   -7.900  -7.510  1.00 0.00 ? 823 LYS A CD   1 
ATOM 1777 C CE   . LYS A 1 109 ? 5.855   -8.268  -6.979  1.00 0.00 ? 823 LYS A CE   1 
ATOM 1778 N NZ   . LYS A 1 109 ? 5.784   -9.731  -6.708  1.00 0.00 ? 823 LYS A NZ   1 
ATOM 1779 H H    . LYS A 1 109 ? 3.102   -4.557  -8.883  1.00 0.00 ? 823 LYS A H    1 
ATOM 1780 H HA   . LYS A 1 109 ? 2.647   -7.446  -9.003  1.00 0.00 ? 823 LYS A HA   1 
ATOM 1781 H HB2  . LYS A 1 109 ? 2.318   -5.284  -6.902  1.00 0.00 ? 823 LYS A HB2  1 
ATOM 1782 H HB3  . LYS A 1 109 ? 2.018   -6.992  -6.579  1.00 0.00 ? 823 LYS A HB3  1 
ATOM 1783 H HG2  . LYS A 1 109 ? 4.630   -5.759  -7.508  1.00 0.00 ? 823 LYS A HG2  1 
ATOM 1784 H HG3  . LYS A 1 109 ? 4.305   -6.460  -5.924  1.00 0.00 ? 823 LYS A HG3  1 
ATOM 1785 H HD2  . LYS A 1 109 ? 3.752   -8.633  -7.186  1.00 0.00 ? 823 LYS A HD2  1 
ATOM 1786 H HD3  . LYS A 1 109 ? 4.501   -7.874  -8.589  1.00 0.00 ? 823 LYS A HD3  1 
ATOM 1787 H HE2  . LYS A 1 109 ? 6.611   -8.057  -7.721  1.00 0.00 ? 823 LYS A HE2  1 
ATOM 1788 H HE3  . LYS A 1 109 ? 6.056   -7.724  -6.071  1.00 0.00 ? 823 LYS A HE3  1 
ATOM 1789 H HZ1  . LYS A 1 109 ? 6.656   -10.037 -6.232  1.00 0.00 ? 823 LYS A HZ1  1 
ATOM 1790 H HZ2  . LYS A 1 109 ? 5.680   -10.244 -7.606  1.00 0.00 ? 823 LYS A HZ2  1 
ATOM 1791 H HZ3  . LYS A 1 109 ? 4.967   -9.932  -6.097  1.00 0.00 ? 823 LYS A HZ3  1 
ATOM 1792 N N    . ILE A 1 110 ? 0.120   -5.350  -9.026  1.00 0.00 ? 824 ILE A N    1 
ATOM 1793 C CA   . ILE A 1 110 ? -1.351  -5.292  -9.253  1.00 0.00 ? 824 ILE A CA   1 
ATOM 1794 C C    . ILE A 1 110 ? -1.703  -6.107  -10.488 1.00 0.00 ? 824 ILE A C    1 
ATOM 1795 O O    . ILE A 1 110 ? -2.606  -6.916  -10.482 1.00 0.00 ? 824 ILE A O    1 
ATOM 1796 C CB   . ILE A 1 110 ? -1.663  -3.814  -9.505  1.00 0.00 ? 824 ILE A CB   1 
ATOM 1797 C CG1  . ILE A 1 110 ? -1.479  -3.022  -8.210  1.00 0.00 ? 824 ILE A CG1  1 
ATOM 1798 C CG2  . ILE A 1 110 ? -3.106  -3.668  -10.003 1.00 0.00 ? 824 ILE A CG2  1 
ATOM 1799 C CD1  . ILE A 1 110 ? -2.527  -3.452  -7.181  1.00 0.00 ? 824 ILE A CD1  1 
ATOM 1800 H H    . ILE A 1 110 ? 0.649   -4.529  -9.040  1.00 0.00 ? 824 ILE A H    1 
ATOM 1801 H HA   . ILE A 1 110 ? -1.886  -5.655  -8.388  1.00 0.00 ? 824 ILE A HA   1 
ATOM 1802 H HB   . ILE A 1 110 ? -0.991  -3.429  -10.254 1.00 0.00 ? 824 ILE A HB   1 
ATOM 1803 H HG12 . ILE A 1 110 ? -0.495  -3.209  -7.811  1.00 0.00 ? 824 ILE A HG12 1 
ATOM 1804 H HG13 . ILE A 1 110 ? -1.585  -1.972  -8.421  1.00 0.00 ? 824 ILE A HG13 1 
ATOM 1805 H HG21 . ILE A 1 110 ? -3.595  -2.876  -9.459  1.00 0.00 ? 824 ILE A HG21 1 
ATOM 1806 H HG22 . ILE A 1 110 ? -3.631  -4.596  -9.841  1.00 0.00 ? 824 ILE A HG22 1 
ATOM 1807 H HG23 . ILE A 1 110 ? -3.104  -3.440  -11.057 1.00 0.00 ? 824 ILE A HG23 1 
ATOM 1808 H HD11 . ILE A 1 110 ? -3.232  -4.128  -7.641  1.00 0.00 ? 824 ILE A HD11 1 
ATOM 1809 H HD12 . ILE A 1 110 ? -3.047  -2.578  -6.813  1.00 0.00 ? 824 ILE A HD12 1 
ATOM 1810 H HD13 . ILE A 1 110 ? -2.036  -3.948  -6.360  1.00 0.00 ? 824 ILE A HD13 1 
ATOM 1811 N N    . LYS A 1 111 ? -1.012  -5.862  -11.561 1.00 0.00 ? 825 LYS A N    1 
ATOM 1812 C CA   . LYS A 1 111 ? -1.303  -6.594  -12.819 1.00 0.00 ? 825 LYS A CA   1 
ATOM 1813 C C    . LYS A 1 111 ? -1.319  -8.105  -12.566 1.00 0.00 ? 825 LYS A C    1 
ATOM 1814 O O    . LYS A 1 111 ? -1.940  -8.855  -13.292 1.00 0.00 ? 825 LYS A O    1 
ATOM 1815 C CB   . LYS A 1 111 ? -0.175  -6.193  -13.760 1.00 0.00 ? 825 LYS A CB   1 
ATOM 1816 C CG   . LYS A 1 111 ? -0.225  -7.039  -15.035 1.00 0.00 ? 825 LYS A CG   1 
ATOM 1817 C CD   . LYS A 1 111 ? -1.512  -6.726  -15.803 1.00 0.00 ? 825 LYS A CD   1 
ATOM 1818 C CE   . LYS A 1 111 ? -2.262  -8.026  -16.099 1.00 0.00 ? 825 LYS A CE   1 
ATOM 1819 N NZ   . LYS A 1 111 ? -3.134  -7.706  -17.265 1.00 0.00 ? 825 LYS A NZ   1 
ATOM 1820 H H    . LYS A 1 111 ? -0.300  -5.187  -11.538 1.00 0.00 ? 825 LYS A H    1 
ATOM 1821 H HA   . LYS A 1 111 ? -2.243  -6.271  -13.219 1.00 0.00 ? 825 LYS A HA   1 
ATOM 1822 H HB2  . LYS A 1 111 ? -0.282  -5.151  -14.017 1.00 0.00 ? 825 LYS A HB2  1 
ATOM 1823 H HB3  . LYS A 1 111 ? 0.760   -6.341  -13.263 1.00 0.00 ? 825 LYS A HB3  1 
ATOM 1824 H HG2  . LYS A 1 111 ? 0.629   -6.808  -15.654 1.00 0.00 ? 825 LYS A HG2  1 
ATOM 1825 H HG3  . LYS A 1 111 ? -0.207  -8.086  -14.773 1.00 0.00 ? 825 LYS A HG3  1 
ATOM 1826 H HD2  . LYS A 1 111 ? -2.137  -6.076  -15.209 1.00 0.00 ? 825 LYS A HD2  1 
ATOM 1827 H HD3  . LYS A 1 111 ? -1.265  -6.233  -16.732 1.00 0.00 ? 825 LYS A HD3  1 
ATOM 1828 H HE2  . LYS A 1 111 ? -1.566  -8.812  -16.355 1.00 0.00 ? 825 LYS A HE2  1 
ATOM 1829 H HE3  . LYS A 1 111 ? -2.861  -8.316  -15.249 1.00 0.00 ? 825 LYS A HE3  1 
ATOM 1830 H HZ1  . LYS A 1 111 ? -3.786  -8.498  -17.438 1.00 0.00 ? 825 LYS A HZ1  1 
ATOM 1831 H HZ2  . LYS A 1 111 ? -2.545  -7.551  -18.107 1.00 0.00 ? 825 LYS A HZ2  1 
ATOM 1832 H HZ3  . LYS A 1 111 ? -3.681  -6.845  -17.062 1.00 0.00 ? 825 LYS A HZ3  1 
ATOM 1833 N N    . GLU A 1 112 ? -0.664  -8.558  -11.528 1.00 0.00 ? 826 GLU A N    1 
ATOM 1834 C CA   . GLU A 1 112 ? -0.707  -10.012 -11.211 1.00 0.00 ? 826 GLU A CA   1 
ATOM 1835 C C    . GLU A 1 112 ? -2.078  -10.363 -10.630 1.00 0.00 ? 826 GLU A C    1 
ATOM 1836 O O    . GLU A 1 112 ? -2.508  -11.499 -10.662 1.00 0.00 ? 826 GLU A O    1 
ATOM 1837 C CB   . GLU A 1 112 ? 0.392   -10.227 -10.168 1.00 0.00 ? 826 GLU A CB   1 
ATOM 1838 C CG   . GLU A 1 112 ? 1.726   -9.715  -10.718 1.00 0.00 ? 826 GLU A CG   1 
ATOM 1839 C CD   . GLU A 1 112 ? 2.133   -10.554 -11.931 1.00 0.00 ? 826 GLU A CD   1 
ATOM 1840 O OE1  . GLU A 1 112 ? 2.140   -11.768 -11.813 1.00 0.00 ? 826 GLU A OE1  1 
ATOM 1841 O OE2  . GLU A 1 112 ? 2.431   -9.966  -12.958 1.00 0.00 ? 826 GLU A OE2  1 
ATOM 1842 H H    . GLU A 1 112 ? -0.193  -7.938  -10.929 1.00 0.00 ? 826 GLU A H    1 
ATOM 1843 H HA   . GLU A 1 112 ? -0.508  -10.597 -12.097 1.00 0.00 ? 826 GLU A HA   1 
ATOM 1844 H HB2  . GLU A 1 112 ? 0.144   -9.687  -9.266  1.00 0.00 ? 826 GLU A HB2  1 
ATOM 1845 H HB3  . GLU A 1 112 ? 0.475   -11.280 -9.946  1.00 0.00 ? 826 GLU A HB3  1 
ATOM 1846 H HG2  . GLU A 1 112 ? 1.622   -8.681  -11.012 1.00 0.00 ? 826 GLU A HG2  1 
ATOM 1847 H HG3  . GLU A 1 112 ? 2.485   -9.797  -9.953  1.00 0.00 ? 826 GLU A HG3  1 
ATOM 1848 N N    . ALA A 1 113 ? -2.775  -9.386  -10.111 1.00 0.00 ? 827 ALA A N    1 
ATOM 1849 C CA   . ALA A 1 113 ? -4.129  -9.640  -9.549  1.00 0.00 ? 827 ALA A CA   1 
ATOM 1850 C C    . ALA A 1 113 ? -5.200  -9.239  -10.565 1.00 0.00 ? 827 ALA A C    1 
ATOM 1851 O O    . ALA A 1 113 ? -6.291  -9.773  -10.578 1.00 0.00 ? 827 ALA A O    1 
ATOM 1852 C CB   . ALA A 1 113 ? -4.212  -8.745  -8.310  1.00 0.00 ? 827 ALA A CB   1 
ATOM 1853 H H    . ALA A 1 113 ? -2.413  -8.474  -10.110 1.00 0.00 ? 827 ALA A H    1 
ATOM 1854 H HA   . ALA A 1 113 ? -4.237  -10.678 -9.273  1.00 0.00 ? 827 ALA A HA   1 
ATOM 1855 H HB1  . ALA A 1 113 ? -5.095  -8.998  -7.741  1.00 0.00 ? 827 ALA A HB1  1 
ATOM 1856 H HB2  . ALA A 1 113 ? -4.266  -7.710  -8.616  1.00 0.00 ? 827 ALA A HB2  1 
ATOM 1857 H HB3  . ALA A 1 113 ? -3.335  -8.894  -7.699  1.00 0.00 ? 827 ALA A HB3  1 
ATOM 1858 N N    . GLY A 1 114 ? -4.893  -8.300  -11.420 1.00 0.00 ? 828 GLY A N    1 
ATOM 1859 C CA   . GLY A 1 114 ? -5.890  -7.859  -12.435 1.00 0.00 ? 828 GLY A CA   1 
ATOM 1860 C C    . GLY A 1 114 ? -6.755  -6.742  -11.849 1.00 0.00 ? 828 GLY A C    1 
ATOM 1861 O O    . GLY A 1 114 ? -7.926  -6.630  -12.152 1.00 0.00 ? 828 GLY A O    1 
ATOM 1862 H H    . GLY A 1 114 ? -4.007  -7.883  -11.391 1.00 0.00 ? 828 GLY A H    1 
ATOM 1863 H HA2  . GLY A 1 114 ? -5.373  -7.494  -13.311 1.00 0.00 ? 828 GLY A HA2  1 
ATOM 1864 H HA3  . GLY A 1 114 ? -6.517  -8.694  -12.710 1.00 0.00 ? 828 GLY A HA3  1 
ATOM 1865 N N    . LEU A 1 115 ? -6.192  -5.915  -11.009 1.00 0.00 ? 829 LEU A N    1 
ATOM 1866 C CA   . LEU A 1 115 ? -6.995  -4.816  -10.403 1.00 0.00 ? 829 LEU A CA   1 
ATOM 1867 C C    . LEU A 1 115 ? -6.893  -3.542  -11.249 1.00 0.00 ? 829 LEU A C    1 
ATOM 1868 O O    . LEU A 1 115 ? -7.849  -2.807  -11.394 1.00 0.00 ? 829 LEU A O    1 
ATOM 1869 C CB   . LEU A 1 115 ? -6.400  -4.606  -9.008  1.00 0.00 ? 829 LEU A CB   1 
ATOM 1870 C CG   . LEU A 1 115 ? -6.535  -5.875  -8.126  1.00 0.00 ? 829 LEU A CG   1 
ATOM 1871 C CD1  . LEU A 1 115 ? -6.934  -5.447  -6.719  1.00 0.00 ? 829 LEU A CD1  1 
ATOM 1872 C CD2  . LEU A 1 115 ? -7.599  -6.859  -8.644  1.00 0.00 ? 829 LEU A CD2  1 
ATOM 1873 H H    . LEU A 1 115 ? -5.247  -6.022  -10.773 1.00 0.00 ? 829 LEU A H    1 
ATOM 1874 H HA   . LEU A 1 115 ? -8.020  -5.121  -10.304 1.00 0.00 ? 829 LEU A HA   1 
ATOM 1875 H HB2  . LEU A 1 115 ? -5.353  -4.351  -9.104  1.00 0.00 ? 829 LEU A HB2  1 
ATOM 1876 H HB3  . LEU A 1 115 ? -6.916  -3.788  -8.527  1.00 0.00 ? 829 LEU A HB3  1 
ATOM 1877 H HG   . LEU A 1 115 ? -5.585  -6.376  -8.091  1.00 0.00 ? 829 LEU A HG   1 
ATOM 1878 H HD11 . LEU A 1 115 ? -7.416  -4.482  -6.764  1.00 0.00 ? 829 LEU A HD11 1 
ATOM 1879 H HD12 . LEU A 1 115 ? -6.056  -5.384  -6.101  1.00 0.00 ? 829 LEU A HD12 1 
ATOM 1880 H HD13 . LEU A 1 115 ? -7.617  -6.172  -6.302  1.00 0.00 ? 829 LEU A HD13 1 
ATOM 1881 H HD21 . LEU A 1 115 ? -8.510  -6.323  -8.859  1.00 0.00 ? 829 LEU A HD21 1 
ATOM 1882 H HD22 . LEU A 1 115 ? -7.790  -7.607  -7.889  1.00 0.00 ? 829 LEU A HD22 1 
ATOM 1883 H HD23 . LEU A 1 115 ? -7.239  -7.337  -9.542  1.00 0.00 ? 829 LEU A HD23 1 
ATOM 1884 N N    . ILE A 1 116 ? -5.749  -3.284  -11.826 1.00 0.00 ? 830 ILE A N    1 
ATOM 1885 C CA   . ILE A 1 116 ? -5.605  -2.074  -12.688 1.00 0.00 ? 830 ILE A CA   1 
ATOM 1886 C C    . ILE A 1 116 ? -6.294  -2.320  -14.041 1.00 0.00 ? 830 ILE A C    1 
ATOM 1887 O O    . ILE A 1 116 ? -6.616  -1.394  -14.759 1.00 0.00 ? 830 ILE A O    1 
ATOM 1888 C CB   . ILE A 1 116 ? -4.080  -1.880  -12.844 1.00 0.00 ? 830 ILE A CB   1 
ATOM 1889 C CG1  . ILE A 1 116 ? -3.546  -1.126  -11.625 1.00 0.00 ? 830 ILE A CG1  1 
ATOM 1890 C CG2  . ILE A 1 116 ? -3.750  -1.066  -14.103 1.00 0.00 ? 830 ILE A CG2  1 
ATOM 1891 C CD1  . ILE A 1 116 ? -2.031  -1.329  -11.520 1.00 0.00 ? 830 ILE A CD1  1 
ATOM 1892 H H    . ILE A 1 116 ? -4.992  -3.895  -11.710 1.00 0.00 ? 830 ILE A H    1 
ATOM 1893 H HA   . ILE A 1 116 ? -6.040  -1.215  -12.198 1.00 0.00 ? 830 ILE A HA   1 
ATOM 1894 H HB   . ILE A 1 116 ? -3.601  -2.847  -12.906 1.00 0.00 ? 830 ILE A HB   1 
ATOM 1895 H HG12 . ILE A 1 116 ? -3.760  -0.074  -11.733 1.00 0.00 ? 830 ILE A HG12 1 
ATOM 1896 H HG13 . ILE A 1 116 ? -4.023  -1.500  -10.733 1.00 0.00 ? 830 ILE A HG13 1 
ATOM 1897 H HG21 . ILE A 1 116 ? -4.431  -0.232  -14.181 1.00 0.00 ? 830 ILE A HG21 1 
ATOM 1898 H HG22 . ILE A 1 116 ? -3.850  -1.696  -14.975 1.00 0.00 ? 830 ILE A HG22 1 
ATOM 1899 H HG23 . ILE A 1 116 ? -2.736  -0.700  -14.039 1.00 0.00 ? 830 ILE A HG23 1 
ATOM 1900 H HD11 . ILE A 1 116 ? -1.771  -2.307  -11.902 1.00 0.00 ? 830 ILE A HD11 1 
ATOM 1901 H HD12 . ILE A 1 116 ? -1.730  -1.254  -10.486 1.00 0.00 ? 830 ILE A HD12 1 
ATOM 1902 H HD13 . ILE A 1 116 ? -1.527  -0.573  -12.100 1.00 0.00 ? 830 ILE A HD13 1 
ATOM 1903 N N    . ASP A 1 117 ? -6.524  -3.557  -14.392 1.00 0.00 ? 831 ASP A N    1 
ATOM 1904 C CA   . ASP A 1 117 ? -7.187  -3.855  -15.694 1.00 0.00 ? 831 ASP A CA   1 
ATOM 1905 C C    . ASP A 1 117 ? -8.471  -3.033  -15.843 1.00 0.00 ? 831 ASP A C    1 
ATOM 1906 O O    . ASP A 1 117 ? -8.904  -2.369  -14.921 1.00 0.00 ? 831 ASP A O    1 
ATOM 1907 C CB   . ASP A 1 117 ? -7.516  -5.347  -15.633 1.00 0.00 ? 831 ASP A CB   1 
ATOM 1908 C CG   . ASP A 1 117 ? -7.607  -5.910  -17.053 1.00 0.00 ? 831 ASP A CG   1 
ATOM 1909 O OD1  . ASP A 1 117 ? -8.362  -5.363  -17.839 1.00 0.00 ? 831 ASP A OD1  1 
ATOM 1910 O OD2  . ASP A 1 117 ? -6.922  -6.881  -17.328 1.00 0.00 ? 831 ASP A OD2  1 
ATOM 1911 H H    . ASP A 1 117 ? -6.256  -4.292  -13.802 1.00 0.00 ? 831 ASP A H    1 
ATOM 1912 H HA   . ASP A 1 117 ? -6.513  -3.651  -16.514 1.00 0.00 ? 831 ASP A HA   1 
ATOM 1913 H HB2  . ASP A 1 117 ? -6.739  -5.865  -15.090 1.00 0.00 ? 831 ASP A HB2  1 
ATOM 1914 H HB3  . ASP A 1 117 ? -8.461  -5.487  -15.129 1.00 0.00 ? 831 ASP A HB3  1 
ATOM 1915 N N    . LYS A 1 118 ? -9.081  -3.070  -16.995 1.00 0.00 ? 832 LYS A N    1 
ATOM 1916 C CA   . LYS A 1 118 ? -10.335 -2.292  -17.199 1.00 0.00 ? 832 LYS A CA   1 
ATOM 1917 C C    . LYS A 1 118 ? -11.523 -3.022  -16.568 1.00 0.00 ? 832 LYS A C    1 
ATOM 1918 O O    . LYS A 1 118 ? -12.496 -3.249  -17.268 1.00 0.00 ? 832 LYS A O    1 
ATOM 1919 C CB   . LYS A 1 118 ? -10.504 -2.209  -18.718 1.00 0.00 ? 832 LYS A CB   1 
ATOM 1920 C CG   . LYS A 1 118 ? -9.893  -0.903  -19.230 1.00 0.00 ? 832 LYS A CG   1 
ATOM 1921 C CD   . LYS A 1 118 ? -10.469 -0.576  -20.610 1.00 0.00 ? 832 LYS A CD   1 
ATOM 1922 C CE   . LYS A 1 118 ? -11.826 0.111   -20.445 1.00 0.00 ? 832 LYS A CE   1 
ATOM 1923 N NZ   . LYS A 1 118 ? -12.179 0.593   -21.811 1.00 0.00 ? 832 LYS A NZ   1 
ATOM 1924 O OXT  . LYS A 1 118 ? -11.438 -3.343  -15.393 1.00 0.00 ? 832 LYS A OXT  1 
ATOM 1925 H H    . LYS A 1 118 ? -8.715  -3.611  -17.726 1.00 0.00 ? 832 LYS A H    1 
ATOM 1926 H HA   . LYS A 1 118 ? -10.235 -1.302  -16.779 1.00 0.00 ? 832 LYS A HA   1 
ATOM 1927 H HB2  . LYS A 1 118 ? -10.002 -3.047  -19.181 1.00 0.00 ? 832 LYS A HB2  1 
ATOM 1928 H HB3  . LYS A 1 118 ? -11.554 -2.237  -18.966 1.00 0.00 ? 832 LYS A HB3  1 
ATOM 1929 H HG2  . LYS A 1 118 ? -10.128 -0.103  -18.544 1.00 0.00 ? 832 LYS A HG2  1 
ATOM 1930 H HG3  . LYS A 1 118 ? -8.821  -1.011  -19.304 1.00 0.00 ? 832 LYS A HG3  1 
ATOM 1931 H HD2  . LYS A 1 118 ? -9.793  0.083   -21.134 1.00 0.00 ? 832 LYS A HD2  1 
ATOM 1932 H HD3  . LYS A 1 118 ? -10.592 -1.488  -21.174 1.00 0.00 ? 832 LYS A HD3  1 
ATOM 1933 H HE2  . LYS A 1 118 ? -12.564 -0.595  -20.094 1.00 0.00 ? 832 LYS A HE2  1 
ATOM 1934 H HE3  . LYS A 1 118 ? -11.746 0.943   -19.762 1.00 0.00 ? 832 LYS A HE3  1 
ATOM 1935 H HZ1  . LYS A 1 118 ? -13.102 1.071   -21.782 1.00 0.00 ? 832 LYS A HZ1  1 
ATOM 1936 H HZ2  . LYS A 1 118 ? -12.227 -0.216  -22.463 1.00 0.00 ? 832 LYS A HZ2  1 
ATOM 1937 H HZ3  . LYS A 1 118 ? -11.454 1.261   -22.141 1.00 0.00 ? 832 LYS A HZ3  1 
# 
